data_4UMA
#
_entry.id   4UMA
#
_cell.length_a   73.495
_cell.length_b   136.501
_cell.length_c   76.157
_cell.angle_alpha   90.00
_cell.angle_beta   96.41
_cell.angle_gamma   90.00
#
_symmetry.space_group_name_H-M   'P 1 21 1'
#
loop_
_entity.id
_entity.type
_entity.pdbx_description
1 polymer 'PHOSPHO-2-DEHYDRO-3-DEOXYHEPTONATE ALDOLASE'
2 non-polymer 'MANGANESE (II) ION'
3 non-polymer (E)-2-METHYL-3-PHOSPHONOACRYLATE
4 water water
#
_entity_poly.entity_id   1
_entity_poly.type   'polypeptide(L)'
_entity_poly.pdbx_seq_one_letter_code
;MTHHYPTDDIKIKEVKELLPPIAHLYELPISKEASGLVHRTRQEISDLVHGRDKRLLVIIGPCSIHDPKAALEYAERLLK
LRKQYENELLIVMRVYFEKPRTTVGWKGLINDPHLDGTFDINFGLRQARSLLLSLNNMGMPASTEFLDMITPQYYADLIS
WGAIGARTTESQVHRELASGLSCPVGFKNGTDGNLKIAIDAIGAASHSHHFLSVTKAGHSAIVHTGGNPDCHVILRGGKE
PNYDAEHVSEAAEQLRAAGVTDKLMIDCSHANSRKDYTRQMEVAQDIAAQLEQDGGNIMGVMVESHLVEGRQDKPEVYGK
SITDACIGWGATEELLALLAGANKKRMARAS
;
_entity_poly.pdbx_strand_id   A,B,C,D
#
loop_
_chem_comp.id
_chem_comp.type
_chem_comp.name
_chem_comp.formula
GZ3 non-polymer (E)-2-METHYL-3-PHOSPHONOACRYLATE 'C4 H7 O5 P'
MN non-polymer 'MANGANESE (II) ION' 'Mn 2'
#
# COMPACT_ATOMS: atom_id res chain seq x y z
N GLU A 17 -4.62 12.12 4.68
CA GLU A 17 -4.02 10.99 3.90
C GLU A 17 -4.55 10.95 2.46
N LEU A 18 -3.70 10.69 1.47
CA LEU A 18 -4.13 10.62 0.05
C LEU A 18 -5.00 9.41 -0.28
N LEU A 19 -6.20 9.65 -0.78
CA LEU A 19 -7.06 8.55 -1.22
C LEU A 19 -6.54 8.02 -2.56
N PRO A 20 -6.56 6.71 -2.74
CA PRO A 20 -6.05 6.13 -3.98
C PRO A 20 -7.06 6.32 -5.08
N PRO A 21 -6.65 6.21 -6.34
CA PRO A 21 -7.62 6.32 -7.45
C PRO A 21 -8.88 5.46 -7.30
N ILE A 22 -8.75 4.23 -6.84
CA ILE A 22 -9.93 3.35 -6.69
C ILE A 22 -11.05 3.95 -5.84
N ALA A 23 -10.74 4.81 -4.87
CA ALA A 23 -11.79 5.45 -4.05
C ALA A 23 -12.63 6.36 -4.92
N HIS A 24 -11.98 7.13 -5.78
CA HIS A 24 -12.68 8.05 -6.64
C HIS A 24 -13.43 7.31 -7.74
N LEU A 25 -12.79 6.26 -8.27
CA LEU A 25 -13.44 5.44 -9.30
C LEU A 25 -14.71 4.77 -8.74
N TYR A 26 -14.69 4.39 -7.45
CA TYR A 26 -15.85 3.77 -6.82
C TYR A 26 -17.00 4.74 -6.72
N GLU A 27 -16.73 5.98 -6.33
CA GLU A 27 -17.76 6.98 -6.18
C GLU A 27 -18.22 7.49 -7.54
N LEU A 28 -17.31 7.53 -8.51
CA LEU A 28 -17.60 8.17 -9.80
C LEU A 28 -17.18 7.26 -10.94
N PRO A 29 -17.83 6.11 -11.05
CA PRO A 29 -17.45 5.22 -12.16
C PRO A 29 -17.75 5.83 -13.53
N ILE A 30 -16.93 5.53 -14.52
CA ILE A 30 -17.24 6.04 -15.86
C ILE A 30 -18.54 5.42 -16.37
N SER A 31 -19.43 6.23 -16.94
CA SER A 31 -20.70 5.74 -17.49
C SER A 31 -20.48 5.14 -18.88
N LYS A 32 -21.47 4.38 -19.36
CA LYS A 32 -21.43 3.84 -20.73
C LYS A 32 -21.33 4.97 -21.75
N GLU A 33 -22.11 6.04 -21.55
CA GLU A 33 -22.11 7.17 -22.48
C GLU A 33 -20.77 7.89 -22.50
N ALA A 34 -20.20 8.17 -21.33
CA ALA A 34 -18.89 8.82 -21.24
C ALA A 34 -17.82 7.93 -21.89
N SER A 35 -17.86 6.65 -21.57
CA SER A 35 -16.87 5.72 -22.07
C SER A 35 -16.91 5.68 -23.60
N GLY A 36 -18.12 5.68 -24.17
CA GLY A 36 -18.28 5.68 -25.62
C GLY A 36 -17.80 6.98 -26.26
N LEU A 37 -18.10 8.11 -25.63
CA LEU A 37 -17.66 9.40 -26.14
C LEU A 37 -16.13 9.52 -26.15
N VAL A 38 -15.49 9.14 -25.06
CA VAL A 38 -14.06 9.17 -24.98
C VAL A 38 -13.44 8.27 -26.06
N HIS A 39 -13.92 7.04 -26.13
CA HIS A 39 -13.38 6.05 -27.06
C HIS A 39 -13.50 6.55 -28.50
N ARG A 40 -14.65 7.08 -28.85
CA ARG A 40 -14.89 7.54 -30.22
C ARG A 40 -14.13 8.83 -30.53
N THR A 41 -14.06 9.77 -29.57
CA THR A 41 -13.32 11.02 -29.78
C THR A 41 -11.82 10.73 -29.99
N ARG A 42 -11.27 9.81 -29.19
CA ARG A 42 -9.86 9.46 -29.33
C ARG A 42 -9.57 8.90 -30.74
N GLN A 43 -10.48 8.06 -31.19
CA GLN A 43 -10.42 7.50 -32.54
C GLN A 43 -10.47 8.60 -33.60
N GLU A 44 -11.43 9.50 -33.45
CA GLU A 44 -11.63 10.59 -34.39
C GLU A 44 -10.40 11.47 -34.48
N ILE A 45 -9.77 11.72 -33.33
CA ILE A 45 -8.57 12.54 -33.29
C ILE A 45 -7.37 11.81 -33.93
N SER A 46 -7.24 10.53 -33.66
CA SER A 46 -6.22 9.70 -34.31
C SER A 46 -6.34 9.84 -35.82
N ASP A 47 -7.57 9.78 -36.33
CA ASP A 47 -7.79 9.98 -37.77
C ASP A 47 -7.27 11.32 -38.32
N LEU A 48 -7.36 12.37 -37.50
CA LEU A 48 -6.84 13.68 -37.89
C LEU A 48 -5.30 13.71 -37.85
N VAL A 49 -4.75 13.12 -36.81
CA VAL A 49 -3.32 13.04 -36.62
C VAL A 49 -2.64 12.34 -37.78
N HIS A 50 -3.30 11.31 -38.32
CA HIS A 50 -2.70 10.51 -39.40
C HIS A 50 -3.22 10.84 -40.76
N GLY A 51 -3.90 11.97 -40.89
CA GLY A 51 -4.35 12.44 -42.20
C GLY A 51 -5.50 11.70 -42.84
N ARG A 52 -6.27 10.92 -42.08
CA ARG A 52 -7.39 10.15 -42.63
C ARG A 52 -8.69 10.96 -42.70
N ASP A 53 -8.76 12.06 -41.98
CA ASP A 53 -9.94 12.91 -41.98
C ASP A 53 -9.41 14.33 -41.97
N LYS A 54 -10.10 15.22 -42.67
CA LYS A 54 -9.62 16.60 -42.81
C LYS A 54 -10.39 17.63 -41.96
N ARG A 55 -11.20 17.16 -41.03
CA ARG A 55 -11.77 18.07 -40.04
C ARG A 55 -10.66 18.67 -39.20
N LEU A 56 -10.94 19.82 -38.61
CA LEU A 56 -9.96 20.51 -37.80
C LEU A 56 -10.27 20.25 -36.32
N LEU A 57 -9.31 19.70 -35.59
CA LEU A 57 -9.47 19.57 -34.15
C LEU A 57 -9.36 20.96 -33.52
N VAL A 58 -10.29 21.31 -32.64
CA VAL A 58 -10.26 22.60 -31.96
C VAL A 58 -10.28 22.34 -30.45
N ILE A 59 -9.14 22.56 -29.81
CA ILE A 59 -8.99 22.44 -28.36
C ILE A 59 -9.25 23.83 -27.83
N ILE A 60 -10.40 24.03 -27.20
CA ILE A 60 -10.84 25.41 -26.85
C ILE A 60 -11.51 25.48 -25.49
N GLY A 61 -11.14 26.50 -24.73
CA GLY A 61 -11.70 26.70 -23.41
C GLY A 61 -10.75 27.46 -22.51
N PRO A 62 -11.06 27.49 -21.22
CA PRO A 62 -10.26 28.28 -20.28
C PRO A 62 -8.78 27.88 -20.23
N CYS A 63 -7.96 28.83 -19.83
CA CYS A 63 -6.57 28.55 -19.58
C CYS A 63 -6.52 27.47 -18.47
N SER A 64 -7.30 27.70 -17.43
CA SER A 64 -7.40 26.82 -16.27
C SER A 64 -8.84 26.76 -15.79
N ILE A 65 -9.22 25.62 -15.21
CA ILE A 65 -10.49 25.49 -14.50
C ILE A 65 -10.27 25.91 -13.07
N HIS A 66 -11.08 26.85 -12.58
CA HIS A 66 -11.07 27.23 -11.19
C HIS A 66 -12.45 27.21 -10.53
N ASP A 67 -13.49 27.07 -11.35
CA ASP A 67 -14.86 27.01 -10.90
C ASP A 67 -15.64 26.04 -11.79
N PRO A 68 -15.96 24.86 -11.27
CA PRO A 68 -16.73 23.89 -12.03
C PRO A 68 -18.04 24.40 -12.55
N LYS A 69 -18.70 25.24 -11.79
CA LYS A 69 -20.02 25.76 -12.25
C LYS A 69 -19.92 26.55 -13.55
N ALA A 70 -18.97 27.47 -13.60
CA ALA A 70 -18.72 28.23 -14.82
C ALA A 70 -18.27 27.31 -15.93
N ALA A 71 -17.49 26.29 -15.61
CA ALA A 71 -17.04 25.39 -16.64
C ALA A 71 -18.19 24.65 -17.30
N LEU A 72 -19.18 24.23 -16.50
CA LEU A 72 -20.36 23.53 -17.01
C LEU A 72 -21.23 24.47 -17.84
N GLU A 73 -21.33 25.73 -17.43
CA GLU A 73 -22.11 26.68 -18.25
C GLU A 73 -21.39 26.91 -19.58
N TYR A 74 -20.08 27.09 -19.53
CA TYR A 74 -19.28 27.25 -20.75
C TYR A 74 -19.49 26.02 -21.66
N ALA A 75 -19.37 24.84 -21.08
CA ALA A 75 -19.52 23.60 -21.86
C ALA A 75 -20.84 23.47 -22.57
N GLU A 76 -21.93 23.86 -21.87
CA GLU A 76 -23.27 23.81 -22.44
C GLU A 76 -23.38 24.74 -23.69
N ARG A 77 -22.81 25.92 -23.63
CA ARG A 77 -22.74 26.80 -24.79
C ARG A 77 -21.89 26.19 -25.91
N LEU A 78 -20.73 25.65 -25.54
CA LEU A 78 -19.82 25.13 -26.54
C LEU A 78 -20.38 23.90 -27.25
N LEU A 79 -21.14 23.08 -26.51
CA LEU A 79 -21.77 21.91 -27.08
C LEU A 79 -22.61 22.22 -28.31
N LYS A 80 -23.33 23.32 -28.25
CA LYS A 80 -24.18 23.70 -29.39
C LYS A 80 -23.34 23.95 -30.65
N LEU A 81 -22.19 24.59 -30.46
CA LEU A 81 -21.30 24.85 -31.57
C LEU A 81 -20.55 23.58 -32.02
N ARG A 82 -20.19 22.73 -31.06
CA ARG A 82 -19.61 21.42 -31.37
C ARG A 82 -20.48 20.60 -32.32
N LYS A 83 -21.79 20.59 -32.02
CA LYS A 83 -22.78 19.94 -32.86
C LYS A 83 -22.95 20.67 -34.20
N GLN A 84 -23.13 21.99 -34.16
CA GLN A 84 -23.33 22.77 -35.37
C GLN A 84 -22.22 22.57 -36.40
N TYR A 85 -20.98 22.52 -35.92
CA TYR A 85 -19.82 22.53 -36.78
C TYR A 85 -19.20 21.14 -36.97
N GLU A 86 -19.93 20.08 -36.60
CA GLU A 86 -19.32 18.75 -36.50
C GLU A 86 -18.79 18.19 -37.82
N ASN A 87 -19.26 18.71 -38.95
CA ASN A 87 -18.77 18.24 -40.25
C ASN A 87 -17.47 18.90 -40.66
N GLU A 88 -17.15 20.04 -40.02
CA GLU A 88 -15.92 20.82 -40.32
C GLU A 88 -14.91 20.83 -39.19
N LEU A 89 -15.40 20.82 -37.95
CA LEU A 89 -14.59 20.94 -36.77
C LEU A 89 -14.88 19.81 -35.79
N LEU A 90 -13.84 19.38 -35.10
CA LEU A 90 -13.98 18.48 -33.98
C LEU A 90 -13.65 19.27 -32.72
N ILE A 91 -14.68 19.70 -32.02
CA ILE A 91 -14.51 20.61 -30.87
C ILE A 91 -14.41 19.82 -29.58
N VAL A 92 -13.33 20.09 -28.83
CA VAL A 92 -13.02 19.44 -27.57
C VAL A 92 -12.68 20.56 -26.58
N MET A 93 -13.23 20.50 -25.38
CA MET A 93 -13.04 21.56 -24.39
C MET A 93 -11.69 21.45 -23.68
N ARG A 94 -11.04 22.60 -23.44
CA ARG A 94 -9.91 22.71 -22.53
C ARG A 94 -10.44 22.59 -21.12
N VAL A 95 -9.99 21.56 -20.42
CA VAL A 95 -10.34 21.34 -19.03
C VAL A 95 -9.01 21.08 -18.27
N TYR A 96 -8.23 22.14 -18.07
CA TYR A 96 -6.85 22.07 -17.55
C TYR A 96 -6.87 22.19 -16.04
N PHE A 97 -6.38 21.15 -15.38
CA PHE A 97 -6.36 21.08 -13.91
C PHE A 97 -5.01 21.33 -13.28
N GLU A 98 -3.95 21.35 -14.11
CA GLU A 98 -2.58 21.47 -13.67
C GLU A 98 -1.85 22.55 -14.49
N LYS A 99 -1.28 23.49 -13.80
CA LYS A 99 -0.66 24.65 -14.40
C LYS A 99 0.83 24.76 -14.01
N PRO A 100 1.70 24.84 -15.01
CA PRO A 100 3.13 25.08 -14.76
C PRO A 100 3.39 26.58 -14.53
N ARG A 101 4.02 26.93 -13.43
CA ARG A 101 4.37 28.33 -13.15
C ARG A 101 5.82 28.63 -13.49
N THR A 102 6.08 29.90 -13.80
CA THR A 102 7.43 30.34 -14.13
C THR A 102 8.36 30.18 -12.94
N THR A 103 7.88 30.55 -11.76
CA THR A 103 8.58 30.24 -10.53
C THR A 103 7.62 29.53 -9.58
N VAL A 104 6.76 30.32 -8.95
CA VAL A 104 5.79 29.81 -8.00
C VAL A 104 4.43 30.46 -8.25
N GLY A 105 3.37 29.82 -7.78
CA GLY A 105 2.03 30.34 -7.97
C GLY A 105 1.01 29.22 -7.94
N TRP A 106 -0.26 29.57 -8.15
CA TRP A 106 -1.32 28.59 -8.10
C TRP A 106 -1.14 27.55 -9.20
N LYS A 107 -1.03 26.29 -8.79
CA LYS A 107 -0.81 25.20 -9.76
C LYS A 107 -2.07 24.53 -10.30
N GLY A 108 -3.26 25.04 -9.93
CA GLY A 108 -4.46 24.55 -10.51
C GLY A 108 -5.45 23.95 -9.52
N LEU A 109 -6.57 23.49 -10.06
CA LEU A 109 -7.69 23.05 -9.25
C LEU A 109 -7.35 21.81 -8.42
N ILE A 110 -6.58 20.87 -9.00
CA ILE A 110 -6.21 19.68 -8.23
C ILE A 110 -5.30 20.02 -7.05
N ASN A 111 -4.26 20.81 -7.29
CA ASN A 111 -3.30 21.13 -6.24
C ASN A 111 -3.86 21.96 -5.12
N ASP A 112 -4.70 22.94 -5.45
CA ASP A 112 -5.28 23.86 -4.46
C ASP A 112 -6.71 24.28 -4.82
N PRO A 113 -7.68 23.38 -4.68
CA PRO A 113 -9.02 23.67 -5.21
C PRO A 113 -9.75 24.83 -4.55
N HIS A 114 -9.46 25.10 -3.29
CA HIS A 114 -10.12 26.20 -2.58
C HIS A 114 -9.46 27.55 -2.84
N LEU A 115 -8.38 27.54 -3.60
CA LEU A 115 -7.74 28.75 -4.11
C LEU A 115 -7.21 29.62 -2.98
N ASP A 116 -6.95 29.00 -1.84
CA ASP A 116 -6.53 29.74 -0.65
C ASP A 116 -5.26 29.22 0.01
N GLY A 117 -4.47 28.42 -0.70
CA GLY A 117 -3.30 27.82 -0.09
C GLY A 117 -3.56 26.77 0.97
N THR A 118 -4.65 26.01 0.82
CA THR A 118 -4.93 24.90 1.73
C THR A 118 -4.56 23.55 1.12
N PHE A 119 -4.35 23.50 -0.18
CA PHE A 119 -3.83 22.31 -0.84
C PHE A 119 -4.61 21.05 -0.52
N ASP A 120 -5.92 21.14 -0.68
CA ASP A 120 -6.84 20.04 -0.39
C ASP A 120 -6.94 19.13 -1.61
N ILE A 121 -5.89 18.35 -1.83
CA ILE A 121 -5.73 17.59 -3.06
C ILE A 121 -6.74 16.44 -3.20
N ASN A 122 -7.15 15.82 -2.10
CA ASN A 122 -8.22 14.83 -2.17
C ASN A 122 -9.50 15.43 -2.72
N PHE A 123 -9.87 16.62 -2.23
CA PHE A 123 -11.05 17.34 -2.72
C PHE A 123 -10.87 17.74 -4.19
N GLY A 124 -9.67 18.20 -4.52
CA GLY A 124 -9.33 18.62 -5.87
C GLY A 124 -9.46 17.52 -6.90
N LEU A 125 -8.92 16.34 -6.57
CA LEU A 125 -9.04 15.18 -7.46
C LEU A 125 -10.52 14.76 -7.64
N ARG A 126 -11.26 14.74 -6.54
CA ARG A 126 -12.70 14.43 -6.57
C ARG A 126 -13.45 15.40 -7.47
N GLN A 127 -13.16 16.67 -7.29
CA GLN A 127 -13.83 17.69 -8.06
C GLN A 127 -13.44 17.64 -9.53
N ALA A 128 -12.17 17.35 -9.79
CA ALA A 128 -11.72 17.18 -11.21
C ALA A 128 -12.44 16.03 -11.90
N ARG A 129 -12.52 14.88 -11.23
CA ARG A 129 -13.16 13.71 -11.81
C ARG A 129 -14.65 13.97 -11.99
N SER A 130 -15.28 14.56 -11.00
CA SER A 130 -16.71 14.85 -11.07
C SER A 130 -17.05 15.75 -12.25
N LEU A 131 -16.28 16.81 -12.44
CA LEU A 131 -16.47 17.72 -13.57
C LEU A 131 -16.28 17.00 -14.90
N LEU A 132 -15.22 16.23 -15.02
CA LEU A 132 -14.96 15.49 -16.24
C LEU A 132 -16.03 14.48 -16.57
N LEU A 133 -16.55 13.81 -15.57
CA LEU A 133 -17.63 12.87 -15.79
C LEU A 133 -18.88 13.63 -16.27
N SER A 134 -19.22 14.73 -15.61
CA SER A 134 -20.39 15.52 -16.01
C SER A 134 -20.25 16.04 -17.45
N LEU A 135 -19.05 16.48 -17.80
CA LEU A 135 -18.79 16.99 -19.16
C LEU A 135 -19.02 15.90 -20.19
N ASN A 136 -18.40 14.75 -19.99
CA ASN A 136 -18.56 13.65 -20.94
C ASN A 136 -20.01 13.17 -21.02
N ASN A 137 -20.68 13.08 -19.88
CA ASN A 137 -22.09 12.72 -19.86
C ASN A 137 -22.98 13.66 -20.64
N MET A 138 -22.65 14.95 -20.67
CA MET A 138 -23.45 15.90 -21.46
C MET A 138 -23.10 15.91 -22.94
N GLY A 139 -22.04 15.21 -23.34
CA GLY A 139 -21.64 15.12 -24.75
C GLY A 139 -20.40 15.92 -25.12
N MET A 140 -19.74 16.54 -24.14
CA MET A 140 -18.58 17.40 -24.38
C MET A 140 -17.28 16.70 -23.99
N PRO A 141 -16.50 16.25 -24.99
CA PRO A 141 -15.21 15.65 -24.62
C PRO A 141 -14.22 16.67 -24.02
N ALA A 142 -13.22 16.16 -23.30
CA ALA A 142 -12.31 17.01 -22.53
C ALA A 142 -10.87 16.75 -22.87
N SER A 143 -10.07 17.80 -22.70
CA SER A 143 -8.59 17.79 -22.89
C SER A 143 -7.95 18.40 -21.66
N THR A 144 -6.70 18.08 -21.41
CA THR A 144 -5.98 18.67 -20.30
C THR A 144 -4.49 18.57 -20.58
N GLU A 145 -3.70 19.38 -19.86
CA GLU A 145 -2.25 19.21 -19.86
C GLU A 145 -1.95 18.20 -18.77
N PHE A 146 -1.17 17.18 -19.12
CA PHE A 146 -0.69 16.20 -18.12
C PHE A 146 0.65 16.66 -17.61
N LEU A 147 0.67 17.26 -16.42
CA LEU A 147 1.87 17.79 -15.81
C LEU A 147 2.44 16.89 -14.72
N ASP A 148 1.59 16.45 -13.79
N ASP A 148 1.59 16.45 -13.79
CA ASP A 148 1.97 15.61 -12.66
CA ASP A 148 1.96 15.67 -12.63
C ASP A 148 2.04 14.15 -13.06
C ASP A 148 1.99 14.16 -13.01
N MET A 149 2.87 13.38 -12.39
CA MET A 149 3.06 11.99 -12.72
C MET A 149 2.04 11.05 -12.12
N ILE A 150 1.44 11.45 -10.99
CA ILE A 150 0.61 10.55 -10.21
C ILE A 150 -0.89 10.84 -10.36
N THR A 151 -1.23 12.09 -10.64
CA THR A 151 -2.64 12.46 -10.78
C THR A 151 -3.42 11.80 -11.95
N PRO A 152 -2.75 11.45 -13.07
CA PRO A 152 -3.54 10.95 -14.21
C PRO A 152 -4.37 9.70 -13.97
N GLN A 153 -3.91 8.81 -13.10
CA GLN A 153 -4.65 7.60 -12.76
C GLN A 153 -6.04 7.92 -12.21
N TYR A 154 -6.19 9.10 -11.62
CA TYR A 154 -7.47 9.56 -11.13
C TYR A 154 -8.53 9.91 -12.21
N TYR A 155 -8.11 10.51 -13.31
CA TYR A 155 -9.05 11.00 -14.31
C TYR A 155 -8.76 10.73 -15.81
N ALA A 156 -7.68 10.02 -16.12
CA ALA A 156 -7.20 9.90 -17.50
C ALA A 156 -8.25 9.26 -18.40
N ASP A 157 -8.99 8.32 -17.82
CA ASP A 157 -10.05 7.57 -18.50
C ASP A 157 -11.14 8.51 -19.07
N LEU A 158 -11.18 9.74 -18.62
CA LEU A 158 -12.18 10.72 -19.06
C LEU A 158 -11.60 11.77 -20.01
N ILE A 159 -10.36 11.59 -20.44
CA ILE A 159 -9.69 12.56 -21.29
C ILE A 159 -9.54 12.01 -22.71
N SER A 160 -9.94 12.84 -23.68
CA SER A 160 -9.91 12.47 -25.10
C SER A 160 -8.65 12.93 -25.83
N TRP A 161 -7.95 13.92 -25.25
CA TRP A 161 -6.71 14.46 -25.80
C TRP A 161 -5.90 15.10 -24.72
N GLY A 162 -4.58 14.90 -24.77
CA GLY A 162 -3.67 15.45 -23.78
C GLY A 162 -2.57 16.31 -24.38
N ALA A 163 -2.14 17.31 -23.62
CA ALA A 163 -1.00 18.11 -23.97
C ALA A 163 0.14 17.87 -23.02
N ILE A 164 1.34 17.80 -23.54
CA ILE A 164 2.54 17.89 -22.70
C ILE A 164 3.07 19.29 -22.98
N GLY A 165 3.24 20.07 -21.93
CA GLY A 165 3.57 21.48 -22.08
C GLY A 165 4.90 21.81 -22.68
N ALA A 166 5.04 23.05 -23.07
CA ALA A 166 6.29 23.56 -23.59
C ALA A 166 7.43 23.33 -22.62
N ARG A 167 7.14 23.46 -21.33
CA ARG A 167 8.18 23.37 -20.28
C ARG A 167 8.58 21.96 -19.89
N THR A 168 7.80 21.00 -20.37
CA THR A 168 7.98 19.60 -20.04
C THR A 168 8.12 18.65 -21.24
N THR A 169 8.05 19.19 -22.46
CA THR A 169 8.11 18.35 -23.65
C THR A 169 9.45 17.61 -23.73
N GLU A 170 10.51 18.27 -23.31
CA GLU A 170 11.88 17.70 -23.39
C GLU A 170 12.16 16.69 -22.26
N SER A 171 11.29 16.65 -21.28
CA SER A 171 11.45 15.79 -20.10
C SER A 171 11.12 14.31 -20.35
N GLN A 172 12.04 13.46 -19.98
CA GLN A 172 11.87 12.07 -20.27
C GLN A 172 10.73 11.45 -19.49
N VAL A 173 10.46 11.95 -18.27
CA VAL A 173 9.40 11.35 -17.46
C VAL A 173 8.04 11.72 -18.06
N HIS A 174 7.96 12.84 -18.77
CA HIS A 174 6.73 13.23 -19.45
C HIS A 174 6.54 12.47 -20.75
N ARG A 175 7.62 12.22 -21.46
CA ARG A 175 7.55 11.34 -22.62
C ARG A 175 7.14 9.91 -22.25
N GLU A 176 7.69 9.39 -21.14
CA GLU A 176 7.25 8.09 -20.59
C GLU A 176 5.74 8.07 -20.31
N LEU A 177 5.29 9.04 -19.57
CA LEU A 177 3.85 9.19 -19.26
C LEU A 177 3.01 9.13 -20.55
N ALA A 178 3.37 9.94 -21.53
CA ALA A 178 2.65 9.98 -22.80
C ALA A 178 2.61 8.65 -23.50
N SER A 179 3.71 7.90 -23.41
CA SER A 179 3.79 6.61 -24.04
C SER A 179 2.78 5.59 -23.56
N GLY A 180 2.22 5.81 -22.37
CA GLY A 180 1.24 4.92 -21.79
C GLY A 180 -0.16 5.48 -21.74
N LEU A 181 -0.34 6.71 -22.20
CA LEU A 181 -1.69 7.29 -22.25
C LEU A 181 -2.47 6.68 -23.38
N SER A 182 -3.76 6.52 -23.17
CA SER A 182 -4.62 5.91 -24.19
C SER A 182 -5.25 6.93 -25.13
N CYS A 183 -4.97 8.20 -24.90
CA CYS A 183 -5.42 9.27 -25.77
C CYS A 183 -4.27 9.79 -26.64
N PRO A 184 -4.61 10.38 -27.79
CA PRO A 184 -3.65 11.17 -28.52
C PRO A 184 -3.04 12.27 -27.67
N VAL A 185 -1.80 12.63 -27.98
CA VAL A 185 -1.04 13.61 -27.20
C VAL A 185 -0.36 14.58 -28.15
N GLY A 186 -0.49 15.86 -27.84
CA GLY A 186 0.26 16.93 -28.49
C GLY A 186 1.45 17.37 -27.63
N PHE A 187 2.61 17.38 -28.24
CA PHE A 187 3.82 17.93 -27.63
C PHE A 187 4.08 19.33 -28.15
N LYS A 188 4.41 20.25 -27.26
CA LYS A 188 4.59 21.62 -27.63
C LYS A 188 6.05 21.96 -27.88
N ASN A 189 6.30 22.88 -28.80
CA ASN A 189 7.65 23.41 -28.93
C ASN A 189 8.08 24.10 -27.64
N GLY A 190 9.39 24.19 -27.44
CA GLY A 190 9.92 24.77 -26.22
C GLY A 190 9.66 26.27 -26.10
N THR A 191 9.83 26.80 -24.88
CA THR A 191 9.40 28.16 -24.60
C THR A 191 10.14 29.24 -25.37
N ASP A 192 11.34 28.92 -25.87
CA ASP A 192 12.03 29.85 -26.77
C ASP A 192 11.88 29.50 -28.26
N GLY A 193 11.08 28.48 -28.59
CA GLY A 193 10.74 28.18 -29.98
C GLY A 193 11.35 26.89 -30.54
N ASN A 194 12.04 26.12 -29.72
CA ASN A 194 12.68 24.90 -30.21
C ASN A 194 11.64 23.84 -30.54
N LEU A 195 11.52 23.50 -31.83
CA LEU A 195 10.58 22.49 -32.28
C LEU A 195 11.14 21.08 -32.18
N LYS A 196 12.46 20.95 -32.31
CA LYS A 196 13.07 19.64 -32.33
C LYS A 196 12.75 18.83 -31.08
N ILE A 197 12.61 19.49 -29.93
CA ILE A 197 12.26 18.75 -28.70
C ILE A 197 10.91 18.04 -28.78
N ALA A 198 9.95 18.63 -29.52
CA ALA A 198 8.66 18.03 -29.67
C ALA A 198 8.68 16.90 -30.69
N ILE A 199 9.47 17.08 -31.75
CA ILE A 199 9.69 16.02 -32.72
C ILE A 199 10.37 14.83 -32.04
N ASP A 200 11.42 15.10 -31.28
CA ASP A 200 12.09 14.09 -30.50
C ASP A 200 11.10 13.42 -29.57
N ALA A 201 10.22 14.21 -28.94
CA ALA A 201 9.24 13.66 -28.02
C ALA A 201 8.31 12.63 -28.65
N ILE A 202 7.87 12.86 -29.88
CA ILE A 202 7.06 11.90 -30.58
C ILE A 202 7.81 10.59 -30.73
N GLY A 203 9.06 10.71 -31.16
CA GLY A 203 9.96 9.57 -31.29
C GLY A 203 9.97 8.77 -30.00
N ALA A 204 10.21 9.45 -28.91
CA ALA A 204 10.25 8.78 -27.61
C ALA A 204 8.91 8.16 -27.21
N ALA A 205 7.84 8.93 -27.28
CA ALA A 205 6.58 8.49 -26.72
C ALA A 205 5.90 7.43 -27.58
N SER A 206 6.33 7.32 -28.84
CA SER A 206 5.78 6.30 -29.72
C SER A 206 6.30 4.92 -29.40
N HIS A 207 7.37 4.83 -28.60
CA HIS A 207 7.97 3.55 -28.26
C HIS A 207 7.52 3.09 -26.90
N SER A 208 7.72 1.80 -26.67
CA SER A 208 7.52 1.17 -25.39
C SER A 208 8.55 1.65 -24.36
N HIS A 209 8.10 1.84 -23.13
CA HIS A 209 8.98 2.24 -22.02
C HIS A 209 8.67 1.38 -20.80
N HIS A 210 9.67 1.23 -19.93
CA HIS A 210 9.49 0.65 -18.61
C HIS A 210 9.89 1.73 -17.62
N PHE A 211 9.05 1.97 -16.61
CA PHE A 211 9.38 3.00 -15.62
C PHE A 211 8.48 2.81 -14.42
N LEU A 212 8.70 3.61 -13.39
CA LEU A 212 7.91 3.53 -12.18
C LEU A 212 6.74 4.47 -12.24
N SER A 213 5.60 3.98 -11.77
CA SER A 213 4.36 4.73 -11.70
C SER A 213 3.57 4.21 -10.52
N VAL A 214 2.37 4.72 -10.32
CA VAL A 214 1.57 4.34 -9.17
C VAL A 214 0.28 3.71 -9.71
N THR A 215 -0.14 2.63 -9.05
CA THR A 215 -1.26 1.85 -9.48
C THR A 215 -2.57 2.51 -9.02
N LYS A 216 -3.69 1.96 -9.48
CA LYS A 216 -5.01 2.43 -9.06
C LYS A 216 -5.22 2.25 -7.55
N ALA A 217 -4.52 1.31 -6.95
CA ALA A 217 -4.59 1.12 -5.52
C ALA A 217 -3.68 2.05 -4.71
N GLY A 218 -2.93 2.90 -5.37
CA GLY A 218 -2.06 3.87 -4.70
C GLY A 218 -0.66 3.34 -4.38
N HIS A 219 -0.26 2.22 -4.99
CA HIS A 219 1.07 1.67 -4.75
C HIS A 219 2.00 1.87 -5.93
N SER A 220 3.27 2.12 -5.65
CA SER A 220 4.28 2.28 -6.72
C SER A 220 4.46 0.93 -7.39
N ALA A 221 4.73 0.94 -8.69
CA ALA A 221 4.88 -0.27 -9.44
C ALA A 221 5.68 0.00 -10.70
N ILE A 222 6.23 -1.07 -11.24
CA ILE A 222 6.90 -1.02 -12.53
C ILE A 222 5.82 -1.14 -13.60
N VAL A 223 5.75 -0.17 -14.51
CA VAL A 223 4.84 -0.25 -15.64
C VAL A 223 5.57 -0.40 -16.96
N HIS A 224 4.96 -1.12 -17.88
CA HIS A 224 5.52 -1.37 -19.20
C HIS A 224 4.48 -0.85 -20.19
N THR A 225 4.78 0.26 -20.86
CA THR A 225 3.84 0.86 -21.78
C THR A 225 4.04 0.32 -23.20
N GLY A 226 3.00 0.47 -24.02
CA GLY A 226 3.03 -0.03 -25.40
C GLY A 226 3.45 1.00 -26.43
N GLY A 227 3.66 2.27 -26.04
CA GLY A 227 3.92 3.34 -26.99
C GLY A 227 2.62 3.99 -27.41
N ASN A 228 2.67 5.28 -27.72
CA ASN A 228 1.52 6.05 -28.17
C ASN A 228 1.67 6.41 -29.64
N PRO A 229 0.88 5.76 -30.53
CA PRO A 229 1.02 5.99 -31.97
C PRO A 229 0.34 7.28 -32.45
N ASP A 230 -0.33 8.00 -31.56
CA ASP A 230 -1.11 9.18 -31.94
C ASP A 230 -0.57 10.54 -31.50
N CYS A 231 0.73 10.63 -31.22
CA CYS A 231 1.37 11.90 -30.89
C CYS A 231 1.60 12.86 -32.08
N HIS A 232 1.62 14.15 -31.81
CA HIS A 232 1.87 15.16 -32.82
C HIS A 232 2.45 16.39 -32.14
N VAL A 233 2.94 17.34 -32.92
CA VAL A 233 3.48 18.57 -32.36
C VAL A 233 2.48 19.70 -32.31
N ILE A 234 2.75 20.67 -31.47
CA ILE A 234 1.95 21.88 -31.35
C ILE A 234 2.89 23.08 -31.44
N LEU A 235 2.59 24.00 -32.37
CA LEU A 235 3.32 25.24 -32.52
C LEU A 235 2.69 26.29 -31.62
N ARG A 236 3.43 26.75 -30.63
CA ARG A 236 2.88 27.69 -29.61
C ARG A 236 3.70 28.95 -29.42
N GLY A 237 4.56 29.24 -30.39
CA GLY A 237 5.41 30.42 -30.37
C GLY A 237 6.70 30.23 -29.56
N GLY A 238 7.66 31.10 -29.80
CA GLY A 238 8.90 31.14 -28.99
C GLY A 238 9.28 32.58 -28.76
N LYS A 239 10.54 32.90 -29.04
CA LYS A 239 10.98 34.29 -29.05
C LYS A 239 10.13 35.04 -30.07
N GLU A 240 9.78 34.38 -31.18
CA GLU A 240 8.85 34.94 -32.16
C GLU A 240 7.70 33.97 -32.30
N PRO A 241 6.54 34.44 -32.79
CA PRO A 241 5.50 33.50 -33.12
C PRO A 241 5.86 32.57 -34.28
N ASN A 242 5.25 31.38 -34.28
CA ASN A 242 5.52 30.37 -35.31
C ASN A 242 4.30 29.79 -36.00
N TYR A 243 3.20 30.54 -36.06
CA TYR A 243 1.96 30.03 -36.63
C TYR A 243 1.80 30.16 -38.15
N ASP A 244 2.63 30.96 -38.80
CA ASP A 244 2.41 31.28 -40.22
C ASP A 244 2.83 30.15 -41.19
N ALA A 245 2.44 30.31 -42.45
CA ALA A 245 2.64 29.28 -43.50
C ALA A 245 4.10 28.84 -43.61
N GLU A 246 5.01 29.81 -43.55
CA GLU A 246 6.45 29.55 -43.61
C GLU A 246 6.90 28.63 -42.49
N HIS A 247 6.41 28.92 -41.28
CA HIS A 247 6.77 28.14 -40.13
C HIS A 247 6.17 26.74 -40.17
N VAL A 248 4.91 26.66 -40.64
CA VAL A 248 4.21 25.39 -40.75
C VAL A 248 4.96 24.52 -41.74
N SER A 249 5.33 25.12 -42.87
CA SER A 249 6.05 24.41 -43.91
C SER A 249 7.38 23.89 -43.41
N GLU A 250 8.13 24.73 -42.70
CA GLU A 250 9.43 24.31 -42.14
C GLU A 250 9.24 23.17 -41.14
N ALA A 251 8.22 23.29 -40.28
CA ALA A 251 7.94 22.23 -39.32
C ALA A 251 7.62 20.92 -40.00
N ALA A 252 6.80 20.98 -41.05
CA ALA A 252 6.37 19.77 -41.76
C ALA A 252 7.55 19.05 -42.39
N GLU A 253 8.47 19.81 -42.97
CA GLU A 253 9.71 19.24 -43.53
C GLU A 253 10.46 18.48 -42.45
N GLN A 254 10.62 19.10 -41.29
CA GLN A 254 11.35 18.48 -40.18
C GLN A 254 10.68 17.22 -39.66
N LEU A 255 9.34 17.26 -39.63
CA LEU A 255 8.59 16.11 -39.21
C LEU A 255 8.82 14.94 -40.16
N ARG A 256 8.70 15.19 -41.46
CA ARG A 256 8.93 14.14 -42.46
C ARG A 256 10.36 13.60 -42.35
N ALA A 257 11.33 14.48 -42.13
CA ALA A 257 12.74 14.05 -42.00
C ALA A 257 12.92 13.07 -40.85
N ALA A 258 12.16 13.26 -39.79
CA ALA A 258 12.23 12.38 -38.63
C ALA A 258 11.34 11.14 -38.78
N GLY A 259 10.57 11.05 -39.85
CA GLY A 259 9.68 9.90 -40.06
C GLY A 259 8.45 9.87 -39.20
N VAL A 260 7.98 11.03 -38.73
CA VAL A 260 6.78 11.09 -37.92
C VAL A 260 5.72 11.91 -38.65
N THR A 261 4.50 11.90 -38.10
CA THR A 261 3.40 12.59 -38.76
C THR A 261 3.72 14.06 -38.95
N ASP A 262 3.47 14.53 -40.17
CA ASP A 262 3.65 15.92 -40.52
C ASP A 262 2.36 16.72 -40.44
N LYS A 263 1.40 16.19 -39.70
CA LYS A 263 0.18 16.92 -39.38
C LYS A 263 0.34 17.51 -37.99
N LEU A 264 0.11 18.80 -37.87
CA LEU A 264 0.40 19.49 -36.64
C LEU A 264 -0.74 20.42 -36.18
N MET A 265 -0.60 20.90 -34.96
CA MET A 265 -1.59 21.76 -34.29
C MET A 265 -0.95 23.11 -34.03
N ILE A 266 -1.75 24.16 -34.08
CA ILE A 266 -1.26 25.52 -33.89
C ILE A 266 -2.03 26.12 -32.73
N ASP A 267 -1.29 26.52 -31.71
CA ASP A 267 -1.86 27.25 -30.56
C ASP A 267 -1.99 28.73 -30.92
N CYS A 268 -3.22 29.25 -30.88
CA CYS A 268 -3.48 30.68 -31.08
C CYS A 268 -2.96 31.55 -29.95
N SER A 269 -2.90 30.98 -28.74
CA SER A 269 -2.57 31.70 -27.53
C SER A 269 -1.08 31.71 -27.17
N HIS A 270 -0.79 32.12 -25.95
CA HIS A 270 0.54 32.03 -25.40
C HIS A 270 1.57 32.79 -26.24
N ALA A 271 2.67 32.13 -26.60
CA ALA A 271 3.73 32.79 -27.36
C ALA A 271 3.29 33.28 -28.75
N ASN A 272 2.25 32.66 -29.30
CA ASN A 272 1.77 33.03 -30.61
C ASN A 272 0.89 34.28 -30.64
N SER A 273 0.22 34.58 -29.53
CA SER A 273 -0.49 35.85 -29.36
C SER A 273 0.36 36.87 -28.57
N ARG A 274 1.56 36.45 -28.13
CA ARG A 274 2.46 37.31 -27.35
C ARG A 274 1.72 37.72 -26.09
N LYS A 275 0.96 36.77 -25.56
CA LYS A 275 0.18 36.91 -24.32
C LYS A 275 -0.88 38.05 -24.38
N ASP A 276 -1.36 38.35 -25.60
CA ASP A 276 -2.42 39.35 -25.82
C ASP A 276 -3.64 38.64 -26.35
N TYR A 277 -4.66 38.47 -25.49
CA TYR A 277 -5.78 37.62 -25.84
C TYR A 277 -6.48 38.18 -27.07
N THR A 278 -6.38 39.47 -27.30
CA THR A 278 -7.01 40.09 -28.46
C THR A 278 -6.33 39.74 -29.78
N ARG A 279 -5.19 39.07 -29.72
CA ARG A 279 -4.48 38.63 -30.93
C ARG A 279 -4.80 37.21 -31.37
N GLN A 280 -5.46 36.44 -30.51
CA GLN A 280 -5.83 35.08 -30.88
C GLN A 280 -6.66 35.06 -32.15
N MET A 281 -7.56 36.03 -32.32
CA MET A 281 -8.38 36.14 -33.54
C MET A 281 -7.51 36.37 -34.79
N GLU A 282 -6.51 37.23 -34.66
CA GLU A 282 -5.56 37.47 -35.75
C GLU A 282 -4.82 36.19 -36.18
N VAL A 283 -4.39 35.39 -35.20
CA VAL A 283 -3.75 34.13 -35.47
C VAL A 283 -4.72 33.18 -36.17
N ALA A 284 -5.95 33.13 -35.68
CA ALA A 284 -6.98 32.27 -36.28
C ALA A 284 -7.28 32.70 -37.71
N GLN A 285 -7.26 34.00 -37.97
CA GLN A 285 -7.49 34.50 -39.32
C GLN A 285 -6.36 34.09 -40.27
N ASP A 286 -5.13 34.12 -39.77
CA ASP A 286 -3.99 33.65 -40.55
C ASP A 286 -4.13 32.15 -40.86
N ILE A 287 -4.52 31.37 -39.85
CA ILE A 287 -4.76 29.95 -40.03
C ILE A 287 -5.91 29.71 -41.03
N ALA A 288 -6.98 30.48 -40.93
CA ALA A 288 -8.10 30.38 -41.88
C ALA A 288 -7.63 30.62 -43.30
N ALA A 289 -6.79 31.62 -43.50
CA ALA A 289 -6.25 31.92 -44.82
C ALA A 289 -5.39 30.74 -45.32
N GLN A 290 -4.60 30.13 -44.44
CA GLN A 290 -3.80 28.96 -44.82
C GLN A 290 -4.71 27.81 -45.28
N LEU A 291 -5.77 27.56 -44.52
CA LEU A 291 -6.70 26.50 -44.84
C LEU A 291 -7.37 26.73 -46.19
N GLU A 292 -7.66 27.98 -46.49
CA GLU A 292 -8.28 28.35 -47.75
C GLU A 292 -7.33 28.22 -48.93
N GLN A 293 -6.05 28.58 -48.73
CA GLN A 293 -5.05 28.48 -49.82
C GLN A 293 -4.59 27.04 -50.01
N ASP A 294 -4.22 26.39 -48.91
CA ASP A 294 -3.77 25.01 -48.94
C ASP A 294 -3.92 24.34 -47.57
N GLY A 295 -2.97 24.63 -46.67
CA GLY A 295 -3.04 24.22 -45.28
C GLY A 295 -3.14 22.73 -45.04
N GLY A 296 -2.51 21.95 -45.90
CA GLY A 296 -2.56 20.49 -45.80
C GLY A 296 -1.94 19.87 -44.55
N ASN A 297 -1.02 20.58 -43.89
CA ASN A 297 -0.34 20.04 -42.72
C ASN A 297 -0.97 20.41 -41.39
N ILE A 298 -2.03 21.18 -41.44
CA ILE A 298 -2.71 21.59 -40.20
C ILE A 298 -3.83 20.60 -39.88
N MET A 299 -3.79 20.03 -38.67
CA MET A 299 -4.88 19.16 -38.20
C MET A 299 -5.62 19.74 -37.00
N GLY A 300 -5.16 20.85 -36.46
CA GLY A 300 -5.79 21.40 -35.28
C GLY A 300 -5.33 22.76 -34.84
N VAL A 301 -6.12 23.35 -33.94
CA VAL A 301 -5.80 24.63 -33.29
C VAL A 301 -6.19 24.63 -31.81
N MET A 302 -5.55 25.49 -31.03
CA MET A 302 -5.87 25.69 -29.62
C MET A 302 -6.21 27.13 -29.41
N VAL A 303 -7.22 27.37 -28.56
CA VAL A 303 -7.72 28.71 -28.28
C VAL A 303 -8.08 28.81 -26.79
N GLU A 304 -7.65 29.91 -26.16
CA GLU A 304 -7.96 30.17 -24.77
C GLU A 304 -9.16 31.11 -24.72
N SER A 305 -10.24 30.54 -24.23
CA SER A 305 -11.57 31.11 -24.33
C SER A 305 -12.31 30.85 -23.03
N HIS A 306 -13.14 31.80 -22.60
CA HIS A 306 -13.95 31.67 -21.41
C HIS A 306 -15.27 32.42 -21.64
N LEU A 307 -16.13 32.46 -20.63
CA LEU A 307 -17.40 33.13 -20.75
C LEU A 307 -17.16 34.59 -20.96
N VAL A 308 -16.25 35.12 -20.17
CA VAL A 308 -15.93 36.54 -20.12
C VAL A 308 -14.43 36.71 -20.43
N GLU A 309 -14.11 37.75 -21.18
CA GLU A 309 -12.73 37.97 -21.64
C GLU A 309 -11.83 38.50 -20.54
N GLY A 310 -10.52 38.37 -20.76
CA GLY A 310 -9.52 39.01 -19.92
C GLY A 310 -9.03 38.06 -18.83
N ARG A 311 -8.56 38.63 -17.74
CA ARG A 311 -8.14 37.84 -16.60
C ARG A 311 -8.26 38.66 -15.36
N GLN A 312 -8.08 38.02 -14.21
CA GLN A 312 -8.13 38.67 -12.92
C GLN A 312 -7.26 37.90 -11.94
N ASP A 313 -6.70 38.61 -10.96
CA ASP A 313 -5.82 37.97 -9.99
C ASP A 313 -6.61 37.15 -9.01
N LYS A 314 -7.77 37.67 -8.60
CA LYS A 314 -8.64 37.00 -7.63
C LYS A 314 -9.92 36.54 -8.34
N PRO A 315 -10.55 35.44 -7.90
CA PRO A 315 -11.74 34.94 -8.58
C PRO A 315 -12.98 35.74 -8.19
N GLU A 316 -12.98 37.03 -8.50
CA GLU A 316 -14.08 37.91 -8.16
C GLU A 316 -15.23 37.84 -9.20
N VAL A 317 -14.88 37.91 -10.47
CA VAL A 317 -15.86 37.93 -11.54
C VAL A 317 -16.08 36.50 -12.00
N TYR A 318 -17.35 36.12 -12.12
CA TYR A 318 -17.76 34.80 -12.63
C TYR A 318 -17.35 34.60 -14.08
N GLY A 319 -16.83 33.44 -14.39
CA GLY A 319 -16.46 33.05 -15.77
C GLY A 319 -15.30 33.80 -16.42
N LYS A 320 -14.39 34.29 -15.59
CA LYS A 320 -13.24 35.06 -16.03
C LYS A 320 -11.97 34.41 -15.47
N SER A 321 -11.02 34.18 -16.35
CA SER A 321 -9.78 33.47 -16.02
C SER A 321 -9.01 34.10 -14.87
N ILE A 322 -8.44 33.26 -14.01
CA ILE A 322 -7.46 33.71 -13.03
C ILE A 322 -6.03 33.35 -13.43
N THR A 323 -5.85 32.78 -14.61
CA THR A 323 -4.52 32.53 -15.15
C THR A 323 -4.34 33.32 -16.45
N ASP A 324 -4.01 32.69 -17.58
CA ASP A 324 -3.79 33.49 -18.77
C ASP A 324 -5.12 34.13 -19.23
N ALA A 325 -5.05 35.32 -19.81
CA ALA A 325 -6.21 35.99 -20.31
C ALA A 325 -6.82 35.21 -21.49
N CYS A 326 -8.16 35.20 -21.55
CA CYS A 326 -8.87 34.48 -22.58
C CYS A 326 -9.75 35.41 -23.36
N ILE A 327 -10.08 35.01 -24.59
CA ILE A 327 -11.18 35.69 -25.30
C ILE A 327 -12.51 35.33 -24.63
N GLY A 328 -13.52 36.18 -24.83
CA GLY A 328 -14.84 35.96 -24.26
C GLY A 328 -15.75 35.18 -25.18
N TRP A 329 -16.99 35.03 -24.76
CA TRP A 329 -17.90 34.15 -25.49
C TRP A 329 -18.20 34.68 -26.91
N GLY A 330 -18.46 35.97 -27.03
CA GLY A 330 -18.79 36.56 -28.34
C GLY A 330 -17.69 36.38 -29.37
N ALA A 331 -16.45 36.66 -28.96
CA ALA A 331 -15.29 36.43 -29.81
C ALA A 331 -15.12 34.93 -30.15
N THR A 332 -15.48 34.07 -29.21
CA THR A 332 -15.43 32.62 -29.41
C THR A 332 -16.36 32.19 -30.56
N GLU A 333 -17.58 32.71 -30.58
CA GLU A 333 -18.51 32.43 -31.68
C GLU A 333 -17.94 32.86 -33.03
N GLU A 334 -17.37 34.05 -33.08
CA GLU A 334 -16.79 34.56 -34.34
C GLU A 334 -15.64 33.70 -34.80
N LEU A 335 -14.80 33.33 -33.85
CA LEU A 335 -13.61 32.57 -34.16
C LEU A 335 -13.99 31.21 -34.69
N LEU A 336 -14.91 30.53 -34.02
CA LEU A 336 -15.33 29.21 -34.48
C LEU A 336 -16.02 29.26 -35.82
N ALA A 337 -16.85 30.28 -36.06
CA ALA A 337 -17.49 30.44 -37.36
C ALA A 337 -16.46 30.63 -38.48
N LEU A 338 -15.46 31.46 -38.19
CA LEU A 338 -14.37 31.73 -39.12
C LEU A 338 -13.64 30.43 -39.51
N LEU A 339 -13.27 29.64 -38.51
CA LEU A 339 -12.54 28.41 -38.78
C LEU A 339 -13.40 27.36 -39.46
N ALA A 340 -14.67 27.23 -39.07
CA ALA A 340 -15.56 26.31 -39.75
C ALA A 340 -15.72 26.66 -41.26
N GLY A 341 -15.90 27.93 -41.55
CA GLY A 341 -16.09 28.37 -42.95
C GLY A 341 -14.86 28.09 -43.80
N ALA A 342 -13.70 28.37 -43.24
CA ALA A 342 -12.43 28.14 -43.92
C ALA A 342 -12.18 26.65 -44.15
N ASN A 343 -12.40 25.84 -43.11
CA ASN A 343 -12.16 24.40 -43.26
C ASN A 343 -13.20 23.70 -44.15
N LYS A 344 -14.41 24.22 -44.22
CA LYS A 344 -15.41 23.67 -45.15
C LYS A 344 -14.85 23.69 -46.56
N LYS A 345 -14.20 24.79 -46.91
CA LYS A 345 -13.55 24.93 -48.22
C LYS A 345 -12.37 23.99 -48.41
N ARG A 346 -11.50 23.88 -47.41
CA ARG A 346 -10.37 22.94 -47.52
C ARG A 346 -10.89 21.53 -47.78
N MET A 347 -11.92 21.14 -47.03
CA MET A 347 -12.45 19.78 -47.11
C MET A 347 -13.08 19.48 -48.47
N ALA A 348 -13.69 20.49 -49.09
CA ALA A 348 -14.29 20.32 -50.41
C ALA A 348 -13.29 20.12 -51.55
N ARG A 349 -12.04 20.55 -51.39
CA ARG A 349 -11.06 20.42 -52.48
C ARG A 349 -10.67 18.96 -52.71
N GLU B 17 7.02 -7.78 -9.01
CA GLU B 17 6.47 -6.57 -8.35
C GLU B 17 7.56 -5.67 -7.78
N LEU B 18 7.31 -4.37 -7.75
CA LEU B 18 8.27 -3.43 -7.19
C LEU B 18 8.40 -3.47 -5.67
N LEU B 19 9.61 -3.72 -5.17
CA LEU B 19 9.88 -3.63 -3.75
C LEU B 19 9.93 -2.17 -3.31
N PRO B 20 9.31 -1.85 -2.17
CA PRO B 20 9.36 -0.51 -1.65
C PRO B 20 10.73 -0.15 -1.12
N PRO B 21 11.01 1.17 -0.96
CA PRO B 21 12.29 1.59 -0.38
C PRO B 21 12.67 0.87 0.92
N ILE B 22 11.72 0.69 1.83
CA ILE B 22 12.05 0.02 3.11
C ILE B 22 12.73 -1.35 2.98
N ALA B 23 12.45 -2.09 1.91
CA ALA B 23 13.08 -3.40 1.71
C ALA B 23 14.59 -3.23 1.49
N HIS B 24 14.95 -2.26 0.66
CA HIS B 24 16.35 -1.96 0.38
C HIS B 24 17.04 -1.34 1.59
N LEU B 25 16.33 -0.46 2.30
CA LEU B 25 16.88 0.17 3.50
C LEU B 25 17.14 -0.86 4.59
N TYR B 26 16.29 -1.90 4.66
CA TYR B 26 16.48 -2.98 5.60
C TYR B 26 17.76 -3.76 5.30
N GLU B 27 17.98 -4.08 4.03
CA GLU B 27 19.15 -4.86 3.63
C GLU B 27 20.42 -4.01 3.66
N LEU B 28 20.28 -2.71 3.38
CA LEU B 28 21.43 -1.84 3.19
C LEU B 28 21.26 -0.56 3.98
N PRO B 29 21.22 -0.67 5.31
CA PRO B 29 21.05 0.55 6.10
C PRO B 29 22.27 1.47 5.98
N ILE B 30 22.06 2.77 6.03
CA ILE B 30 23.21 3.68 5.98
C ILE B 30 24.08 3.50 7.21
N SER B 31 25.39 3.40 7.04
CA SER B 31 26.33 3.29 8.15
C SER B 31 26.58 4.64 8.80
N LYS B 32 27.12 4.62 10.01
CA LYS B 32 27.50 5.85 10.72
C LYS B 32 28.50 6.65 9.89
N GLU B 33 29.47 5.96 9.29
CA GLU B 33 30.53 6.62 8.53
C GLU B 33 29.95 7.27 7.26
N ALA B 34 29.13 6.54 6.52
CA ALA B 34 28.48 7.09 5.33
C ALA B 34 27.59 8.27 5.70
N SER B 35 26.83 8.11 6.77
CA SER B 35 25.94 9.17 7.20
C SER B 35 26.71 10.46 7.52
N GLY B 36 27.84 10.32 8.22
CA GLY B 36 28.69 11.46 8.56
C GLY B 36 29.30 12.12 7.32
N LEU B 37 29.76 11.31 6.37
CA LEU B 37 30.36 11.85 5.16
C LEU B 37 29.34 12.65 4.37
N VAL B 38 28.15 12.08 4.19
CA VAL B 38 27.08 12.76 3.46
C VAL B 38 26.74 14.09 4.15
N HIS B 39 26.54 14.04 5.47
CA HIS B 39 26.17 15.20 6.24
C HIS B 39 27.21 16.31 6.10
N ARG B 40 28.47 15.94 6.25
CA ARG B 40 29.54 16.92 6.22
CA ARG B 40 29.55 16.91 6.22
C ARG B 40 29.78 17.44 4.79
N THR B 41 29.68 16.57 3.79
CA THR B 41 29.87 17.00 2.41
C THR B 41 28.76 17.98 1.97
N ARG B 42 27.53 17.69 2.37
CA ARG B 42 26.40 18.60 2.03
C ARG B 42 26.63 19.98 2.63
N GLN B 43 27.07 20.00 3.90
CA GLN B 43 27.41 21.25 4.54
C GLN B 43 28.55 21.99 3.88
N GLU B 44 29.60 21.26 3.51
CA GLU B 44 30.76 21.84 2.84
C GLU B 44 30.35 22.46 1.51
N ILE B 45 29.45 21.79 0.79
CA ILE B 45 29.00 22.30 -0.47
C ILE B 45 28.11 23.52 -0.28
N SER B 46 27.23 23.49 0.72
CA SER B 46 26.40 24.66 1.06
C SER B 46 27.30 25.90 1.30
N ASP B 47 28.41 25.68 1.99
CA ASP B 47 29.39 26.75 2.20
C ASP B 47 29.96 27.34 0.90
N LEU B 48 30.17 26.51 -0.11
CA LEU B 48 30.63 27.00 -1.40
C LEU B 48 29.53 27.76 -2.13
N VAL B 49 28.32 27.21 -2.09
CA VAL B 49 27.16 27.81 -2.75
C VAL B 49 26.90 29.23 -2.24
N HIS B 50 27.11 29.43 -0.95
CA HIS B 50 26.83 30.72 -0.31
C HIS B 50 28.07 31.56 -0.05
N GLY B 51 29.18 31.23 -0.72
CA GLY B 51 30.37 32.07 -0.68
C GLY B 51 31.14 32.09 0.62
N ARG B 52 30.92 31.10 1.50
CA ARG B 52 31.63 31.04 2.78
C ARG B 52 32.99 30.33 2.70
N ASP B 53 33.22 29.57 1.64
CA ASP B 53 34.50 28.88 1.45
C ASP B 53 34.84 29.00 -0.02
N LYS B 54 36.12 29.11 -0.34
CA LYS B 54 36.57 29.38 -1.71
C LYS B 54 37.22 28.16 -2.38
N ARG B 55 37.09 26.99 -1.78
CA ARG B 55 37.44 25.76 -2.50
C ARG B 55 36.54 25.58 -3.70
N LEU B 56 37.02 24.83 -4.67
CA LEU B 56 36.26 24.58 -5.88
C LEU B 56 35.62 23.18 -5.80
N LEU B 57 34.29 23.11 -5.88
CA LEU B 57 33.61 21.81 -5.93
C LEU B 57 33.90 21.20 -7.31
N VAL B 58 34.33 19.96 -7.34
CA VAL B 58 34.57 19.26 -8.60
C VAL B 58 33.69 18.01 -8.63
N ILE B 59 32.66 18.05 -9.47
CA ILE B 59 31.80 16.92 -9.72
C ILE B 59 32.42 16.20 -10.90
N ILE B 60 33.06 15.06 -10.65
CA ILE B 60 33.87 14.39 -11.71
C ILE B 60 33.69 12.87 -11.69
N GLY B 61 33.53 12.29 -12.87
CA GLY B 61 33.34 10.86 -13.02
C GLY B 61 32.62 10.55 -14.29
N PRO B 62 32.17 9.29 -14.41
CA PRO B 62 31.54 8.83 -15.64
C PRO B 62 30.28 9.59 -16.01
N CYS B 63 29.98 9.59 -17.30
CA CYS B 63 28.69 10.15 -17.75
C CYS B 63 27.60 9.35 -17.05
N SER B 64 27.74 8.04 -17.10
CA SER B 64 26.81 7.09 -16.49
C SER B 64 27.54 5.92 -15.86
N ILE B 65 26.95 5.35 -14.81
CA ILE B 65 27.47 4.11 -14.20
C ILE B 65 26.79 2.94 -14.90
N HIS B 66 27.57 2.05 -15.46
CA HIS B 66 27.07 0.81 -16.06
C HIS B 66 27.73 -0.46 -15.53
N ASP B 67 28.82 -0.31 -14.79
CA ASP B 67 29.51 -1.43 -14.19
C ASP B 67 30.03 -1.03 -12.81
N PRO B 68 29.52 -1.64 -11.74
CA PRO B 68 29.94 -1.22 -10.39
C PRO B 68 31.40 -1.50 -10.12
N LYS B 69 31.94 -2.54 -10.74
CA LYS B 69 33.37 -2.85 -10.54
C LYS B 69 34.27 -1.75 -11.02
N ALA B 70 34.05 -1.30 -12.26
CA ALA B 70 34.77 -0.19 -12.79
C ALA B 70 34.55 1.09 -11.99
N ALA B 71 33.34 1.31 -11.49
CA ALA B 71 33.07 2.52 -10.71
C ALA B 71 33.88 2.52 -9.41
N LEU B 72 33.98 1.37 -8.77
CA LEU B 72 34.73 1.26 -7.52
C LEU B 72 36.23 1.42 -7.77
N GLU B 73 36.72 0.93 -8.89
CA GLU B 73 38.13 1.12 -9.25
C GLU B 73 38.41 2.58 -9.52
N TYR B 74 37.54 3.22 -10.29
CA TYR B 74 37.63 4.63 -10.53
C TYR B 74 37.65 5.41 -9.22
N ALA B 75 36.72 5.10 -8.33
CA ALA B 75 36.59 5.79 -7.06
C ALA B 75 37.88 5.70 -6.24
N GLU B 76 38.50 4.52 -6.24
CA GLU B 76 39.73 4.31 -5.47
C GLU B 76 40.87 5.18 -5.96
N ARG B 77 41.00 5.34 -7.29
CA ARG B 77 41.96 6.26 -7.84
C ARG B 77 41.61 7.71 -7.51
N LEU B 78 40.34 8.06 -7.64
CA LEU B 78 39.93 9.42 -7.38
C LEU B 78 40.10 9.82 -5.93
N LEU B 79 39.85 8.89 -5.03
CA LEU B 79 39.99 9.17 -3.59
C LEU B 79 41.36 9.74 -3.24
N LYS B 80 42.41 9.22 -3.87
CA LYS B 80 43.76 9.69 -3.58
C LYS B 80 43.90 11.16 -3.96
N LEU B 81 43.30 11.53 -5.07
CA LEU B 81 43.36 12.91 -5.51
C LEU B 81 42.41 13.81 -4.69
N ARG B 82 41.26 13.27 -4.32
CA ARG B 82 40.35 13.97 -3.39
C ARG B 82 41.10 14.41 -2.14
N LYS B 83 41.87 13.49 -1.59
CA LYS B 83 42.66 13.77 -0.41
C LYS B 83 43.80 14.74 -0.69
N GLN B 84 44.57 14.46 -1.74
CA GLN B 84 45.70 15.30 -2.08
C GLN B 84 45.31 16.76 -2.25
N TYR B 85 44.15 17.01 -2.87
CA TYR B 85 43.76 18.34 -3.25
C TYR B 85 42.73 18.94 -2.30
N GLU B 86 42.55 18.37 -1.12
CA GLU B 86 41.44 18.74 -0.24
C GLU B 86 41.44 20.19 0.25
N ASN B 87 42.58 20.86 0.21
CA ASN B 87 42.66 22.27 0.62
C ASN B 87 42.25 23.23 -0.47
N GLU B 88 42.26 22.74 -1.72
CA GLU B 88 41.89 23.54 -2.90
C GLU B 88 40.61 23.12 -3.58
N LEU B 89 40.31 21.81 -3.58
CA LEU B 89 39.22 21.23 -4.29
C LEU B 89 38.42 20.35 -3.36
N LEU B 90 37.12 20.33 -3.60
CA LEU B 90 36.22 19.40 -2.95
C LEU B 90 35.74 18.47 -4.03
N ILE B 91 36.30 17.29 -4.06
CA ILE B 91 36.07 16.32 -5.12
C ILE B 91 34.94 15.39 -4.69
N VAL B 92 33.93 15.28 -5.57
CA VAL B 92 32.78 14.42 -5.40
C VAL B 92 32.59 13.66 -6.69
N MET B 93 32.35 12.37 -6.59
CA MET B 93 32.25 11.53 -7.79
C MET B 93 30.91 11.63 -8.48
N ARG B 94 30.92 11.63 -9.81
CA ARG B 94 29.68 11.48 -10.62
C ARG B 94 29.26 10.01 -10.57
N VAL B 95 28.09 9.75 -10.02
CA VAL B 95 27.52 8.41 -9.87
C VAL B 95 26.10 8.49 -10.39
N TYR B 96 25.98 8.65 -11.71
CA TYR B 96 24.73 8.91 -12.38
C TYR B 96 24.04 7.60 -12.76
N PHE B 97 22.84 7.40 -12.23
CA PHE B 97 22.05 6.17 -12.48
C PHE B 97 20.88 6.32 -13.44
N GLU B 98 20.58 7.57 -13.81
CA GLU B 98 19.43 7.92 -14.64
C GLU B 98 19.85 8.87 -15.74
N LYS B 99 19.60 8.47 -16.98
CA LYS B 99 20.02 9.20 -18.16
C LYS B 99 18.87 9.62 -19.06
N PRO B 100 18.81 10.93 -19.38
CA PRO B 100 17.82 11.42 -20.30
C PRO B 100 18.30 11.20 -21.74
N ARG B 101 17.48 10.57 -22.58
CA ARG B 101 17.81 10.34 -23.98
C ARG B 101 17.13 11.35 -24.87
N THR B 102 17.75 11.60 -26.02
CA THR B 102 17.20 12.53 -26.98
C THR B 102 15.86 12.02 -27.49
N THR B 103 15.81 10.73 -27.81
CA THR B 103 14.55 10.06 -28.11
C THR B 103 14.41 8.81 -27.27
N VAL B 104 15.06 7.73 -27.72
CA VAL B 104 15.02 6.45 -27.04
C VAL B 104 16.44 5.93 -26.88
N GLY B 105 16.63 5.03 -25.92
CA GLY B 105 17.94 4.50 -25.61
C GLY B 105 18.03 4.06 -24.16
N TRP B 106 19.20 3.56 -23.78
CA TRP B 106 19.42 3.07 -22.41
C TRP B 106 19.33 4.18 -21.36
N LYS B 107 18.38 4.05 -20.44
CA LYS B 107 18.14 5.13 -19.45
C LYS B 107 18.96 5.01 -18.19
N GLY B 108 19.87 4.03 -18.15
CA GLY B 108 20.74 3.93 -16.98
C GLY B 108 20.63 2.64 -16.19
N LEU B 109 21.47 2.55 -15.14
CA LEU B 109 21.64 1.33 -14.40
C LEU B 109 20.37 0.92 -13.66
N ILE B 110 19.64 1.88 -13.12
CA ILE B 110 18.41 1.56 -12.38
C ILE B 110 17.36 0.98 -13.35
N ASN B 111 17.14 1.64 -14.48
CA ASN B 111 16.09 1.23 -15.42
C ASN B 111 16.36 -0.12 -16.08
N ASP B 112 17.62 -0.37 -16.45
CA ASP B 112 18.01 -1.60 -17.13
C ASP B 112 19.41 -2.06 -16.74
N PRO B 113 19.61 -2.55 -15.52
CA PRO B 113 20.95 -2.88 -15.05
C PRO B 113 21.69 -3.93 -15.85
N HIS B 114 20.99 -4.88 -16.45
CA HIS B 114 21.66 -5.95 -17.20
C HIS B 114 22.03 -5.53 -18.64
N LEU B 115 21.64 -4.32 -19.01
CA LEU B 115 22.03 -3.70 -20.27
C LEU B 115 21.52 -4.50 -21.46
N ASP B 116 20.47 -5.29 -21.24
CA ASP B 116 19.94 -6.16 -22.28
C ASP B 116 18.44 -5.99 -22.58
N GLY B 117 17.84 -4.91 -22.12
CA GLY B 117 16.41 -4.74 -22.30
C GLY B 117 15.56 -5.68 -21.47
N THR B 118 16.04 -6.05 -20.29
CA THR B 118 15.21 -6.82 -19.36
C THR B 118 14.57 -5.95 -18.30
N PHE B 119 15.05 -4.72 -18.10
CA PHE B 119 14.42 -3.75 -17.21
C PHE B 119 14.18 -4.29 -15.79
N ASP B 120 15.24 -4.86 -15.21
CA ASP B 120 15.16 -5.47 -13.87
C ASP B 120 15.37 -4.41 -12.80
N ILE B 121 14.35 -3.59 -12.60
CA ILE B 121 14.46 -2.37 -11.81
C ILE B 121 14.71 -2.69 -10.33
N ASN B 122 14.16 -3.78 -9.83
CA ASN B 122 14.41 -4.16 -8.45
C ASN B 122 15.90 -4.40 -8.23
N PHE B 123 16.52 -5.11 -9.17
CA PHE B 123 17.96 -5.41 -9.12
C PHE B 123 18.76 -4.09 -9.27
N GLY B 124 18.30 -3.24 -10.17
CA GLY B 124 18.92 -1.95 -10.44
C GLY B 124 18.95 -1.05 -9.22
N LEU B 125 17.80 -0.91 -8.53
CA LEU B 125 17.77 -0.10 -7.32
C LEU B 125 18.68 -0.68 -6.23
N ARG B 126 18.67 -1.97 -6.10
CA ARG B 126 19.53 -2.64 -5.11
C ARG B 126 20.99 -2.36 -5.41
N GLN B 127 21.35 -2.56 -6.67
CA GLN B 127 22.74 -2.40 -7.08
C GLN B 127 23.16 -0.91 -6.93
N ALA B 128 22.26 0.01 -7.27
CA ALA B 128 22.53 1.46 -7.10
C ALA B 128 22.82 1.77 -5.64
N ARG B 129 21.95 1.30 -4.75
CA ARG B 129 22.10 1.59 -3.32
C ARG B 129 23.37 0.94 -2.78
N SER B 130 23.62 -0.30 -3.20
CA SER B 130 24.82 -1.00 -2.76
C SER B 130 26.10 -0.26 -3.15
N LEU B 131 26.16 0.18 -4.39
CA LEU B 131 27.34 0.91 -4.87
C LEU B 131 27.50 2.21 -4.08
N LEU B 132 26.41 2.95 -3.90
CA LEU B 132 26.49 4.22 -3.16
C LEU B 132 26.94 4.03 -1.73
N LEU B 133 26.48 2.97 -1.10
CA LEU B 133 26.90 2.67 0.27
C LEU B 133 28.39 2.32 0.31
N SER B 134 28.85 1.48 -0.62
CA SER B 134 30.28 1.15 -0.72
C SER B 134 31.17 2.39 -0.98
N LEU B 135 30.74 3.27 -1.89
CA LEU B 135 31.47 4.50 -2.17
C LEU B 135 31.58 5.38 -0.92
N ASN B 136 30.47 5.66 -0.26
CA ASN B 136 30.50 6.49 0.93
C ASN B 136 31.37 5.85 2.03
N ASN B 137 31.25 4.53 2.20
CA ASN B 137 32.03 3.83 3.23
C ASN B 137 33.52 3.93 2.96
N MET B 138 33.94 3.99 1.70
CA MET B 138 35.38 4.12 1.39
C MET B 138 35.87 5.57 1.48
N GLY B 139 34.97 6.54 1.67
CA GLY B 139 35.34 7.96 1.82
C GLY B 139 35.04 8.84 0.61
N MET B 140 34.38 8.29 -0.41
CA MET B 140 34.10 9.01 -1.63
C MET B 140 32.62 9.42 -1.67
N PRO B 141 32.32 10.71 -1.53
CA PRO B 141 30.94 11.13 -1.66
C PRO B 141 30.44 11.03 -3.10
N ALA B 142 29.12 11.03 -3.26
CA ALA B 142 28.52 10.79 -4.54
C ALA B 142 27.55 11.89 -4.95
N SER B 143 27.42 12.06 -6.27
CA SER B 143 26.48 12.95 -6.91
C SER B 143 25.72 12.20 -7.97
N THR B 144 24.53 12.71 -8.33
CA THR B 144 23.77 12.08 -9.39
C THR B 144 22.77 13.11 -9.96
N GLU B 145 22.27 12.84 -11.16
CA GLU B 145 21.15 13.59 -11.68
C GLU B 145 19.90 12.90 -11.16
N PHE B 146 19.00 13.69 -10.58
CA PHE B 146 17.69 13.21 -10.18
C PHE B 146 16.72 13.45 -11.33
N LEU B 147 16.38 12.38 -12.04
CA LEU B 147 15.52 12.46 -13.19
C LEU B 147 14.13 11.93 -12.86
N ASP B 148 14.07 10.75 -12.26
CA ASP B 148 12.83 10.02 -12.04
C ASP B 148 12.21 10.48 -10.71
N MET B 149 10.88 10.48 -10.63
CA MET B 149 10.20 11.02 -9.43
C MET B 149 10.17 10.05 -8.25
N ILE B 150 10.23 8.74 -8.52
CA ILE B 150 9.96 7.73 -7.47
C ILE B 150 11.24 7.06 -6.98
N THR B 151 12.24 7.00 -7.82
CA THR B 151 13.49 6.35 -7.43
C THR B 151 14.27 7.00 -6.26
N PRO B 152 14.22 8.34 -6.10
CA PRO B 152 15.10 8.95 -5.08
C PRO B 152 14.94 8.44 -3.64
N GLN B 153 13.76 7.96 -3.29
CA GLN B 153 13.50 7.48 -1.95
C GLN B 153 14.43 6.31 -1.64
N TYR B 154 14.76 5.54 -2.68
CA TYR B 154 15.66 4.41 -2.55
C TYR B 154 17.11 4.73 -2.14
N TYR B 155 17.65 5.81 -2.67
CA TYR B 155 19.07 6.11 -2.45
C TYR B 155 19.49 7.54 -2.04
N ALA B 156 18.53 8.46 -1.94
CA ALA B 156 18.85 9.88 -1.81
C ALA B 156 19.69 10.19 -0.57
N ASP B 157 19.50 9.39 0.46
CA ASP B 157 20.21 9.51 1.73
C ASP B 157 21.72 9.31 1.57
N LEU B 158 22.13 8.75 0.44
CA LEU B 158 23.53 8.53 0.16
C LEU B 158 24.13 9.55 -0.84
N ILE B 159 23.34 10.55 -1.21
CA ILE B 159 23.77 11.53 -2.19
C ILE B 159 24.12 12.87 -1.51
N SER B 160 25.29 13.42 -1.86
CA SER B 160 25.80 14.68 -1.31
C SER B 160 25.50 15.91 -2.17
N TRP B 161 25.22 15.69 -3.45
CA TRP B 161 24.90 16.75 -4.41
C TRP B 161 24.10 16.19 -5.57
N GLY B 162 23.09 16.96 -6.00
CA GLY B 162 22.18 16.53 -7.05
C GLY B 162 22.14 17.53 -8.19
N ALA B 163 21.97 17.02 -9.39
CA ALA B 163 21.74 17.86 -10.54
C ALA B 163 20.30 17.67 -11.01
N ILE B 164 19.69 18.74 -11.45
CA ILE B 164 18.52 18.64 -12.28
C ILE B 164 19.01 18.99 -13.69
N GLY B 165 18.77 18.11 -14.63
CA GLY B 165 19.30 18.25 -15.99
C GLY B 165 18.80 19.40 -16.82
N ALA B 166 19.51 19.64 -17.91
CA ALA B 166 19.16 20.70 -18.82
C ALA B 166 17.73 20.51 -19.36
N ARG B 167 17.36 19.26 -19.58
CA ARG B 167 16.10 18.91 -20.21
C ARG B 167 14.90 18.97 -19.24
N THR B 168 15.21 19.06 -17.94
CA THR B 168 14.19 19.03 -16.90
C THR B 168 14.20 20.23 -15.94
N THR B 169 15.12 21.15 -16.14
CA THR B 169 15.26 22.29 -15.24
C THR B 169 13.99 23.15 -15.26
N GLU B 170 13.37 23.27 -16.43
CA GLU B 170 12.16 24.06 -16.57
C GLU B 170 10.90 23.36 -16.04
N SER B 171 11.03 22.08 -15.76
CA SER B 171 9.90 21.23 -15.35
C SER B 171 9.48 21.46 -13.88
N GLN B 172 8.21 21.73 -13.69
CA GLN B 172 7.73 22.01 -12.36
C GLN B 172 7.85 20.80 -11.46
N VAL B 173 7.71 19.59 -11.99
CA VAL B 173 7.76 18.42 -11.12
C VAL B 173 9.19 18.20 -10.62
N HIS B 174 10.15 18.63 -11.41
CA HIS B 174 11.56 18.50 -11.01
C HIS B 174 11.95 19.59 -9.98
N ARG B 175 11.37 20.79 -10.15
CA ARG B 175 11.57 21.85 -9.19
C ARG B 175 10.92 21.47 -7.84
N GLU B 176 9.74 20.86 -7.90
CA GLU B 176 9.12 20.28 -6.68
C GLU B 176 10.03 19.27 -5.98
N LEU B 177 10.51 18.31 -6.74
CA LEU B 177 11.44 17.29 -6.22
C LEU B 177 12.64 17.93 -5.50
N ALA B 178 13.28 18.88 -6.17
CA ALA B 178 14.45 19.55 -5.63
C ALA B 178 14.13 20.26 -4.34
N SER B 179 12.94 20.82 -4.26
CA SER B 179 12.53 21.54 -3.06
C SER B 179 12.49 20.71 -1.78
N GLY B 180 12.39 19.39 -1.95
CA GLY B 180 12.34 18.45 -0.83
C GLY B 180 13.63 17.65 -0.63
N LEU B 181 14.61 17.79 -1.51
CA LEU B 181 15.89 17.09 -1.33
C LEU B 181 16.72 17.72 -0.22
N SER B 182 17.47 16.91 0.51
CA SER B 182 18.28 17.38 1.62
C SER B 182 19.71 17.74 1.22
N CYS B 183 20.02 17.57 -0.06
CA CYS B 183 21.33 17.92 -0.59
C CYS B 183 21.22 19.19 -1.42
N PRO B 184 22.34 19.92 -1.55
CA PRO B 184 22.41 20.99 -2.53
C PRO B 184 22.09 20.49 -3.93
N VAL B 185 21.56 21.36 -4.77
CA VAL B 185 21.11 21.00 -6.12
C VAL B 185 21.57 22.05 -7.11
N GLY B 186 22.16 21.59 -8.20
CA GLY B 186 22.53 22.42 -9.31
C GLY B 186 21.49 22.29 -10.42
N PHE B 187 20.94 23.42 -10.88
CA PHE B 187 20.05 23.47 -12.03
C PHE B 187 20.84 23.89 -13.26
N LYS B 188 20.66 23.21 -14.36
CA LYS B 188 21.43 23.46 -15.55
C LYS B 188 20.68 24.37 -16.51
N ASN B 189 21.43 25.20 -17.23
CA ASN B 189 20.79 25.96 -18.29
C ASN B 189 20.17 25.01 -19.34
N GLY B 190 19.22 25.50 -20.11
CA GLY B 190 18.53 24.69 -21.10
C GLY B 190 19.44 24.27 -22.23
N THR B 191 18.99 23.28 -23.00
CA THR B 191 19.84 22.71 -24.04
C THR B 191 20.23 23.67 -25.15
N ASP B 192 19.44 24.72 -25.38
CA ASP B 192 19.82 25.75 -26.36
C ASP B 192 20.52 26.97 -25.71
N GLY B 193 20.71 26.93 -24.40
CA GLY B 193 21.48 27.98 -23.69
C GLY B 193 20.71 28.88 -22.76
N ASN B 194 19.41 28.64 -22.59
CA ASN B 194 18.61 29.53 -21.75
C ASN B 194 18.99 29.38 -20.28
N LEU B 195 19.55 30.43 -19.71
CA LEU B 195 19.96 30.42 -18.29
C LEU B 195 18.80 30.81 -17.37
N LYS B 196 17.87 31.59 -17.88
CA LYS B 196 16.76 32.09 -17.04
C LYS B 196 15.94 30.96 -16.43
N ILE B 197 15.77 29.84 -17.15
CA ILE B 197 15.05 28.69 -16.61
C ILE B 197 15.70 28.14 -15.34
N ALA B 198 17.02 28.16 -15.24
CA ALA B 198 17.69 27.68 -14.07
C ALA B 198 17.60 28.68 -12.90
N ILE B 199 17.68 29.96 -13.23
CA ILE B 199 17.51 31.01 -12.24
C ILE B 199 16.08 30.92 -11.68
N ASP B 200 15.10 30.77 -12.57
CA ASP B 200 13.70 30.58 -12.20
C ASP B 200 13.59 29.34 -11.32
N ALA B 201 14.31 28.27 -11.69
CA ALA B 201 14.25 27.04 -10.94
C ALA B 201 14.68 27.22 -9.49
N ILE B 202 15.75 27.98 -9.25
CA ILE B 202 16.20 28.23 -7.88
C ILE B 202 15.05 28.90 -7.10
N GLY B 203 14.44 29.89 -7.72
CA GLY B 203 13.30 30.60 -7.12
C GLY B 203 12.21 29.63 -6.72
N ALA B 204 11.85 28.71 -7.61
CA ALA B 204 10.86 27.70 -7.34
C ALA B 204 11.28 26.73 -6.25
N ALA B 205 12.46 26.14 -6.37
CA ALA B 205 12.87 25.06 -5.49
C ALA B 205 13.21 25.57 -4.07
N SER B 206 13.51 26.86 -3.94
CA SER B 206 13.80 27.42 -2.63
C SER B 206 12.54 27.60 -1.77
N HIS B 207 11.36 27.49 -2.38
CA HIS B 207 10.09 27.65 -1.67
C HIS B 207 9.49 26.29 -1.32
N SER B 208 8.57 26.33 -0.37
CA SER B 208 7.76 25.21 0.00
C SER B 208 6.78 24.83 -1.13
N HIS B 209 6.59 23.53 -1.34
CA HIS B 209 5.61 22.99 -2.28
C HIS B 209 4.78 21.90 -1.62
N HIS B 210 3.57 21.70 -2.16
CA HIS B 210 2.74 20.53 -1.84
C HIS B 210 2.52 19.77 -3.13
N PHE B 211 2.71 18.47 -3.11
CA PHE B 211 2.53 17.67 -4.30
C PHE B 211 2.46 16.20 -3.94
N LEU B 212 2.19 15.35 -4.93
CA LEU B 212 2.12 13.92 -4.68
C LEU B 212 3.47 13.28 -4.91
N SER B 213 3.79 12.34 -4.03
CA SER B 213 5.04 11.59 -4.03
C SER B 213 4.77 10.21 -3.41
N VAL B 214 5.80 9.38 -3.30
CA VAL B 214 5.61 8.03 -2.80
C VAL B 214 6.46 7.87 -1.55
N THR B 215 5.88 7.22 -0.55
CA THR B 215 6.51 7.07 0.75
C THR B 215 7.57 5.94 0.70
N LYS B 216 8.30 5.82 1.80
CA LYS B 216 9.28 4.73 1.96
C LYS B 216 8.60 3.36 1.92
N ALA B 217 7.31 3.31 2.27
CA ALA B 217 6.57 2.06 2.22
C ALA B 217 6.00 1.73 0.84
N GLY B 218 6.21 2.61 -0.14
CA GLY B 218 5.76 2.38 -1.49
C GLY B 218 4.35 2.86 -1.77
N HIS B 219 3.81 3.72 -0.90
CA HIS B 219 2.47 4.24 -1.12
C HIS B 219 2.47 5.70 -1.52
N SER B 220 1.55 6.09 -2.40
CA SER B 220 1.46 7.48 -2.82
C SER B 220 0.97 8.29 -1.65
N ALA B 221 1.42 9.54 -1.56
CA ALA B 221 1.03 10.39 -0.46
C ALA B 221 1.19 11.86 -0.87
N ILE B 222 0.55 12.72 -0.11
CA ILE B 222 0.73 14.16 -0.26
C ILE B 222 1.93 14.55 0.57
N VAL B 223 2.91 15.20 -0.06
CA VAL B 223 4.05 15.71 0.67
C VAL B 223 4.10 17.22 0.66
N HIS B 224 4.60 17.77 1.74
CA HIS B 224 4.78 19.20 1.92
C HIS B 224 6.27 19.43 2.17
N THR B 225 6.97 20.03 1.23
CA THR B 225 8.41 20.23 1.36
C THR B 225 8.70 21.59 1.95
N GLY B 226 9.91 21.74 2.48
CA GLY B 226 10.29 22.95 3.19
C GLY B 226 11.05 23.95 2.35
N GLY B 227 11.37 23.59 1.10
CA GLY B 227 12.21 24.44 0.25
C GLY B 227 13.68 24.05 0.42
N ASN B 228 14.46 24.21 -0.63
CA ASN B 228 15.91 23.90 -0.66
C ASN B 228 16.72 25.20 -0.77
N PRO B 229 17.45 25.58 0.30
CA PRO B 229 18.18 26.84 0.33
C PRO B 229 19.55 26.80 -0.37
N ASP B 230 19.94 25.63 -0.86
CA ASP B 230 21.27 25.41 -1.38
C ASP B 230 21.35 25.16 -2.88
N CYS B 231 20.39 25.67 -3.63
CA CYS B 231 20.40 25.56 -5.08
C CYS B 231 21.31 26.59 -5.77
N HIS B 232 21.83 26.23 -6.93
CA HIS B 232 22.66 27.10 -7.74
C HIS B 232 22.53 26.70 -9.19
N VAL B 233 23.06 27.50 -10.10
CA VAL B 233 23.00 27.19 -11.53
C VAL B 233 24.29 26.53 -12.03
N ILE B 234 24.16 25.86 -13.17
CA ILE B 234 25.27 25.25 -13.84
C ILE B 234 25.25 25.70 -15.29
N LEU B 235 26.39 26.23 -15.76
CA LEU B 235 26.57 26.61 -17.15
C LEU B 235 27.09 25.40 -17.93
N ARG B 236 26.30 24.91 -18.88
CA ARG B 236 26.65 23.67 -19.60
C ARG B 236 26.61 23.81 -21.13
N GLY B 237 26.61 25.05 -21.61
CA GLY B 237 26.55 25.34 -23.04
C GLY B 237 25.17 25.29 -23.64
N GLY B 238 25.02 25.91 -24.81
CA GLY B 238 23.80 25.89 -25.56
C GLY B 238 24.11 25.71 -27.01
N LYS B 239 23.54 26.56 -27.84
CA LYS B 239 23.94 26.64 -29.23
C LYS B 239 25.41 26.99 -29.33
N GLU B 240 25.87 27.84 -28.41
CA GLU B 240 27.29 28.12 -28.28
C GLU B 240 27.68 27.79 -26.85
N PRO B 241 28.97 27.56 -26.61
CA PRO B 241 29.40 27.40 -25.22
C PRO B 241 29.27 28.66 -24.39
N ASN B 242 29.10 28.48 -23.08
CA ASN B 242 28.93 29.59 -22.15
C ASN B 242 29.84 29.58 -20.92
N TYR B 243 31.02 28.99 -21.05
CA TYR B 243 31.95 28.86 -19.93
C TYR B 243 32.90 30.03 -19.69
N ASP B 244 33.01 30.95 -20.63
CA ASP B 244 34.06 32.01 -20.55
C ASP B 244 33.69 33.14 -19.56
N ALA B 245 34.68 33.99 -19.26
CA ALA B 245 34.58 35.05 -18.28
C ALA B 245 33.39 35.96 -18.56
N GLU B 246 33.20 36.31 -19.83
CA GLU B 246 32.09 37.17 -20.24
C GLU B 246 30.77 36.52 -19.84
N HIS B 247 30.64 35.23 -20.14
CA HIS B 247 29.39 34.51 -19.88
C HIS B 247 29.15 34.35 -18.37
N VAL B 248 30.23 34.09 -17.64
CA VAL B 248 30.14 33.98 -16.18
C VAL B 248 29.71 35.30 -15.57
N SER B 249 30.32 36.37 -16.03
CA SER B 249 30.01 37.70 -15.56
C SER B 249 28.56 38.07 -15.85
N GLU B 250 28.10 37.79 -17.05
CA GLU B 250 26.71 38.06 -17.43
C GLU B 250 25.72 37.20 -16.58
N ALA B 251 26.05 35.95 -16.35
CA ALA B 251 25.22 35.08 -15.49
C ALA B 251 25.13 35.62 -14.06
N ALA B 252 26.26 36.07 -13.53
CA ALA B 252 26.32 36.57 -12.15
C ALA B 252 25.46 37.82 -11.97
N GLU B 253 25.47 38.71 -12.97
CA GLU B 253 24.59 39.88 -12.97
C GLU B 253 23.14 39.44 -12.90
N GLN B 254 22.76 38.47 -13.73
CA GLN B 254 21.37 37.99 -13.75
C GLN B 254 20.96 37.29 -12.44
N LEU B 255 21.88 36.55 -11.85
CA LEU B 255 21.63 35.92 -10.56
C LEU B 255 21.39 36.96 -9.46
N ARG B 256 22.24 37.99 -9.39
CA ARG B 256 22.04 39.06 -8.39
C ARG B 256 20.72 39.78 -8.62
N ALA B 257 20.38 40.04 -9.88
CA ALA B 257 19.09 40.67 -10.19
C ALA B 257 17.90 39.89 -9.66
N ALA B 258 17.98 38.57 -9.70
CA ALA B 258 16.90 37.71 -9.22
C ALA B 258 16.99 37.45 -7.71
N GLY B 259 18.02 37.95 -7.06
CA GLY B 259 18.13 37.81 -5.62
C GLY B 259 18.55 36.43 -5.15
N VAL B 260 19.28 35.71 -5.98
CA VAL B 260 19.76 34.36 -5.63
C VAL B 260 21.26 34.34 -5.72
N THR B 261 21.86 33.25 -5.22
CA THR B 261 23.30 33.17 -5.16
C THR B 261 23.93 33.35 -6.54
N ASP B 262 24.94 34.22 -6.59
CA ASP B 262 25.69 34.49 -7.81
C ASP B 262 26.97 33.67 -7.88
N LYS B 263 27.02 32.58 -7.10
CA LYS B 263 28.08 31.58 -7.23
C LYS B 263 27.54 30.42 -8.07
N LEU B 264 28.27 30.08 -9.11
CA LEU B 264 27.79 29.12 -10.06
C LEU B 264 28.83 28.04 -10.39
N MET B 265 28.37 27.04 -11.13
CA MET B 265 29.19 25.91 -11.53
C MET B 265 29.27 25.88 -13.04
N ILE B 266 30.39 25.38 -13.55
CA ILE B 266 30.60 25.31 -14.99
C ILE B 266 30.87 23.87 -15.37
N ASP B 267 30.05 23.34 -16.27
CA ASP B 267 30.22 22.01 -16.82
C ASP B 267 31.24 22.10 -17.97
N CYS B 268 32.35 21.38 -17.83
CA CYS B 268 33.35 21.23 -18.89
C CYS B 268 32.86 20.47 -20.11
N SER B 269 31.98 19.51 -19.87
CA SER B 269 31.46 18.61 -20.89
C SER B 269 30.20 19.10 -21.60
N HIS B 270 29.56 18.19 -22.32
CA HIS B 270 28.29 18.46 -22.98
C HIS B 270 28.38 19.63 -23.96
N ALA B 271 27.47 20.60 -23.92
CA ALA B 271 27.51 21.61 -24.96
C ALA B 271 28.66 22.59 -24.80
N ASN B 272 29.37 22.55 -23.67
CA ASN B 272 30.56 23.40 -23.51
C ASN B 272 31.82 22.82 -24.16
N SER B 273 31.88 21.51 -24.31
CA SER B 273 32.90 20.86 -25.14
C SER B 273 32.41 20.56 -26.56
N ARG B 274 31.18 20.94 -26.89
CA ARG B 274 30.59 20.65 -28.21
C ARG B 274 30.57 19.13 -28.40
N LYS B 275 30.34 18.40 -27.31
CA LYS B 275 30.23 16.92 -27.28
C LYS B 275 31.52 16.25 -27.71
N ASP B 276 32.64 16.95 -27.53
CA ASP B 276 33.97 16.43 -27.87
C ASP B 276 34.80 16.32 -26.59
N TYR B 277 35.00 15.11 -26.11
CA TYR B 277 35.64 14.92 -24.84
C TYR B 277 37.04 15.50 -24.80
N THR B 278 37.70 15.59 -25.97
CA THR B 278 39.03 16.20 -26.03
C THR B 278 39.05 17.72 -25.82
N ARG B 279 37.88 18.35 -25.79
CA ARG B 279 37.79 19.77 -25.51
C ARG B 279 37.54 20.13 -24.04
N GLN B 280 37.27 19.14 -23.18
CA GLN B 280 37.07 19.42 -21.74
C GLN B 280 38.27 20.09 -21.11
N MET B 281 39.46 19.68 -21.52
CA MET B 281 40.69 20.25 -20.99
C MET B 281 40.82 21.73 -21.35
N GLU B 282 40.47 22.08 -22.58
CA GLU B 282 40.46 23.49 -23.02
C GLU B 282 39.53 24.32 -22.15
N VAL B 283 38.35 23.79 -21.86
CA VAL B 283 37.41 24.49 -20.99
C VAL B 283 38.00 24.66 -19.58
N ALA B 284 38.57 23.60 -19.03
CA ALA B 284 39.19 23.65 -17.72
C ALA B 284 40.35 24.66 -17.66
N GLN B 285 41.11 24.75 -18.76
CA GLN B 285 42.19 25.74 -18.84
C GLN B 285 41.68 27.16 -18.85
N ASP B 286 40.57 27.39 -19.54
CA ASP B 286 39.92 28.68 -19.50
C ASP B 286 39.45 29.01 -18.08
N ILE B 287 38.84 28.05 -17.41
CA ILE B 287 38.38 28.22 -16.03
C ILE B 287 39.56 28.48 -15.09
N ALA B 288 40.66 27.75 -15.26
CA ALA B 288 41.86 27.97 -14.48
C ALA B 288 42.39 29.41 -14.65
N ALA B 289 42.39 29.90 -15.88
CA ALA B 289 42.82 31.26 -16.14
C ALA B 289 41.88 32.27 -15.45
N GLN B 290 40.56 32.00 -15.47
CA GLN B 290 39.61 32.85 -14.74
C GLN B 290 39.91 32.87 -13.24
N LEU B 291 40.18 31.70 -12.68
CA LEU B 291 40.48 31.59 -11.24
C LEU B 291 41.75 32.34 -10.86
N GLU B 292 42.73 32.30 -11.74
CA GLU B 292 43.98 33.01 -11.53
C GLU B 292 43.82 34.54 -11.64
N GLN B 293 42.98 34.99 -12.56
CA GLN B 293 42.75 36.42 -12.74
C GLN B 293 41.82 36.97 -11.66
N ASP B 294 40.68 36.33 -11.48
CA ASP B 294 39.70 36.73 -10.48
C ASP B 294 38.79 35.55 -10.16
N GLY B 295 37.81 35.32 -11.03
CA GLY B 295 36.95 34.15 -10.93
C GLY B 295 36.19 34.01 -9.63
N GLY B 296 35.80 35.14 -9.05
CA GLY B 296 35.03 35.16 -7.80
C GLY B 296 33.66 34.49 -7.80
N ASN B 297 33.01 34.40 -8.96
CA ASN B 297 31.67 33.83 -9.04
C ASN B 297 31.64 32.32 -9.32
N ILE B 298 32.81 31.71 -9.46
CA ILE B 298 32.89 30.29 -9.74
C ILE B 298 33.01 29.53 -8.42
N MET B 299 32.09 28.60 -8.16
CA MET B 299 32.20 27.71 -7.00
C MET B 299 32.42 26.25 -7.37
N GLY B 300 32.32 25.94 -8.65
CA GLY B 300 32.45 24.55 -9.05
C GLY B 300 32.60 24.29 -10.52
N VAL B 301 33.02 23.05 -10.82
CA VAL B 301 33.10 22.53 -12.20
C VAL B 301 32.61 21.08 -12.26
N MET B 302 32.20 20.67 -13.46
CA MET B 302 31.83 19.27 -13.73
C MET B 302 32.72 18.79 -14.84
N VAL B 303 33.10 17.54 -14.74
CA VAL B 303 33.98 16.90 -15.71
C VAL B 303 33.54 15.45 -15.93
N GLU B 304 33.47 15.03 -17.19
CA GLU B 304 33.11 13.66 -17.55
C GLU B 304 34.40 12.90 -17.80
N SER B 305 34.64 11.97 -16.90
CA SER B 305 35.91 11.30 -16.76
C SER B 305 35.67 9.82 -16.43
N HIS B 306 36.51 8.94 -16.98
CA HIS B 306 36.43 7.50 -16.71
C HIS B 306 37.85 6.93 -16.76
N LEU B 307 37.98 5.63 -16.58
CA LEU B 307 39.27 4.97 -16.55
C LEU B 307 39.92 5.12 -17.91
N VAL B 308 39.11 4.97 -18.95
CA VAL B 308 39.55 4.98 -20.33
C VAL B 308 38.71 5.96 -21.14
N GLU B 309 39.36 6.68 -22.05
CA GLU B 309 38.68 7.77 -22.75
C GLU B 309 37.73 7.28 -23.83
N GLY B 310 36.85 8.17 -24.27
CA GLY B 310 35.99 7.90 -25.44
C GLY B 310 34.66 7.33 -25.04
N ARG B 311 34.04 6.61 -25.98
CA ARG B 311 32.76 5.95 -25.69
C ARG B 311 32.60 4.77 -26.63
N GLN B 312 31.59 3.95 -26.34
CA GLN B 312 31.30 2.75 -27.12
C GLN B 312 29.82 2.43 -27.00
N ASP B 313 29.26 1.80 -28.02
CA ASP B 313 27.83 1.49 -27.99
C ASP B 313 27.57 0.30 -27.08
N LYS B 314 28.45 -0.69 -27.11
CA LYS B 314 28.29 -1.90 -26.29
C LYS B 314 29.38 -1.88 -25.23
N PRO B 315 29.14 -2.50 -24.08
CA PRO B 315 30.10 -2.47 -22.98
C PRO B 315 31.24 -3.48 -23.15
N GLU B 316 32.00 -3.33 -24.22
CA GLU B 316 33.03 -4.27 -24.59
C GLU B 316 34.33 -3.99 -23.84
N VAL B 317 34.72 -2.72 -23.82
CA VAL B 317 35.95 -2.31 -23.17
C VAL B 317 35.63 -1.90 -21.74
N TYR B 318 36.37 -2.46 -20.80
CA TYR B 318 36.28 -2.13 -19.37
C TYR B 318 36.62 -0.68 -19.13
N GLY B 319 35.84 -0.04 -18.29
CA GLY B 319 36.06 1.35 -17.86
C GLY B 319 35.93 2.43 -18.92
N LYS B 320 35.08 2.18 -19.92
CA LYS B 320 34.86 3.07 -21.02
C LYS B 320 33.35 3.30 -21.15
N SER B 321 32.99 4.58 -21.21
CA SER B 321 31.61 5.01 -21.20
C SER B 321 30.78 4.36 -22.32
N ILE B 322 29.53 4.04 -22.00
CA ILE B 322 28.55 3.63 -23.01
C ILE B 322 27.54 4.75 -23.28
N THR B 323 27.72 5.90 -22.64
CA THR B 323 26.92 7.08 -22.93
C THR B 323 27.82 8.19 -23.49
N ASP B 324 27.84 9.39 -22.90
CA ASP B 324 28.66 10.44 -23.49
C ASP B 324 30.15 10.07 -23.32
N ALA B 325 30.97 10.50 -24.28
CA ALA B 325 32.39 10.23 -24.22
C ALA B 325 33.05 11.00 -23.07
N CYS B 326 34.05 10.37 -22.44
CA CYS B 326 34.72 10.92 -21.27
C CYS B 326 36.20 10.99 -21.53
N ILE B 327 36.87 11.87 -20.80
CA ILE B 327 38.32 11.85 -20.78
C ILE B 327 38.74 10.61 -20.02
N GLY B 328 39.98 10.19 -20.22
CA GLY B 328 40.55 9.05 -19.51
C GLY B 328 41.28 9.41 -18.24
N TRP B 329 41.89 8.43 -17.61
CA TRP B 329 42.49 8.64 -16.29
C TRP B 329 43.66 9.60 -16.29
N GLY B 330 44.60 9.41 -17.21
CA GLY B 330 45.73 10.30 -17.33
C GLY B 330 45.34 11.76 -17.48
N ALA B 331 44.37 12.01 -18.36
CA ALA B 331 43.89 13.38 -18.59
C ALA B 331 43.23 13.94 -17.32
N THR B 332 42.62 13.03 -16.56
CA THR B 332 41.98 13.39 -15.32
C THR B 332 43.00 13.91 -14.29
N GLU B 333 44.15 13.24 -14.19
CA GLU B 333 45.21 13.74 -13.32
C GLU B 333 45.69 15.14 -13.73
N GLU B 334 45.90 15.36 -15.02
CA GLU B 334 46.34 16.64 -15.52
CA GLU B 334 46.34 16.65 -15.50
C GLU B 334 45.31 17.72 -15.21
N LEU B 335 44.05 17.39 -15.44
CA LEU B 335 42.95 18.36 -15.29
C LEU B 335 42.80 18.75 -13.83
N LEU B 336 42.88 17.77 -12.94
CA LEU B 336 42.76 18.09 -11.53
C LEU B 336 43.94 18.89 -11.00
N ALA B 337 45.16 18.55 -11.44
CA ALA B 337 46.33 19.26 -11.03
C ALA B 337 46.28 20.71 -11.48
N LEU B 338 45.80 20.91 -12.71
CA LEU B 338 45.60 22.24 -13.27
C LEU B 338 44.63 23.09 -12.41
N LEU B 339 43.48 22.52 -12.09
CA LEU B 339 42.48 23.24 -11.31
C LEU B 339 42.91 23.48 -9.88
N ALA B 340 43.58 22.51 -9.26
CA ALA B 340 44.09 22.71 -7.91
C ALA B 340 45.10 23.86 -7.85
N GLY B 341 46.04 23.88 -8.81
CA GLY B 341 47.07 24.90 -8.83
C GLY B 341 46.48 26.28 -8.98
N ALA B 342 45.49 26.39 -9.87
CA ALA B 342 44.84 27.67 -10.14
C ALA B 342 44.03 28.16 -8.94
N ASN B 343 43.27 27.25 -8.33
CA ASN B 343 42.49 27.63 -7.17
C ASN B 343 43.30 27.90 -5.92
N LYS B 344 44.47 27.26 -5.79
CA LYS B 344 45.34 27.57 -4.68
C LYS B 344 45.68 29.07 -4.67
N LYS B 345 45.95 29.60 -5.85
CA LYS B 345 46.24 31.02 -6.02
C LYS B 345 45.03 31.90 -5.74
N ARG B 346 43.86 31.53 -6.26
CA ARG B 346 42.63 32.29 -5.96
C ARG B 346 42.43 32.38 -4.44
N MET B 347 42.61 31.26 -3.74
CA MET B 347 42.35 31.19 -2.30
C MET B 347 43.32 32.02 -1.48
N ALA B 348 44.56 32.11 -1.94
CA ALA B 348 45.57 32.95 -1.27
C ALA B 348 45.29 34.46 -1.37
N ARG B 349 44.54 34.94 -2.36
CA ARG B 349 44.28 36.38 -2.52
C ARG B 349 43.31 36.92 -1.45
N LYS C 16 -9.99 -9.66 -5.02
CA LYS C 16 -10.75 -8.47 -5.52
C LYS C 16 -10.41 -7.13 -4.77
N GLU C 17 -10.96 -6.04 -5.34
CA GLU C 17 -10.47 -4.62 -5.22
C GLU C 17 -10.96 -3.82 -3.99
N LEU C 18 -10.37 -4.14 -2.86
CA LEU C 18 -10.81 -3.61 -1.59
C LEU C 18 -10.45 -2.16 -1.35
N LEU C 19 -11.45 -1.32 -1.12
CA LEU C 19 -11.18 0.06 -0.72
C LEU C 19 -10.68 0.10 0.71
N PRO C 20 -9.68 0.95 0.99
CA PRO C 20 -9.17 1.07 2.35
C PRO C 20 -10.13 1.84 3.23
N PRO C 21 -9.99 1.72 4.55
CA PRO C 21 -10.86 2.50 5.47
C PRO C 21 -10.96 4.00 5.17
N ILE C 22 -9.84 4.62 4.82
CA ILE C 22 -9.86 6.07 4.51
C ILE C 22 -10.85 6.49 3.43
N ALA C 23 -11.16 5.60 2.47
CA ALA C 23 -12.17 5.91 1.44
C ALA C 23 -13.57 6.07 2.07
N HIS C 24 -13.90 5.15 2.98
CA HIS C 24 -15.20 5.21 3.66
C HIS C 24 -15.27 6.36 4.66
N LEU C 25 -14.17 6.59 5.36
CA LEU C 25 -14.08 7.70 6.30
C LEU C 25 -14.25 9.04 5.60
N TYR C 26 -13.75 9.12 4.36
CA TYR C 26 -13.87 10.33 3.57
C TYR C 26 -15.31 10.62 3.19
N GLU C 27 -16.05 9.59 2.77
CA GLU C 27 -17.44 9.75 2.39
C GLU C 27 -18.34 9.91 3.60
N LEU C 28 -17.98 9.28 4.72
CA LEU C 28 -18.86 9.23 5.89
C LEU C 28 -18.09 9.60 7.16
N PRO C 29 -17.63 10.85 7.25
CA PRO C 29 -16.86 11.21 8.43
C PRO C 29 -17.77 11.20 9.68
N ILE C 30 -17.22 10.86 10.83
CA ILE C 30 -18.02 10.88 12.05
C ILE C 30 -18.43 12.31 12.35
N SER C 31 -19.70 12.53 12.70
CA SER C 31 -20.17 13.85 13.07
C SER C 31 -19.82 14.18 14.53
N LYS C 32 -19.90 15.47 14.88
CA LYS C 32 -19.66 15.91 16.25
C LYS C 32 -20.63 15.21 17.20
N GLU C 33 -21.89 15.08 16.78
CA GLU C 33 -22.92 14.47 17.63
C GLU C 33 -22.65 12.99 17.84
N ALA C 34 -22.33 12.28 16.76
CA ALA C 34 -22.04 10.84 16.87
C ALA C 34 -20.77 10.60 17.70
N SER C 35 -19.76 11.42 17.47
CA SER C 35 -18.55 11.34 18.22
C SER C 35 -18.81 11.53 19.74
N GLY C 36 -19.62 12.53 20.09
CA GLY C 36 -19.98 12.79 21.50
C GLY C 36 -20.79 11.67 22.13
N LEU C 37 -21.74 11.11 21.38
CA LEU C 37 -22.52 9.98 21.86
C LEU C 37 -21.65 8.75 22.13
N VAL C 38 -20.80 8.41 21.19
CA VAL C 38 -19.90 7.26 21.35
C VAL C 38 -19.02 7.46 22.58
N HIS C 39 -18.40 8.64 22.65
CA HIS C 39 -17.48 8.94 23.76
C HIS C 39 -18.19 8.80 25.12
N ARG C 40 -19.36 9.41 25.22
CA ARG C 40 -20.09 9.43 26.48
C ARG C 40 -20.67 8.03 26.83
N THR C 41 -21.16 7.30 25.83
CA THR C 41 -21.67 5.94 26.08
C THR C 41 -20.57 5.00 26.52
N ARG C 42 -19.39 5.07 25.89
CA ARG C 42 -18.26 4.25 26.33
C ARG C 42 -17.93 4.51 27.79
N GLN C 43 -17.92 5.79 28.15
CA GLN C 43 -17.67 6.21 29.51
C GLN C 43 -18.69 5.66 30.48
N GLU C 44 -19.96 5.85 30.12
CA GLU C 44 -21.06 5.37 30.92
C GLU C 44 -20.98 3.87 31.16
N ILE C 45 -20.58 3.13 30.12
CA ILE C 45 -20.45 1.69 30.24
C ILE C 45 -19.25 1.29 31.14
N SER C 46 -18.14 1.99 30.98
CA SER C 46 -17.00 1.79 31.85
C SER C 46 -17.42 1.94 33.31
N ASP C 47 -18.22 2.96 33.60
CA ASP C 47 -18.73 3.17 34.94
C ASP C 47 -19.52 1.99 35.49
N LEU C 48 -20.24 1.29 34.62
CA LEU C 48 -20.97 0.08 35.01
C LEU C 48 -20.03 -1.10 35.24
N VAL C 49 -19.05 -1.23 34.34
CA VAL C 49 -18.07 -2.30 34.42
C VAL C 49 -17.28 -2.25 35.73
N HIS C 50 -16.99 -1.03 36.21
CA HIS C 50 -16.17 -0.83 37.40
C HIS C 50 -16.98 -0.44 38.62
N GLY C 51 -18.29 -0.67 38.58
CA GLY C 51 -19.14 -0.52 39.76
C GLY C 51 -19.39 0.90 40.22
N ARG C 52 -19.17 1.90 39.37
CA ARG C 52 -19.38 3.29 39.75
C ARG C 52 -20.81 3.76 39.55
N ASP C 53 -21.56 3.04 38.75
CA ASP C 53 -22.95 3.39 38.50
C ASP C 53 -23.71 2.05 38.50
N LYS C 54 -24.91 2.05 39.04
CA LYS C 54 -25.68 0.80 39.18
C LYS C 54 -26.82 0.65 38.14
N ARG C 55 -26.86 1.51 37.12
CA ARG C 55 -27.76 1.27 36.00
C ARG C 55 -27.40 -0.04 35.31
N LEU C 56 -28.35 -0.61 34.60
CA LEU C 56 -28.15 -1.87 33.92
C LEU C 56 -27.93 -1.61 32.45
N LEU C 57 -26.79 -2.05 31.92
CA LEU C 57 -26.56 -1.98 30.49
C LEU C 57 -27.46 -3.00 29.83
N VAL C 58 -28.17 -2.59 28.79
CA VAL C 58 -29.03 -3.50 28.03
C VAL C 58 -28.62 -3.46 26.57
N ILE C 59 -27.96 -4.54 26.13
CA ILE C 59 -27.53 -4.69 24.74
C ILE C 59 -28.70 -5.41 24.11
N ILE C 60 -29.48 -4.72 23.30
CA ILE C 60 -30.74 -5.30 22.80
C ILE C 60 -31.01 -4.95 21.33
N GLY C 61 -31.47 -5.93 20.57
CA GLY C 61 -31.73 -5.75 19.14
C GLY C 61 -31.62 -7.06 18.40
N PRO C 62 -31.60 -7.00 17.09
CA PRO C 62 -31.52 -8.19 16.25
C PRO C 62 -30.29 -9.04 16.48
N CYS C 63 -30.44 -10.32 16.17
CA CYS C 63 -29.30 -11.23 16.20
C CYS C 63 -28.28 -10.67 15.19
N SER C 64 -28.79 -10.33 14.00
CA SER C 64 -27.97 -9.83 12.90
C SER C 64 -28.72 -8.74 12.16
N ILE C 65 -27.98 -7.80 11.60
CA ILE C 65 -28.57 -6.79 10.70
C ILE C 65 -28.52 -7.34 9.28
N HIS C 66 -29.66 -7.39 8.61
CA HIS C 66 -29.73 -7.77 7.21
C HIS C 66 -30.45 -6.75 6.34
N ASP C 67 -31.12 -5.80 6.98
CA ASP C 67 -31.86 -4.74 6.28
C ASP C 67 -31.71 -3.43 7.04
N PRO C 68 -31.09 -2.43 6.44
CA PRO C 68 -30.92 -1.18 7.18
C PRO C 68 -32.20 -0.45 7.45
N LYS C 69 -33.16 -0.58 6.56
CA LYS C 69 -34.43 0.10 6.79
C LYS C 69 -35.11 -0.39 8.05
N ALA C 70 -35.25 -1.70 8.19
CA ALA C 70 -35.81 -2.27 9.39
C ALA C 70 -34.99 -1.91 10.62
N ALA C 71 -33.66 -1.87 10.51
CA ALA C 71 -32.85 -1.53 11.66
C ALA C 71 -33.09 -0.10 12.14
N LEU C 72 -33.30 0.83 11.21
CA LEU C 72 -33.61 2.20 11.55
C LEU C 72 -35.00 2.35 12.16
N GLU C 73 -35.97 1.57 11.69
CA GLU C 73 -37.29 1.60 12.26
C GLU C 73 -37.26 1.02 13.70
N TYR C 74 -36.52 -0.07 13.87
CA TYR C 74 -36.35 -0.66 15.19
C TYR C 74 -35.71 0.37 16.14
N ALA C 75 -34.63 0.97 15.69
CA ALA C 75 -33.93 1.97 16.46
C ALA C 75 -34.83 3.14 16.94
N GLU C 76 -35.68 3.64 16.06
CA GLU C 76 -36.58 4.73 16.40
C GLU C 76 -37.54 4.33 17.53
N ARG C 77 -38.09 3.13 17.48
CA ARG C 77 -38.91 2.62 18.57
C ARG C 77 -38.11 2.47 19.87
N LEU C 78 -36.92 1.91 19.76
CA LEU C 78 -36.10 1.65 20.93
C LEU C 78 -35.63 2.95 21.58
N LEU C 79 -35.37 3.96 20.77
CA LEU C 79 -34.94 5.26 21.30
C LEU C 79 -35.90 5.85 22.33
N LYS C 80 -37.20 5.71 22.09
CA LYS C 80 -38.18 6.23 23.07
C LYS C 80 -38.03 5.52 24.41
N LEU C 81 -37.80 4.22 24.38
CA LEU C 81 -37.61 3.47 25.61
C LEU C 81 -36.22 3.74 26.25
N ARG C 82 -35.20 3.91 25.42
CA ARG C 82 -33.88 4.33 25.92
C ARG C 82 -33.98 5.59 26.77
N LYS C 83 -34.70 6.56 26.25
CA LYS C 83 -34.94 7.81 26.94
C LYS C 83 -35.81 7.59 28.19
N GLN C 84 -36.94 6.91 28.03
CA GLN C 84 -37.86 6.69 29.15
C GLN C 84 -37.19 6.03 30.35
N TYR C 85 -36.30 5.06 30.09
CA TYR C 85 -35.69 4.29 31.14
C TYR C 85 -34.28 4.72 31.52
N GLU C 86 -33.86 5.91 31.11
CA GLU C 86 -32.44 6.31 31.19
C GLU C 86 -31.89 6.40 32.62
N ASN C 87 -32.75 6.53 33.62
CA ASN C 87 -32.28 6.54 35.00
C ASN C 87 -32.02 5.15 35.56
N GLU C 88 -32.59 4.12 34.92
CA GLU C 88 -32.47 2.73 35.38
C GLU C 88 -31.68 1.82 34.45
N LEU C 89 -31.79 2.11 33.15
CA LEU C 89 -31.19 1.31 32.12
C LEU C 89 -30.36 2.16 31.20
N LEU C 90 -29.27 1.58 30.72
CA LEU C 90 -28.51 2.14 29.65
C LEU C 90 -28.74 1.26 28.44
N ILE C 91 -29.58 1.72 27.53
CA ILE C 91 -29.99 0.92 26.38
C ILE C 91 -29.12 1.23 25.15
N VAL C 92 -28.52 0.18 24.59
CA VAL C 92 -27.62 0.24 23.44
C VAL C 92 -28.08 -0.86 22.46
N MET C 93 -28.18 -0.51 21.20
CA MET C 93 -28.72 -1.41 20.21
C MET C 93 -27.71 -2.44 19.75
N ARG C 94 -28.19 -3.67 19.56
CA ARG C 94 -27.42 -4.69 18.84
C ARG C 94 -27.41 -4.38 17.36
N VAL C 95 -26.21 -4.16 16.80
CA VAL C 95 -26.02 -3.85 15.38
C VAL C 95 -24.90 -4.74 14.87
N TYR C 96 -25.20 -6.02 14.77
CA TYR C 96 -24.20 -7.08 14.50
C TYR C 96 -24.07 -7.28 13.01
N PHE C 97 -22.86 -7.04 12.50
CA PHE C 97 -22.56 -7.19 11.07
C PHE C 97 -21.80 -8.44 10.68
N GLU C 98 -21.30 -9.18 11.68
CA GLU C 98 -20.44 -10.33 11.47
C GLU C 98 -20.92 -11.50 12.33
N LYS C 99 -21.23 -12.60 11.66
CA LYS C 99 -21.84 -13.78 12.31
C LYS C 99 -20.97 -15.04 12.17
N PRO C 100 -20.68 -15.69 13.30
CA PRO C 100 -19.95 -16.94 13.28
C PRO C 100 -20.89 -18.11 13.02
N ARG C 101 -20.61 -18.94 12.02
CA ARG C 101 -21.44 -20.09 11.70
C ARG C 101 -20.83 -21.36 12.27
N THR C 102 -21.71 -22.33 12.55
CA THR C 102 -21.27 -23.62 13.08
C THR C 102 -20.40 -24.33 12.06
N THR C 103 -20.82 -24.31 10.79
CA THR C 103 -19.98 -24.78 9.71
C THR C 103 -19.90 -23.70 8.64
N VAL C 104 -20.94 -23.62 7.82
CA VAL C 104 -21.01 -22.62 6.78
C VAL C 104 -22.39 -21.99 6.77
N GLY C 105 -22.44 -20.76 6.28
CA GLY C 105 -23.69 -20.05 6.14
C GLY C 105 -23.43 -18.58 5.90
N TRP C 106 -24.49 -17.78 5.91
CA TRP C 106 -24.36 -16.35 5.75
C TRP C 106 -23.60 -15.70 6.93
N LYS C 107 -22.49 -15.04 6.64
CA LYS C 107 -21.64 -14.45 7.68
C LYS C 107 -21.98 -13.03 8.06
N GLY C 108 -23.04 -12.47 7.46
CA GLY C 108 -23.50 -11.16 7.86
C GLY C 108 -23.46 -10.12 6.75
N LEU C 109 -23.91 -8.92 7.11
CA LEU C 109 -24.14 -7.85 6.13
C LEU C 109 -22.85 -7.40 5.45
N ILE C 110 -21.75 -7.33 6.19
CA ILE C 110 -20.49 -6.91 5.59
C ILE C 110 -20.03 -7.94 4.56
N ASN C 111 -20.02 -9.22 4.95
CA ASN C 111 -19.48 -10.27 4.04
C ASN C 111 -20.30 -10.45 2.79
N ASP C 112 -21.62 -10.37 2.93
CA ASP C 112 -22.52 -10.62 1.81
C ASP C 112 -23.79 -9.77 1.90
N PRO C 113 -23.68 -8.46 1.67
CA PRO C 113 -24.81 -7.57 1.91
C PRO C 113 -26.04 -7.83 1.06
N HIS C 114 -25.88 -8.33 -0.15
CA HIS C 114 -27.03 -8.54 -1.04
C HIS C 114 -27.72 -9.89 -0.76
N LEU C 115 -27.17 -10.66 0.17
CA LEU C 115 -27.79 -11.88 0.65
C LEU C 115 -27.96 -12.88 -0.46
N ASP C 116 -27.12 -12.79 -1.48
CA ASP C 116 -27.25 -13.67 -2.64
C ASP C 116 -25.97 -14.41 -3.01
N GLY C 117 -24.99 -14.44 -2.11
CA GLY C 117 -23.71 -15.04 -2.45
C GLY C 117 -22.89 -14.28 -3.48
N THR C 118 -23.01 -12.96 -3.48
CA THR C 118 -22.16 -12.14 -4.34
C THR C 118 -20.99 -11.56 -3.58
N PHE C 119 -21.04 -11.54 -2.24
CA PHE C 119 -19.90 -11.14 -1.41
C PHE C 119 -19.35 -9.76 -1.79
N ASP C 120 -20.25 -8.79 -1.89
CA ASP C 120 -19.89 -7.42 -2.25
C ASP C 120 -19.42 -6.64 -1.02
N ILE C 121 -18.22 -6.96 -0.57
CA ILE C 121 -17.75 -6.50 0.72
C ILE C 121 -17.51 -4.99 0.73
N ASN C 122 -17.12 -4.40 -0.39
CA ASN C 122 -16.98 -2.93 -0.44
C ASN C 122 -18.34 -2.26 -0.12
N PHE C 123 -19.39 -2.78 -0.73
CA PHE C 123 -20.75 -2.28 -0.50
C PHE C 123 -21.19 -2.51 0.96
N GLY C 124 -20.85 -3.69 1.47
CA GLY C 124 -21.17 -4.09 2.83
C GLY C 124 -20.55 -3.20 3.87
N LEU C 125 -19.25 -2.89 3.71
CA LEU C 125 -18.57 -2.00 4.63
C LEU C 125 -19.16 -0.58 4.58
N ARG C 126 -19.43 -0.10 3.37
CA ARG C 126 -20.08 1.18 3.20
C ARG C 126 -21.44 1.23 3.89
N GLN C 127 -22.25 0.21 3.65
CA GLN C 127 -23.60 0.16 4.22
C GLN C 127 -23.54 0.04 5.76
N ALA C 128 -22.59 -0.73 6.27
CA ALA C 128 -22.42 -0.85 7.71
C ALA C 128 -22.08 0.50 8.33
N ARG C 129 -21.09 1.19 7.76
CA ARG C 129 -20.68 2.49 8.28
C ARG C 129 -21.82 3.49 8.19
N SER C 130 -22.51 3.49 7.06
CA SER C 130 -23.65 4.41 6.88
C SER C 130 -24.77 4.22 7.92
N LEU C 131 -25.15 2.97 8.15
CA LEU C 131 -26.15 2.66 9.16
C LEU C 131 -25.69 3.08 10.55
N LEU C 132 -24.46 2.75 10.91
CA LEU C 132 -23.96 3.14 12.22
C LEU C 132 -23.94 4.65 12.42
N LEU C 133 -23.59 5.37 11.36
CA LEU C 133 -23.54 6.83 11.46
C LEU C 133 -24.97 7.37 11.67
N SER C 134 -25.90 6.86 10.90
CA SER C 134 -27.32 7.25 11.06
C SER C 134 -27.85 6.94 12.46
N LEU C 135 -27.52 5.76 13.00
CA LEU C 135 -27.98 5.37 14.34
C LEU C 135 -27.44 6.34 15.39
N ASN C 136 -26.13 6.59 15.36
CA ASN C 136 -25.55 7.50 16.32
C ASN C 136 -26.11 8.94 16.18
N ASN C 137 -26.32 9.40 14.95
CA ASN C 137 -26.85 10.71 14.72
C ASN C 137 -28.27 10.87 15.26
N MET C 138 -29.05 9.80 15.27
CA MET C 138 -30.42 9.89 15.83
C MET C 138 -30.43 9.74 17.35
N GLY C 139 -29.29 9.43 17.98
CA GLY C 139 -29.22 9.29 19.45
C GLY C 139 -29.16 7.85 19.97
N MET C 140 -29.06 6.86 19.08
CA MET C 140 -29.00 5.47 19.45
C MET C 140 -27.59 4.93 19.34
N PRO C 141 -26.92 4.69 20.47
CA PRO C 141 -25.61 4.04 20.36
C PRO C 141 -25.68 2.57 19.89
N ALA C 142 -24.56 2.08 19.39
CA ALA C 142 -24.50 0.77 18.75
C ALA C 142 -23.44 -0.15 19.35
N SER C 143 -23.74 -1.45 19.27
CA SER C 143 -22.88 -2.54 19.71
C SER C 143 -22.77 -3.56 18.61
N THR C 144 -21.70 -4.37 18.64
CA THR C 144 -21.50 -5.38 17.63
C THR C 144 -20.54 -6.43 18.13
N GLU C 145 -20.55 -7.61 17.50
CA GLU C 145 -19.49 -8.60 17.74
C GLU C 145 -18.36 -8.32 16.77
N PHE C 146 -17.14 -8.22 17.31
CA PHE C 146 -15.94 -8.07 16.48
C PHE C 146 -15.39 -9.46 16.17
N LEU C 147 -15.59 -9.93 14.95
CA LEU C 147 -15.20 -11.27 14.57
C LEU C 147 -13.98 -11.24 13.66
N ASP C 148 -14.04 -10.40 12.63
N ASP C 148 -14.03 -10.41 12.63
CA ASP C 148 -12.97 -10.29 11.63
CA ASP C 148 -12.98 -10.38 11.63
C ASP C 148 -11.86 -9.40 12.12
C ASP C 148 -11.87 -9.38 12.07
N MET C 149 -10.63 -9.65 11.65
CA MET C 149 -9.48 -8.86 12.09
C MET C 149 -9.31 -7.51 11.37
N ILE C 150 -9.81 -7.39 10.14
CA ILE C 150 -9.51 -6.25 9.28
C ILE C 150 -10.67 -5.27 9.16
N THR C 151 -11.88 -5.75 9.30
CA THR C 151 -13.08 -4.88 9.18
C THR C 151 -13.23 -3.79 10.25
N PRO C 152 -12.73 -3.99 11.48
CA PRO C 152 -13.00 -2.95 12.49
C PRO C 152 -12.53 -1.53 12.19
N GLN C 153 -11.43 -1.38 11.46
CA GLN C 153 -10.93 -0.08 11.10
C GLN C 153 -11.95 0.74 10.32
N TYR C 154 -12.84 0.06 9.63
CA TYR C 154 -13.90 0.70 8.87
C TYR C 154 -15.00 1.40 9.70
N TYR C 155 -15.40 0.79 10.80
CA TYR C 155 -16.53 1.29 11.57
C TYR C 155 -16.38 1.45 13.09
N ALA C 156 -15.25 1.03 13.66
CA ALA C 156 -15.12 0.86 15.10
C ALA C 156 -15.38 2.16 15.85
N ASP C 157 -15.00 3.27 15.24
CA ASP C 157 -15.19 4.62 15.79
C ASP C 157 -16.66 4.91 16.12
N LEU C 158 -17.57 4.14 15.54
CA LEU C 158 -18.99 4.31 15.75
C LEU C 158 -19.59 3.31 16.73
N ILE C 159 -18.73 2.48 17.36
CA ILE C 159 -19.20 1.42 18.25
C ILE C 159 -18.93 1.78 19.71
N SER C 160 -19.97 1.67 20.54
CA SER C 160 -19.89 2.00 21.98
C SER C 160 -19.59 0.81 22.87
N TRP C 161 -19.83 -0.40 22.37
CA TRP C 161 -19.58 -1.65 23.11
C TRP C 161 -19.40 -2.80 22.13
N GLY C 162 -18.42 -3.66 22.41
CA GLY C 162 -18.07 -4.79 21.56
C GLY C 162 -18.14 -6.12 22.27
N ALA C 163 -18.55 -7.15 21.54
CA ALA C 163 -18.50 -8.51 22.06
C ALA C 163 -17.41 -9.28 21.32
N ILE C 164 -16.70 -10.13 22.05
CA ILE C 164 -15.96 -11.20 21.42
C ILE C 164 -16.76 -12.49 21.71
N GLY C 165 -17.10 -13.22 20.66
CA GLY C 165 -18.01 -14.32 20.76
C GLY C 165 -17.54 -15.53 21.49
N ALA C 166 -18.47 -16.41 21.80
CA ALA C 166 -18.17 -17.59 22.55
C ALA C 166 -17.12 -18.41 21.81
N ARG C 167 -17.17 -18.38 20.49
CA ARG C 167 -16.34 -19.24 19.64
C ARG C 167 -14.95 -18.69 19.41
N THR C 168 -14.76 -17.43 19.80
CA THR C 168 -13.50 -16.72 19.61
C THR C 168 -12.89 -16.10 20.87
N THR C 169 -13.53 -16.28 22.02
CA THR C 169 -13.03 -15.72 23.27
C THR C 169 -11.66 -16.30 23.65
N GLU C 170 -11.46 -17.57 23.37
CA GLU C 170 -10.17 -18.27 23.71
C GLU C 170 -9.04 -17.93 22.72
N SER C 171 -9.40 -17.32 21.59
CA SER C 171 -8.47 -17.03 20.50
C SER C 171 -7.55 -15.84 20.77
N GLN C 172 -6.25 -16.07 20.64
CA GLN C 172 -5.32 -15.03 21.00
C GLN C 172 -5.44 -13.83 20.06
N VAL C 173 -5.80 -14.06 18.79
CA VAL C 173 -5.85 -12.93 17.87
C VAL C 173 -7.04 -12.03 18.20
N HIS C 174 -8.08 -12.61 18.79
CA HIS C 174 -9.26 -11.84 19.21
C HIS C 174 -8.96 -11.10 20.49
N ARG C 175 -8.18 -11.71 21.39
CA ARG C 175 -7.77 -11.01 22.59
C ARG C 175 -6.87 -9.81 22.22
N GLU C 176 -5.96 -10.01 21.27
CA GLU C 176 -5.15 -8.94 20.74
C GLU C 176 -6.02 -7.81 20.24
N LEU C 177 -6.94 -8.15 19.36
CA LEU C 177 -7.87 -7.13 18.81
C LEU C 177 -8.54 -6.30 19.91
N ALA C 178 -9.09 -7.01 20.90
CA ALA C 178 -9.81 -6.34 21.99
C ALA C 178 -8.87 -5.39 22.73
N SER C 179 -7.61 -5.77 22.88
CA SER C 179 -6.64 -4.97 23.63
C SER C 179 -6.38 -3.59 23.02
N GLY C 180 -6.71 -3.43 21.74
CA GLY C 180 -6.54 -2.18 21.03
C GLY C 180 -7.84 -1.45 20.71
N LEU C 181 -8.99 -2.02 21.06
CA LEU C 181 -10.30 -1.35 20.87
C LEU C 181 -10.51 -0.25 21.92
N SER C 182 -11.14 0.85 21.51
CA SER C 182 -11.39 1.97 22.40
C SER C 182 -12.74 1.90 23.12
N CYS C 183 -13.52 0.85 22.85
CA CYS C 183 -14.76 0.63 23.57
C CYS C 183 -14.60 -0.48 24.59
N PRO C 184 -15.44 -0.48 25.62
CA PRO C 184 -15.55 -1.65 26.48
C PRO C 184 -15.89 -2.91 25.68
N VAL C 185 -15.46 -4.05 26.17
CA VAL C 185 -15.58 -5.33 25.46
C VAL C 185 -16.07 -6.41 26.43
N GLY C 186 -17.08 -7.16 26.02
CA GLY C 186 -17.56 -8.32 26.75
C GLY C 186 -17.04 -9.60 26.10
N PHE C 187 -16.38 -10.44 26.90
CA PHE C 187 -15.98 -11.76 26.46
C PHE C 187 -16.99 -12.79 26.93
N LYS C 188 -17.38 -13.70 26.06
CA LYS C 188 -18.37 -14.67 26.37
C LYS C 188 -17.78 -15.98 26.84
N ASN C 189 -18.47 -16.66 27.73
CA ASN C 189 -18.07 -18.03 28.07
C ASN C 189 -18.13 -18.93 26.82
N GLY C 190 -17.36 -20.01 26.83
CA GLY C 190 -17.29 -20.92 25.70
C GLY C 190 -18.59 -21.67 25.45
N THR C 191 -18.70 -22.25 24.26
CA THR C 191 -19.99 -22.79 23.81
C THR C 191 -20.46 -23.98 24.63
N ASP C 192 -19.56 -24.66 25.33
CA ASP C 192 -19.95 -25.69 26.31
C ASP C 192 -20.02 -25.20 27.76
N GLY C 193 -19.80 -23.90 27.98
CA GLY C 193 -19.99 -23.31 29.31
C GLY C 193 -18.72 -22.91 30.05
N ASN C 194 -17.57 -23.05 29.41
CA ASN C 194 -16.31 -22.73 30.08
C ASN C 194 -16.20 -21.23 30.29
N LEU C 195 -16.21 -20.81 31.55
CA LEU C 195 -16.10 -19.40 31.90
C LEU C 195 -14.64 -18.94 32.00
N LYS C 196 -13.75 -19.87 32.36
CA LYS C 196 -12.36 -19.52 32.56
C LYS C 196 -11.72 -18.90 31.32
N ILE C 197 -12.11 -19.33 30.13
CA ILE C 197 -11.59 -18.71 28.91
C ILE C 197 -11.91 -17.22 28.80
N ALA C 198 -13.06 -16.79 29.29
CA ALA C 198 -13.41 -15.37 29.27
C ALA C 198 -12.65 -14.59 30.33
N ILE C 199 -12.47 -15.21 31.49
CA ILE C 199 -11.71 -14.60 32.58
C ILE C 199 -10.26 -14.43 32.13
N ASP C 200 -9.71 -15.49 31.54
CA ASP C 200 -8.38 -15.45 30.94
C ASP C 200 -8.33 -14.34 29.88
N ALA C 201 -9.38 -14.24 29.06
CA ALA C 201 -9.42 -13.22 28.00
C ALA C 201 -9.32 -11.79 28.53
N ILE C 202 -9.97 -11.50 29.66
CA ILE C 202 -9.81 -10.16 30.27
C ILE C 202 -8.36 -9.91 30.65
N GLY C 203 -7.75 -10.91 31.25
CA GLY C 203 -6.34 -10.86 31.62
C GLY C 203 -5.48 -10.50 30.42
N ALA C 204 -5.69 -11.22 29.32
CA ALA C 204 -4.95 -10.98 28.09
C ALA C 204 -5.23 -9.62 27.47
N ALA C 205 -6.50 -9.27 27.31
CA ALA C 205 -6.86 -8.05 26.60
C ALA C 205 -6.54 -6.80 27.40
N SER C 206 -6.41 -6.91 28.72
CA SER C 206 -6.08 -5.75 29.55
C SER C 206 -4.62 -5.31 29.42
N HIS C 207 -3.79 -6.17 28.83
CA HIS C 207 -2.37 -5.89 28.67
C HIS C 207 -2.09 -5.37 27.28
N SER C 208 -0.93 -4.75 27.18
CA SER C 208 -0.37 -4.33 25.93
C SER C 208 0.00 -5.54 25.08
N HIS C 209 -0.21 -5.45 23.77
CA HIS C 209 0.23 -6.47 22.81
C HIS C 209 0.91 -5.82 21.62
N HIS C 210 1.78 -6.60 20.96
CA HIS C 210 2.36 -6.25 19.65
C HIS C 210 1.93 -7.32 18.66
N PHE C 211 1.38 -6.91 17.53
CA PHE C 211 0.93 -7.89 16.53
C PHE C 211 0.73 -7.21 15.20
N LEU C 212 0.40 -7.96 14.17
CA LEU C 212 0.14 -7.38 12.86
C LEU C 212 -1.32 -7.06 12.68
N SER C 213 -1.56 -5.91 12.06
CA SER C 213 -2.87 -5.37 11.80
C SER C 213 -2.77 -4.49 10.55
N VAL C 214 -3.88 -3.98 10.07
CA VAL C 214 -3.91 -3.22 8.84
C VAL C 214 -4.31 -1.80 9.18
N THR C 215 -3.62 -0.85 8.57
CA THR C 215 -3.79 0.56 8.86
C THR C 215 -5.06 1.11 8.18
N LYS C 216 -5.38 2.36 8.48
CA LYS C 216 -6.50 3.07 7.82
C LYS C 216 -6.25 3.21 6.31
N ALA C 217 -4.99 3.18 5.90
CA ALA C 217 -4.66 3.26 4.46
C ALA C 217 -4.68 1.91 3.74
N GLY C 218 -5.00 0.85 4.46
CA GLY C 218 -5.12 -0.48 3.87
C GLY C 218 -3.80 -1.23 3.77
N HIS C 219 -2.80 -0.80 4.54
CA HIS C 219 -1.53 -1.51 4.54
C HIS C 219 -1.26 -2.25 5.84
N SER C 220 -0.62 -3.42 5.75
CA SER C 220 -0.31 -4.20 6.94
C SER C 220 0.74 -3.45 7.71
N ALA C 221 0.71 -3.56 9.04
CA ALA C 221 1.65 -2.89 9.88
C ALA C 221 1.76 -3.57 11.24
N ILE C 222 2.85 -3.27 11.92
CA ILE C 222 3.02 -3.74 13.30
C ILE C 222 2.29 -2.75 14.18
N VAL C 223 1.37 -3.23 15.00
CA VAL C 223 0.70 -2.35 15.97
C VAL C 223 1.08 -2.70 17.41
N HIS C 224 1.12 -1.70 18.25
CA HIS C 224 1.41 -1.84 19.65
C HIS C 224 0.22 -1.27 20.39
N THR C 225 -0.57 -2.12 21.04
CA THR C 225 -1.78 -1.65 21.74
C THR C 225 -1.45 -1.32 23.20
N GLY C 226 -2.33 -0.54 23.81
CA GLY C 226 -2.16 -0.13 25.19
C GLY C 226 -2.88 -0.96 26.22
N GLY C 227 -3.66 -1.96 25.79
CA GLY C 227 -4.49 -2.75 26.71
C GLY C 227 -5.86 -2.09 26.90
N ASN C 228 -6.87 -2.92 27.13
CA ASN C 228 -8.28 -2.45 27.33
C ASN C 228 -8.72 -2.65 28.75
N PRO C 229 -8.90 -1.54 29.52
CA PRO C 229 -9.21 -1.64 30.95
C PRO C 229 -10.69 -1.88 31.25
N ASP C 230 -11.51 -1.92 30.21
CA ASP C 230 -12.96 -2.00 30.33
C ASP C 230 -13.62 -3.31 29.90
N CYS C 231 -12.87 -4.41 29.92
CA CYS C 231 -13.42 -5.73 29.62
C CYS C 231 -14.22 -6.37 30.78
N HIS C 232 -15.14 -7.26 30.43
CA HIS C 232 -15.92 -8.01 31.39
C HIS C 232 -16.40 -9.29 30.74
N VAL C 233 -16.92 -10.21 31.54
CA VAL C 233 -17.44 -11.46 30.98
C VAL C 233 -18.96 -11.40 30.72
N ILE C 234 -19.41 -12.33 29.90
CA ILE C 234 -20.80 -12.50 29.58
C ILE C 234 -21.14 -13.95 29.77
N LEU C 235 -22.17 -14.20 30.56
CA LEU C 235 -22.73 -15.54 30.75
C LEU C 235 -23.80 -15.79 29.69
N ARG C 236 -23.51 -16.73 28.78
CA ARG C 236 -24.42 -17.02 27.67
C ARG C 236 -24.84 -18.48 27.55
N GLY C 237 -24.68 -19.24 28.65
CA GLY C 237 -25.07 -20.67 28.67
C GLY C 237 -24.03 -21.60 28.07
N GLY C 238 -24.14 -22.88 28.41
CA GLY C 238 -23.28 -23.90 27.86
C GLY C 238 -24.09 -25.14 27.64
N LYS C 239 -23.59 -26.27 28.15
CA LYS C 239 -24.36 -27.49 28.20
C LYS C 239 -25.60 -27.30 29.05
N GLU C 240 -25.50 -26.47 30.07
CA GLU C 240 -26.67 -26.01 30.81
C GLU C 240 -26.64 -24.49 30.89
N PRO C 241 -27.82 -23.86 31.14
CA PRO C 241 -27.82 -22.41 31.24
C PRO C 241 -27.07 -21.97 32.48
N ASN C 242 -26.56 -20.74 32.45
CA ASN C 242 -25.79 -20.18 33.56
C ASN C 242 -26.24 -18.80 34.05
N TYR C 243 -27.49 -18.45 33.78
CA TYR C 243 -28.07 -17.18 34.22
C TYR C 243 -28.35 -16.97 35.71
N ASP C 244 -28.63 -18.05 36.43
CA ASP C 244 -29.23 -17.93 37.77
C ASP C 244 -28.26 -17.40 38.84
N ALA C 245 -28.80 -17.11 40.01
CA ALA C 245 -28.05 -16.54 41.14
C ALA C 245 -26.82 -17.37 41.51
N GLU C 246 -26.99 -18.71 41.58
CA GLU C 246 -25.91 -19.64 41.92
C GLU C 246 -24.76 -19.48 40.93
N HIS C 247 -25.10 -19.41 39.65
CA HIS C 247 -24.09 -19.31 38.60
C HIS C 247 -23.39 -17.94 38.63
N VAL C 248 -24.18 -16.89 38.87
CA VAL C 248 -23.64 -15.54 38.95
C VAL C 248 -22.68 -15.46 40.12
N SER C 249 -23.10 -16.02 41.27
CA SER C 249 -22.26 -16.04 42.44
C SER C 249 -20.96 -16.78 42.21
N GLU C 250 -21.03 -17.94 41.57
CA GLU C 250 -19.82 -18.73 41.28
C GLU C 250 -18.89 -17.94 40.34
N ALA C 251 -19.48 -17.30 39.34
CA ALA C 251 -18.67 -16.52 38.39
C ALA C 251 -17.95 -15.37 39.09
N ALA C 252 -18.68 -14.68 39.98
CA ALA C 252 -18.11 -13.52 40.68
C ALA C 252 -16.93 -13.93 41.56
N GLU C 253 -17.02 -15.08 42.25
CA GLU C 253 -15.90 -15.61 43.03
C GLU C 253 -14.68 -15.80 42.13
N GLN C 254 -14.90 -16.42 40.97
CA GLN C 254 -13.79 -16.71 40.05
C GLN C 254 -13.16 -15.45 39.48
N LEU C 255 -14.00 -14.47 39.20
CA LEU C 255 -13.51 -13.16 38.75
C LEU C 255 -12.64 -12.49 39.80
N ARG C 256 -13.10 -12.45 41.05
CA ARG C 256 -12.29 -11.87 42.12
C ARG C 256 -10.96 -12.63 42.30
N ALA C 257 -10.99 -13.96 42.23
CA ALA C 257 -9.78 -14.77 42.33
C ALA C 257 -8.73 -14.41 41.28
N ALA C 258 -9.19 -14.05 40.08
CA ALA C 258 -8.29 -13.69 39.01
C ALA C 258 -7.92 -12.21 39.03
N GLY C 259 -8.46 -11.46 39.97
CA GLY C 259 -8.11 -10.05 40.10
C GLY C 259 -8.69 -9.17 39.03
N VAL C 260 -9.84 -9.55 38.49
CA VAL C 260 -10.55 -8.73 37.49
C VAL C 260 -11.94 -8.38 37.96
N THR C 261 -12.59 -7.48 37.24
CA THR C 261 -13.91 -7.01 37.68
C THR C 261 -14.90 -8.15 37.81
N ASP C 262 -15.62 -8.13 38.94
CA ASP C 262 -16.64 -9.12 39.24
C ASP C 262 -18.04 -8.63 38.89
N LYS C 263 -18.12 -7.60 38.05
CA LYS C 263 -19.37 -7.16 37.46
C LYS C 263 -19.49 -7.79 36.08
N LEU C 264 -20.61 -8.46 35.84
CA LEU C 264 -20.77 -9.24 34.63
C LEU C 264 -22.11 -9.00 33.92
N MET C 265 -22.21 -9.54 32.71
CA MET C 265 -23.38 -9.40 31.87
C MET C 265 -23.98 -10.79 31.65
N ILE C 266 -25.29 -10.84 31.52
CA ILE C 266 -26.00 -12.10 31.29
C ILE C 266 -26.74 -11.97 29.98
N ASP C 267 -26.42 -12.89 29.06
CA ASP C 267 -27.14 -13.03 27.82
C ASP C 267 -28.43 -13.84 28.06
N CYS C 268 -29.57 -13.22 27.80
CA CYS C 268 -30.86 -13.87 27.87
C CYS C 268 -31.03 -14.95 26.79
N SER C 269 -30.43 -14.70 25.64
CA SER C 269 -30.57 -15.54 24.45
C SER C 269 -29.57 -16.69 24.35
N HIS C 270 -29.50 -17.29 23.17
CA HIS C 270 -28.53 -18.34 22.87
C HIS C 270 -28.63 -19.53 23.81
N ALA C 271 -27.51 -19.95 24.40
CA ALA C 271 -27.49 -21.13 25.25
C ALA C 271 -28.37 -20.98 26.50
N ASN C 272 -28.59 -19.75 26.94
CA ASN C 272 -29.40 -19.50 28.11
C ASN C 272 -30.92 -19.65 27.90
N SER C 273 -31.38 -19.38 26.68
CA SER C 273 -32.77 -19.59 26.31
C SER C 273 -32.95 -20.90 25.53
N ARG C 274 -31.85 -21.49 25.10
CA ARG C 274 -31.90 -22.74 24.36
C ARG C 274 -32.79 -22.64 23.12
N LYS C 275 -33.70 -23.58 22.95
CA LYS C 275 -34.49 -23.73 21.74
C LYS C 275 -35.79 -22.94 21.71
N ASP C 276 -36.05 -22.14 22.73
CA ASP C 276 -37.30 -21.34 22.77
C ASP C 276 -36.93 -19.85 22.91
N TYR C 277 -37.02 -19.07 21.83
CA TYR C 277 -36.67 -17.66 21.89
C TYR C 277 -37.52 -16.91 22.92
N THR C 278 -38.74 -17.39 23.21
CA THR C 278 -39.57 -16.73 24.20
C THR C 278 -39.11 -17.00 25.63
N ARG C 279 -38.18 -17.92 25.81
CA ARG C 279 -37.61 -18.18 27.12
C ARG C 279 -36.82 -16.97 27.59
N GLN C 280 -36.44 -16.11 26.66
CA GLN C 280 -35.70 -14.93 27.04
C GLN C 280 -36.41 -14.16 28.13
N MET C 281 -37.75 -14.07 28.07
CA MET C 281 -38.55 -13.42 29.10
C MET C 281 -38.38 -14.09 30.45
N GLU C 282 -38.42 -15.43 30.48
CA GLU C 282 -38.17 -16.18 31.72
C GLU C 282 -36.82 -15.85 32.32
N VAL C 283 -35.79 -15.80 31.46
CA VAL C 283 -34.45 -15.48 31.93
C VAL C 283 -34.44 -14.07 32.50
N ALA C 284 -35.07 -13.12 31.80
CA ALA C 284 -35.15 -11.75 32.27
C ALA C 284 -35.89 -11.63 33.59
N GLN C 285 -36.93 -12.43 33.76
CA GLN C 285 -37.67 -12.46 35.05
C GLN C 285 -36.83 -12.99 36.18
N ASP C 286 -36.01 -14.00 35.90
CA ASP C 286 -35.06 -14.51 36.88
C ASP C 286 -34.06 -13.41 37.26
N ILE C 287 -33.55 -12.72 36.26
CA ILE C 287 -32.61 -11.61 36.47
C ILE C 287 -33.27 -10.48 37.26
N ALA C 288 -34.51 -10.15 36.93
CA ALA C 288 -35.27 -9.14 37.69
C ALA C 288 -35.40 -9.53 39.14
N ALA C 289 -35.68 -10.80 39.40
CA ALA C 289 -35.78 -11.29 40.77
C ALA C 289 -34.41 -11.15 41.48
N GLN C 290 -33.31 -11.47 40.77
CA GLN C 290 -31.98 -11.30 41.36
C GLN C 290 -31.73 -9.84 41.73
N LEU C 291 -32.09 -8.94 40.83
CA LEU C 291 -31.90 -7.52 41.07
C LEU C 291 -32.67 -7.03 42.27
N GLU C 292 -33.88 -7.56 42.43
CA GLU C 292 -34.74 -7.20 43.54
C GLU C 292 -34.26 -7.77 44.88
N GLN C 293 -33.70 -8.98 44.88
CA GLN C 293 -33.17 -9.57 46.10
C GLN C 293 -31.80 -8.96 46.44
N ASP C 294 -30.91 -8.93 45.45
CA ASP C 294 -29.56 -8.40 45.62
C ASP C 294 -28.97 -8.03 44.27
N GLY C 295 -28.43 -9.03 43.58
CA GLY C 295 -27.90 -8.87 42.24
C GLY C 295 -26.78 -7.84 42.09
N GLY C 296 -25.93 -7.74 43.09
CA GLY C 296 -24.81 -6.79 43.06
C GLY C 296 -23.77 -6.97 41.98
N ASN C 297 -23.64 -8.19 41.45
CA ASN C 297 -22.62 -8.48 40.46
C ASN C 297 -23.09 -8.34 39.04
N ILE C 298 -24.36 -8.00 38.84
CA ILE C 298 -24.90 -7.87 37.50
C ILE C 298 -24.78 -6.42 37.04
N MET C 299 -24.12 -6.20 35.91
CA MET C 299 -24.05 -4.86 35.30
C MET C 299 -24.76 -4.78 33.96
N GLY C 300 -25.22 -5.91 33.43
CA GLY C 300 -25.84 -5.87 32.13
C GLY C 300 -26.52 -7.13 31.68
N VAL C 301 -27.36 -6.99 30.65
CA VAL C 301 -28.05 -8.09 30.00
C VAL C 301 -28.05 -7.92 28.49
N MET C 302 -28.17 -9.03 27.77
CA MET C 302 -28.30 -9.03 26.29
C MET C 302 -29.57 -9.74 25.94
N VAL C 303 -30.24 -9.19 24.95
CA VAL C 303 -31.56 -9.64 24.51
C VAL C 303 -31.61 -9.57 22.98
N GLU C 304 -32.08 -10.63 22.37
CA GLU C 304 -32.28 -10.69 20.94
C GLU C 304 -33.75 -10.40 20.65
N SER C 305 -33.92 -9.26 20.00
CA SER C 305 -35.20 -8.61 19.84
C SER C 305 -35.26 -8.02 18.44
N HIS C 306 -36.44 -8.06 17.82
CA HIS C 306 -36.64 -7.46 16.50
C HIS C 306 -38.05 -6.92 16.44
N LEU C 307 -38.42 -6.36 15.29
CA LEU C 307 -39.77 -5.82 15.10
C LEU C 307 -40.80 -6.93 15.22
N VAL C 308 -40.47 -8.06 14.62
CA VAL C 308 -41.31 -9.23 14.55
C VAL C 308 -40.59 -10.46 15.08
N GLU C 309 -41.30 -11.29 15.85
CA GLU C 309 -40.67 -12.42 16.55
C GLU C 309 -40.31 -13.56 15.61
N GLY C 310 -39.42 -14.44 16.07
CA GLY C 310 -39.15 -15.69 15.38
C GLY C 310 -37.93 -15.56 14.47
N ARG C 311 -37.88 -16.42 13.45
CA ARG C 311 -36.82 -16.35 12.45
C ARG C 311 -37.30 -16.97 11.17
N GLN C 312 -36.52 -16.77 10.11
CA GLN C 312 -36.87 -17.27 8.79
C GLN C 312 -35.59 -17.54 8.01
N ASP C 313 -35.63 -18.50 7.11
CA ASP C 313 -34.44 -18.83 6.35
C ASP C 313 -34.17 -17.78 5.29
N LYS C 314 -35.22 -17.28 4.64
CA LYS C 314 -35.08 -16.28 3.57
C LYS C 314 -35.68 -14.98 4.08
N PRO C 315 -35.20 -13.84 3.58
CA PRO C 315 -35.67 -12.55 4.09
C PRO C 315 -36.99 -12.14 3.47
N GLU C 316 -38.03 -12.93 3.70
CA GLU C 316 -39.33 -12.71 3.08
C GLU C 316 -40.17 -11.73 3.93
N VAL C 317 -40.17 -11.90 5.25
CA VAL C 317 -40.94 -11.04 6.14
C VAL C 317 -40.05 -9.91 6.64
N TYR C 318 -40.54 -8.68 6.53
CA TYR C 318 -39.86 -7.46 7.00
C TYR C 318 -39.70 -7.49 8.51
N GLY C 319 -38.52 -7.10 8.99
CA GLY C 319 -38.24 -6.99 10.43
C GLY C 319 -38.22 -8.29 11.22
N LYS C 320 -37.88 -9.39 10.55
CA LYS C 320 -37.82 -10.70 11.15
C LYS C 320 -36.46 -11.31 10.87
N SER C 321 -35.83 -11.79 11.93
CA SER C 321 -34.45 -12.30 11.86
C SER C 321 -34.26 -13.43 10.82
N ILE C 322 -33.15 -13.38 10.11
CA ILE C 322 -32.73 -14.49 9.28
C ILE C 322 -31.62 -15.32 9.94
N THR C 323 -31.26 -14.96 11.17
CA THR C 323 -30.31 -15.76 11.96
C THR C 323 -31.01 -16.30 13.21
N ASP C 324 -30.51 -16.02 14.41
CA ASP C 324 -31.15 -16.62 15.59
C ASP C 324 -32.54 -15.96 15.78
N ALA C 325 -33.49 -16.73 16.29
CA ALA C 325 -34.85 -16.21 16.52
C ALA C 325 -34.84 -15.13 17.62
N CYS C 326 -35.71 -14.12 17.47
CA CYS C 326 -35.77 -13.00 18.38
C CYS C 326 -37.16 -12.85 18.92
N ILE C 327 -37.27 -12.22 20.09
CA ILE C 327 -38.57 -11.79 20.57
C ILE C 327 -39.04 -10.60 19.72
N GLY C 328 -40.35 -10.38 19.69
CA GLY C 328 -40.93 -9.29 18.89
C GLY C 328 -41.09 -8.01 19.69
N TRP C 329 -41.70 -7.01 19.08
CA TRP C 329 -41.71 -5.67 19.68
C TRP C 329 -42.51 -5.62 20.99
N GLY C 330 -43.71 -6.22 20.99
CA GLY C 330 -44.52 -6.23 22.19
C GLY C 330 -43.86 -6.86 23.40
N ALA C 331 -43.22 -8.01 23.18
CA ALA C 331 -42.44 -8.68 24.23
C ALA C 331 -41.25 -7.82 24.71
N THR C 332 -40.68 -7.05 23.78
CA THR C 332 -39.57 -6.17 24.09
C THR C 332 -40.00 -5.08 25.07
N GLU C 333 -41.18 -4.47 24.85
CA GLU C 333 -41.69 -3.51 25.80
C GLU C 333 -41.86 -4.10 27.18
N GLU C 334 -42.43 -5.29 27.25
CA GLU C 334 -42.65 -5.92 28.55
C GLU C 334 -41.33 -6.20 29.24
N LEU C 335 -40.38 -6.71 28.47
CA LEU C 335 -39.08 -7.12 29.03
C LEU C 335 -38.35 -5.90 29.55
N LEU C 336 -38.35 -4.81 28.81
CA LEU C 336 -37.68 -3.61 29.27
C LEU C 336 -38.37 -2.97 30.48
N ALA C 337 -39.71 -2.94 30.50
CA ALA C 337 -40.42 -2.43 31.67
C ALA C 337 -40.10 -3.23 32.89
N LEU C 338 -40.06 -4.54 32.73
CA LEU C 338 -39.72 -5.45 33.83
C LEU C 338 -38.34 -5.14 34.41
N LEU C 339 -37.36 -5.03 33.54
CA LEU C 339 -35.99 -4.81 34.00
C LEU C 339 -35.81 -3.41 34.59
N ALA C 340 -36.44 -2.41 34.00
CA ALA C 340 -36.39 -1.07 34.58
C ALA C 340 -36.98 -1.01 35.99
N GLY C 341 -38.15 -1.63 36.19
CA GLY C 341 -38.79 -1.64 37.49
C GLY C 341 -37.96 -2.33 38.54
N ALA C 342 -37.37 -3.45 38.18
CA ALA C 342 -36.52 -4.23 39.10
C ALA C 342 -35.23 -3.47 39.46
N ASN C 343 -34.59 -2.88 38.45
CA ASN C 343 -33.35 -2.14 38.72
C ASN C 343 -33.57 -0.82 39.42
N LYS C 344 -34.73 -0.21 39.26
CA LYS C 344 -35.04 0.98 40.02
C LYS C 344 -34.93 0.66 41.53
N LYS C 345 -35.43 -0.50 41.92
CA LYS C 345 -35.38 -0.94 43.32
C LYS C 345 -33.97 -1.25 43.76
N ARG C 346 -33.19 -1.95 42.94
CA ARG C 346 -31.80 -2.22 43.29
C ARG C 346 -31.05 -0.90 43.53
N MET C 347 -31.26 0.07 42.64
CA MET C 347 -30.56 1.35 42.72
C MET C 347 -30.92 2.16 43.97
N ALA C 348 -32.16 2.04 44.43
CA ALA C 348 -32.61 2.74 45.65
C ALA C 348 -32.04 2.14 46.93
N ARG C 349 -31.69 0.86 46.93
CA ARG C 349 -31.38 0.15 48.16
C ARG C 349 -30.14 0.66 48.89
N LYS D 16 10.36 0.76 13.40
CA LYS D 16 10.54 -0.11 12.19
C LYS D 16 9.17 -0.36 11.56
N GLU D 17 8.99 0.04 10.29
CA GLU D 17 7.80 -0.38 9.52
C GLU D 17 7.85 -1.83 9.07
N LEU D 18 6.67 -2.45 8.92
CA LEU D 18 6.57 -3.84 8.47
C LEU D 18 6.92 -4.07 7.00
N LEU D 19 7.91 -4.92 6.73
CA LEU D 19 8.20 -5.28 5.37
C LEU D 19 7.16 -6.25 4.84
N PRO D 20 6.75 -6.08 3.59
CA PRO D 20 5.76 -6.96 3.03
C PRO D 20 6.36 -8.29 2.67
N PRO D 21 5.53 -9.35 2.51
CA PRO D 21 6.06 -10.65 2.11
C PRO D 21 7.04 -10.61 0.93
N ILE D 22 6.73 -9.83 -0.10
CA ILE D 22 7.64 -9.78 -1.27
C ILE D 22 9.10 -9.44 -0.97
N ALA D 23 9.35 -8.67 0.07
CA ALA D 23 10.73 -8.37 0.48
C ALA D 23 11.46 -9.65 0.91
N HIS D 24 10.79 -10.47 1.71
CA HIS D 24 11.39 -11.71 2.18
C HIS D 24 11.49 -12.73 1.05
N LEU D 25 10.47 -12.81 0.22
CA LEU D 25 10.50 -13.71 -0.93
C LEU D 25 11.63 -13.38 -1.88
N TYR D 26 11.93 -12.08 -2.03
CA TYR D 26 13.02 -11.63 -2.86
C TYR D 26 14.37 -12.09 -2.34
N GLU D 27 14.58 -11.97 -1.03
CA GLU D 27 15.83 -12.37 -0.43
C GLU D 27 15.94 -13.88 -0.29
N LEU D 28 14.81 -14.56 -0.11
CA LEU D 28 14.79 -15.99 0.17
C LEU D 28 13.77 -16.70 -0.73
N PRO D 29 14.01 -16.70 -2.04
CA PRO D 29 13.09 -17.41 -2.92
C PRO D 29 13.10 -18.94 -2.66
N ILE D 30 11.96 -19.59 -2.84
CA ILE D 30 11.93 -21.04 -2.67
C ILE D 30 12.77 -21.70 -3.75
N SER D 31 13.59 -22.66 -3.37
CA SER D 31 14.40 -23.38 -4.33
C SER D 31 13.58 -24.47 -5.02
N LYS D 32 14.09 -24.99 -6.14
CA LYS D 32 13.44 -26.10 -6.80
C LYS D 32 13.32 -27.31 -5.88
N GLU D 33 14.37 -27.59 -5.11
CA GLU D 33 14.39 -28.76 -4.24
C GLU D 33 13.35 -28.61 -3.13
N ALA D 34 13.31 -27.44 -2.52
CA ALA D 34 12.34 -27.19 -1.46
C ALA D 34 10.91 -27.25 -2.02
N SER D 35 10.71 -26.64 -3.17
CA SER D 35 9.41 -26.65 -3.80
C SER D 35 8.91 -28.08 -4.07
N GLY D 36 9.80 -28.93 -4.57
CA GLY D 36 9.48 -30.33 -4.84
C GLY D 36 9.18 -31.14 -3.58
N LEU D 37 9.95 -30.90 -2.52
CA LEU D 37 9.73 -31.58 -1.27
C LEU D 37 8.37 -31.22 -0.68
N VAL D 38 8.07 -29.93 -0.66
CA VAL D 38 6.78 -29.47 -0.14
C VAL D 38 5.63 -30.08 -0.94
N HIS D 39 5.72 -30.00 -2.27
CA HIS D 39 4.67 -30.51 -3.16
C HIS D 39 4.43 -32.01 -2.93
N ARG D 40 5.51 -32.76 -2.88
N ARG D 40 5.49 -32.80 -2.91
CA ARG D 40 5.40 -34.21 -2.74
CA ARG D 40 5.29 -34.23 -2.74
C ARG D 40 4.93 -34.59 -1.33
C ARG D 40 4.83 -34.56 -1.31
N THR D 41 5.39 -33.88 -0.31
CA THR D 41 5.00 -34.20 1.07
C THR D 41 3.52 -33.91 1.26
N ARG D 42 3.04 -32.79 0.72
CA ARG D 42 1.62 -32.45 0.81
C ARG D 42 0.75 -33.54 0.18
N GLN D 43 1.17 -33.99 -0.98
CA GLN D 43 0.48 -35.07 -1.65
C GLN D 43 0.50 -36.35 -0.85
N GLU D 44 1.66 -36.71 -0.32
CA GLU D 44 1.81 -37.93 0.48
C GLU D 44 0.87 -37.87 1.68
N ILE D 45 0.77 -36.69 2.29
CA ILE D 45 -0.09 -36.55 3.47
C ILE D 45 -1.56 -36.65 3.06
N SER D 46 -1.92 -36.04 1.94
CA SER D 46 -3.29 -36.13 1.41
C SER D 46 -3.67 -37.61 1.23
N ASP D 47 -2.76 -38.39 0.71
CA ASP D 47 -2.96 -39.82 0.59
C ASP D 47 -3.26 -40.52 1.92
N LEU D 48 -2.65 -40.06 3.01
CA LEU D 48 -2.92 -40.61 4.34
C LEU D 48 -4.28 -40.19 4.84
N VAL D 49 -4.58 -38.91 4.63
CA VAL D 49 -5.83 -38.32 5.06
C VAL D 49 -7.02 -39.06 4.44
N HIS D 50 -6.87 -39.47 3.19
CA HIS D 50 -7.95 -40.10 2.44
C HIS D 50 -7.82 -41.61 2.34
N GLY D 51 -6.98 -42.22 3.18
CA GLY D 51 -6.90 -43.65 3.26
C GLY D 51 -6.25 -44.36 2.09
N ARG D 52 -5.51 -43.64 1.24
CA ARG D 52 -4.87 -44.25 0.07
C ARG D 52 -3.51 -44.86 0.41
N ASP D 53 -2.93 -44.50 1.54
CA ASP D 53 -1.66 -45.05 1.98
C ASP D 53 -1.75 -45.26 3.48
N LYS D 54 -1.15 -46.32 3.99
CA LYS D 54 -1.29 -46.70 5.40
C LYS D 54 -0.05 -46.39 6.24
N ARG D 55 0.88 -45.61 5.70
CA ARG D 55 1.97 -45.09 6.51
C ARG D 55 1.41 -44.15 7.56
N LEU D 56 2.15 -43.96 8.63
CA LEU D 56 1.72 -43.14 9.73
C LEU D 56 2.44 -41.80 9.64
N LEU D 57 1.68 -40.71 9.55
CA LEU D 57 2.27 -39.38 9.58
C LEU D 57 2.75 -39.15 11.01
N VAL D 58 4.00 -38.70 11.16
CA VAL D 58 4.51 -38.34 12.48
C VAL D 58 4.97 -36.87 12.49
N ILE D 59 4.20 -36.03 13.17
CA ILE D 59 4.52 -34.59 13.33
C ILE D 59 5.29 -34.53 14.63
N ILE D 60 6.61 -34.36 14.55
CA ILE D 60 7.47 -34.49 15.73
C ILE D 60 8.55 -33.41 15.78
N GLY D 61 8.77 -32.86 16.97
CA GLY D 61 9.74 -31.83 17.18
C GLY D 61 9.37 -30.93 18.33
N PRO D 62 10.07 -29.81 18.48
CA PRO D 62 9.87 -28.91 19.61
C PRO D 62 8.47 -28.37 19.73
N CYS D 63 8.11 -28.01 20.94
CA CYS D 63 6.86 -27.32 21.17
C CYS D 63 6.91 -26.01 20.35
N SER D 64 8.05 -25.31 20.49
CA SER D 64 8.27 -24.03 19.85
C SER D 64 9.72 -23.94 19.40
N ILE D 65 9.95 -23.21 18.31
CA ILE D 65 11.32 -22.89 17.89
C ILE D 65 11.72 -21.59 18.55
N HIS D 66 12.85 -21.61 19.27
CA HIS D 66 13.42 -20.39 19.83
C HIS D 66 14.88 -20.15 19.45
N ASP D 67 15.50 -21.17 18.86
CA ASP D 67 16.89 -21.10 18.41
C ASP D 67 17.04 -21.87 17.11
N PRO D 68 17.35 -21.18 16.01
CA PRO D 68 17.52 -21.86 14.74
C PRO D 68 18.67 -22.84 14.67
N LYS D 69 19.74 -22.56 15.38
CA LYS D 69 20.89 -23.46 15.40
C LYS D 69 20.51 -24.85 15.97
N ALA D 70 19.87 -24.86 17.12
CA ALA D 70 19.38 -26.12 17.69
C ALA D 70 18.36 -26.79 16.80
N ALA D 71 17.50 -26.02 16.15
CA ALA D 71 16.48 -26.62 15.30
C ALA D 71 17.12 -27.36 14.12
N LEU D 72 18.20 -26.80 13.57
CA LEU D 72 18.91 -27.42 12.45
C LEU D 72 19.64 -28.67 12.89
N GLU D 73 20.20 -28.65 14.08
CA GLU D 73 20.84 -29.85 14.61
C GLU D 73 19.80 -30.95 14.84
N TYR D 74 18.67 -30.58 15.45
CA TYR D 74 17.59 -31.53 15.65
C TYR D 74 17.18 -32.13 14.30
N ALA D 75 16.97 -31.26 13.34
CA ALA D 75 16.51 -31.70 12.03
C ALA D 75 17.45 -32.70 11.36
N GLU D 76 18.76 -32.45 11.50
CA GLU D 76 19.76 -33.35 10.92
C GLU D 76 19.67 -34.75 11.56
N ARG D 77 19.45 -34.82 12.87
CA ARG D 77 19.24 -36.12 13.52
C ARG D 77 17.94 -36.77 13.07
N LEU D 78 16.87 -36.00 13.02
CA LEU D 78 15.57 -36.54 12.65
C LEU D 78 15.53 -37.01 11.19
N LEU D 79 16.26 -36.34 10.32
CA LEU D 79 16.33 -36.75 8.92
C LEU D 79 16.77 -38.22 8.76
N LYS D 80 17.74 -38.67 9.55
CA LYS D 80 18.24 -40.04 9.44
C LYS D 80 17.14 -41.04 9.76
N LEU D 81 16.32 -40.70 10.74
CA LEU D 81 15.21 -41.56 11.11
C LEU D 81 14.04 -41.44 10.11
N ARG D 82 13.83 -40.25 9.58
CA ARG D 82 12.88 -40.04 8.48
C ARG D 82 13.13 -40.97 7.32
N LYS D 83 14.40 -41.07 6.94
CA LYS D 83 14.84 -41.95 5.86
C LYS D 83 14.75 -43.42 6.27
N GLN D 84 15.27 -43.76 7.45
CA GLN D 84 15.26 -45.15 7.92
C GLN D 84 13.85 -45.74 7.95
N TYR D 85 12.87 -44.93 8.35
CA TYR D 85 11.51 -45.42 8.59
C TYR D 85 10.53 -45.11 7.47
N GLU D 86 11.05 -44.71 6.31
CA GLU D 86 10.18 -44.11 5.27
C GLU D 86 9.12 -45.04 4.69
N ASN D 87 9.30 -46.34 4.84
CA ASN D 87 8.27 -47.28 4.38
C ASN D 87 7.12 -47.45 5.36
N GLU D 88 7.34 -47.07 6.62
CA GLU D 88 6.35 -47.20 7.69
C GLU D 88 5.81 -45.88 8.20
N LEU D 89 6.67 -44.88 8.23
CA LEU D 89 6.37 -43.58 8.81
C LEU D 89 6.69 -42.48 7.82
N LEU D 90 5.87 -41.44 7.87
CA LEU D 90 6.15 -40.21 7.16
C LEU D 90 6.47 -39.17 8.22
N ILE D 91 7.74 -38.91 8.40
CA ILE D 91 8.22 -38.01 9.45
C ILE D 91 8.36 -36.58 8.94
N VAL D 92 7.70 -35.65 9.65
CA VAL D 92 7.71 -34.23 9.35
C VAL D 92 8.01 -33.50 10.65
N MET D 93 8.90 -32.52 10.61
CA MET D 93 9.29 -31.81 11.81
C MET D 93 8.30 -30.75 12.27
N ARG D 94 8.10 -30.65 13.59
CA ARG D 94 7.41 -29.52 14.20
C ARG D 94 8.32 -28.32 14.14
N VAL D 95 7.87 -27.27 13.47
CA VAL D 95 8.60 -26.01 13.36
C VAL D 95 7.60 -24.88 13.67
N TYR D 96 7.23 -24.77 14.95
CA TYR D 96 6.14 -23.87 15.38
C TYR D 96 6.69 -22.48 15.73
N PHE D 97 6.20 -21.47 15.01
CA PHE D 97 6.65 -20.10 15.20
C PHE D 97 5.69 -19.21 15.97
N GLU D 98 4.46 -19.71 16.19
CA GLU D 98 3.39 -18.94 16.82
C GLU D 98 2.73 -19.75 17.92
N LYS D 99 2.72 -19.18 19.15
CA LYS D 99 2.27 -19.88 20.34
C LYS D 99 1.08 -19.17 21.00
N PRO D 100 -0.02 -19.90 21.21
CA PRO D 100 -1.15 -19.33 21.94
C PRO D 100 -0.94 -19.43 23.44
N ARG D 101 -1.07 -18.31 24.16
CA ARG D 101 -0.89 -18.30 25.60
C ARG D 101 -2.24 -18.30 26.30
N THR D 102 -2.25 -18.82 27.51
CA THR D 102 -3.46 -18.87 28.32
C THR D 102 -3.95 -17.46 28.64
N THR D 103 -3.01 -16.59 29.01
CA THR D 103 -3.32 -15.18 29.12
C THR D 103 -2.28 -14.39 28.33
N VAL D 104 -1.12 -14.23 28.94
CA VAL D 104 -0.03 -13.49 28.33
C VAL D 104 1.27 -14.28 28.45
N GLY D 105 2.22 -13.98 27.59
CA GLY D 105 3.50 -14.67 27.56
C GLY D 105 4.13 -14.61 26.20
N TRP D 106 5.28 -15.26 26.04
CA TRP D 106 6.01 -15.23 24.79
C TRP D 106 5.19 -15.92 23.70
N LYS D 107 4.87 -15.19 22.63
CA LYS D 107 4.08 -15.77 21.53
C LYS D 107 4.87 -16.43 20.40
N GLY D 108 6.18 -16.56 20.56
CA GLY D 108 6.97 -17.30 19.59
C GLY D 108 8.02 -16.49 18.87
N LEU D 109 8.75 -17.18 18.00
CA LEU D 109 9.92 -16.62 17.36
C LEU D 109 9.58 -15.43 16.44
N ILE D 110 8.47 -15.53 15.72
CA ILE D 110 8.08 -14.41 14.82
C ILE D 110 7.76 -13.16 15.64
N ASN D 111 6.95 -13.30 16.68
CA ASN D 111 6.49 -12.15 17.46
C ASN D 111 7.60 -11.46 18.24
N ASP D 112 8.48 -12.26 18.84
CA ASP D 112 9.55 -11.74 19.67
C ASP D 112 10.82 -12.58 19.52
N PRO D 113 11.48 -12.50 18.37
CA PRO D 113 12.64 -13.39 18.14
C PRO D 113 13.82 -13.25 19.08
N HIS D 114 14.06 -12.07 19.63
CA HIS D 114 15.19 -11.89 20.55
C HIS D 114 14.87 -12.30 21.99
N LEU D 115 13.63 -12.73 22.21
CA LEU D 115 13.22 -13.30 23.49
C LEU D 115 13.38 -12.30 24.62
N ASP D 116 13.34 -11.02 24.30
CA ASP D 116 13.56 -9.98 25.29
C ASP D 116 12.48 -8.90 25.36
N GLY D 117 11.32 -9.18 24.79
CA GLY D 117 10.29 -8.14 24.71
C GLY D 117 10.64 -6.96 23.83
N THR D 118 11.40 -7.19 22.77
CA THR D 118 11.64 -6.14 21.76
C THR D 118 10.69 -6.24 20.55
N PHE D 119 10.06 -7.40 20.34
CA PHE D 119 9.06 -7.56 19.28
C PHE D 119 9.56 -7.17 17.90
N ASP D 120 10.74 -7.69 17.53
CA ASP D 120 11.36 -7.39 16.25
C ASP D 120 10.80 -8.32 15.19
N ILE D 121 9.58 -8.03 14.76
CA ILE D 121 8.82 -8.94 13.90
C ILE D 121 9.45 -9.06 12.50
N ASN D 122 10.05 -8.00 11.98
CA ASN D 122 10.68 -8.10 10.68
C ASN D 122 11.79 -9.15 10.74
N PHE D 123 12.59 -9.11 11.80
CA PHE D 123 13.72 -10.03 11.99
C PHE D 123 13.15 -11.45 12.20
N GLY D 124 12.06 -11.53 12.95
CA GLY D 124 11.38 -12.79 13.24
C GLY D 124 10.86 -13.49 12.01
N LEU D 125 10.20 -12.74 11.12
CA LEU D 125 9.69 -13.31 9.88
C LEU D 125 10.85 -13.75 8.98
N ARG D 126 11.87 -12.92 8.87
CA ARG D 126 13.07 -13.28 8.10
C ARG D 126 13.69 -14.59 8.63
N GLN D 127 13.88 -14.64 9.92
CA GLN D 127 14.52 -15.79 10.53
C GLN D 127 13.63 -17.05 10.36
N ALA D 128 12.32 -16.89 10.51
CA ALA D 128 11.40 -18.02 10.28
C ALA D 128 11.53 -18.56 8.85
N ARG D 129 11.47 -17.68 7.87
CA ARG D 129 11.56 -18.09 6.47
C ARG D 129 12.90 -18.74 6.20
N SER D 130 13.96 -18.13 6.69
CA SER D 130 15.32 -18.67 6.48
C SER D 130 15.46 -20.08 7.03
N LEU D 131 15.02 -20.29 8.25
CA LEU D 131 15.04 -21.64 8.84
C LEU D 131 14.22 -22.66 8.02
N LEU D 132 13.00 -22.26 7.62
CA LEU D 132 12.17 -23.17 6.82
C LEU D 132 12.79 -23.51 5.48
N LEU D 133 13.43 -22.53 4.86
CA LEU D 133 14.10 -22.79 3.60
C LEU D 133 15.28 -23.77 3.78
N SER D 134 16.10 -23.53 4.81
CA SER D 134 17.19 -24.43 5.12
C SER D 134 16.72 -25.86 5.44
N LEU D 135 15.63 -25.99 6.18
CA LEU D 135 15.08 -27.32 6.52
C LEU D 135 14.64 -28.06 5.25
N ASN D 136 13.83 -27.39 4.43
CA ASN D 136 13.37 -28.03 3.21
C ASN D 136 14.54 -28.38 2.26
N ASN D 137 15.52 -27.49 2.14
CA ASN D 137 16.72 -27.76 1.34
C ASN D 137 17.51 -28.98 1.83
N MET D 138 17.53 -29.25 3.12
CA MET D 138 18.24 -30.43 3.62
C MET D 138 17.43 -31.73 3.51
N GLY D 139 16.15 -31.64 3.15
CA GLY D 139 15.31 -32.82 2.97
C GLY D 139 14.26 -33.03 4.07
N MET D 140 14.15 -32.08 5.00
CA MET D 140 13.23 -32.20 6.13
C MET D 140 12.04 -31.31 5.93
N PRO D 141 10.88 -31.91 5.66
CA PRO D 141 9.69 -31.06 5.58
C PRO D 141 9.26 -30.49 6.94
N ALA D 142 8.45 -29.45 6.88
CA ALA D 142 8.07 -28.70 8.10
C ALA D 142 6.58 -28.53 8.28
N SER D 143 6.20 -28.41 9.55
CA SER D 143 4.83 -28.21 10.00
C SER D 143 4.81 -27.07 10.98
N THR D 144 3.64 -26.43 11.14
CA THR D 144 3.51 -25.36 12.10
C THR D 144 2.05 -25.20 12.46
N GLU D 145 1.79 -24.52 13.57
CA GLU D 145 0.44 -24.03 13.87
C GLU D 145 0.27 -22.67 13.22
N PHE D 146 -0.83 -22.52 12.47
CA PHE D 146 -1.17 -21.22 11.86
C PHE D 146 -2.09 -20.50 12.82
N LEU D 147 -1.56 -19.54 13.53
CA LEU D 147 -2.29 -18.80 14.53
C LEU D 147 -2.68 -17.39 14.07
N ASP D 148 -1.72 -16.65 13.53
N ASP D 148 -1.71 -16.64 13.57
CA ASP D 148 -1.91 -15.28 13.06
CA ASP D 148 -1.93 -15.26 13.16
C ASP D 148 -2.49 -15.26 11.68
C ASP D 148 -2.45 -15.23 11.72
N MET D 149 -3.25 -14.21 11.37
CA MET D 149 -3.89 -14.12 10.06
C MET D 149 -2.98 -13.60 8.95
N ILE D 150 -1.96 -12.82 9.30
CA ILE D 150 -1.20 -12.04 8.28
C ILE D 150 0.18 -12.68 8.05
N THR D 151 0.71 -13.35 9.05
CA THR D 151 2.04 -13.95 8.92
C THR D 151 2.18 -15.08 7.87
N PRO D 152 1.11 -15.85 7.57
CA PRO D 152 1.31 -17.00 6.67
C PRO D 152 1.83 -16.68 5.28
N GLN D 153 1.49 -15.52 4.76
CA GLN D 153 1.97 -15.10 3.43
C GLN D 153 3.50 -15.06 3.35
N TYR D 154 4.14 -14.85 4.48
CA TYR D 154 5.60 -14.89 4.56
C TYR D 154 6.24 -16.26 4.36
N TYR D 155 5.64 -17.31 4.92
CA TYR D 155 6.28 -18.63 4.90
C TYR D 155 5.46 -19.86 4.45
N ALA D 156 4.19 -19.69 4.13
CA ALA D 156 3.29 -20.83 3.96
C ALA D 156 3.75 -21.78 2.87
N ASP D 157 4.38 -21.21 1.85
CA ASP D 157 4.93 -21.96 0.72
C ASP D 157 5.97 -23.00 1.13
N LEU D 158 6.51 -22.88 2.34
CA LEU D 158 7.49 -23.82 2.85
C LEU D 158 6.91 -24.82 3.85
N ILE D 159 5.58 -24.79 4.05
CA ILE D 159 4.94 -25.65 5.03
C ILE D 159 4.21 -26.82 4.33
N SER D 160 4.49 -28.06 4.80
CA SER D 160 3.89 -29.28 4.26
C SER D 160 2.61 -29.74 5.01
N TRP D 161 2.41 -29.26 6.23
CA TRP D 161 1.25 -29.58 7.05
C TRP D 161 1.04 -28.52 8.13
N GLY D 162 -0.20 -28.14 8.34
CA GLY D 162 -0.58 -27.09 9.28
C GLY D 162 -1.53 -27.57 10.34
N ALA D 163 -1.39 -27.01 11.54
CA ALA D 163 -2.35 -27.22 12.59
C ALA D 163 -3.15 -25.93 12.84
N ILE D 164 -4.44 -26.07 13.11
CA ILE D 164 -5.19 -25.01 13.75
C ILE D 164 -5.41 -25.47 15.19
N GLY D 165 -5.00 -24.65 16.14
CA GLY D 165 -4.97 -25.07 17.53
C GLY D 165 -6.28 -25.31 18.21
N ALA D 166 -6.20 -25.94 19.36
CA ALA D 166 -7.39 -26.28 20.14
C ALA D 166 -8.16 -25.02 20.48
N ARG D 167 -7.45 -23.93 20.68
CA ARG D 167 -8.04 -22.64 21.13
C ARG D 167 -8.65 -21.80 19.99
N THR D 168 -8.35 -22.21 18.77
CA THR D 168 -8.78 -21.50 17.57
C THR D 168 -9.55 -22.33 16.54
N THR D 169 -9.76 -23.61 16.83
CA THR D 169 -10.44 -24.50 15.88
C THR D 169 -11.88 -24.05 15.62
N GLU D 170 -12.54 -23.53 16.66
CA GLU D 170 -13.95 -23.07 16.56
C GLU D 170 -14.06 -21.72 15.90
N SER D 171 -12.94 -21.03 15.74
CA SER D 171 -12.91 -19.66 15.20
C SER D 171 -13.14 -19.61 13.69
N GLN D 172 -14.10 -18.80 13.27
CA GLN D 172 -14.38 -18.73 11.86
C GLN D 172 -13.25 -18.17 11.04
N VAL D 173 -12.46 -17.25 11.59
CA VAL D 173 -11.38 -16.66 10.82
C VAL D 173 -10.27 -17.67 10.58
N HIS D 174 -10.11 -18.63 11.51
CA HIS D 174 -9.11 -19.67 11.37
C HIS D 174 -9.59 -20.73 10.37
N ARG D 175 -10.88 -21.02 10.36
CA ARG D 175 -11.46 -21.92 9.37
C ARG D 175 -11.35 -21.32 7.96
N GLU D 176 -11.60 -20.01 7.85
CA GLU D 176 -11.35 -19.30 6.60
C GLU D 176 -9.89 -19.43 6.12
N LEU D 177 -8.96 -19.13 6.99
CA LEU D 177 -7.53 -19.27 6.70
C LEU D 177 -7.22 -20.66 6.14
N ALA D 178 -7.64 -21.69 6.87
CA ALA D 178 -7.40 -23.06 6.48
C ALA D 178 -7.96 -23.38 5.11
N SER D 179 -9.11 -22.81 4.79
CA SER D 179 -9.76 -23.04 3.51
C SER D 179 -8.94 -22.58 2.29
N GLY D 180 -7.99 -21.66 2.51
CA GLY D 180 -7.13 -21.15 1.45
C GLY D 180 -5.70 -21.64 1.51
N LEU D 181 -5.35 -22.44 2.52
CA LEU D 181 -4.01 -23.01 2.60
C LEU D 181 -3.83 -24.15 1.60
N SER D 182 -2.61 -24.30 1.06
CA SER D 182 -2.33 -25.31 0.07
C SER D 182 -1.81 -26.60 0.67
N CYS D 183 -1.65 -26.63 1.98
CA CYS D 183 -1.25 -27.84 2.68
C CYS D 183 -2.43 -28.46 3.39
N PRO D 184 -2.34 -29.77 3.66
CA PRO D 184 -3.29 -30.39 4.56
C PRO D 184 -3.28 -29.69 5.92
N VAL D 185 -4.40 -29.75 6.61
CA VAL D 185 -4.58 -29.07 7.89
C VAL D 185 -5.27 -29.99 8.89
N GLY D 186 -4.74 -30.04 10.08
CA GLY D 186 -5.34 -30.75 11.20
C GLY D 186 -6.01 -29.78 12.17
N PHE D 187 -7.27 -30.03 12.46
CA PHE D 187 -8.01 -29.25 13.45
C PHE D 187 -8.03 -30.02 14.73
N LYS D 188 -7.74 -29.35 15.82
CA LYS D 188 -7.67 -30.01 17.11
C LYS D 188 -8.99 -29.89 17.90
N ASN D 189 -9.30 -30.91 18.66
CA ASN D 189 -10.45 -30.81 19.56
C ASN D 189 -10.23 -29.68 20.56
N GLY D 190 -11.30 -29.17 21.12
CA GLY D 190 -11.23 -28.04 22.03
C GLY D 190 -10.53 -28.37 23.32
N THR D 191 -10.15 -27.33 24.07
CA THR D 191 -9.33 -27.56 25.26
C THR D 191 -9.99 -28.34 26.38
N ASP D 192 -11.32 -28.36 26.43
CA ASP D 192 -12.03 -29.21 27.35
C ASP D 192 -12.48 -30.57 26.75
N GLY D 193 -12.14 -30.84 25.49
CA GLY D 193 -12.36 -32.16 24.87
C GLY D 193 -13.41 -32.21 23.79
N ASN D 194 -13.97 -31.06 23.42
CA ASN D 194 -15.03 -31.05 22.42
C ASN D 194 -14.49 -31.37 21.03
N LEU D 195 -14.88 -32.51 20.48
CA LEU D 195 -14.44 -32.96 19.14
C LEU D 195 -15.30 -32.34 18.04
N LYS D 196 -16.57 -32.08 18.34
CA LYS D 196 -17.48 -31.59 17.32
C LYS D 196 -16.99 -30.29 16.66
N ILE D 197 -16.33 -29.42 17.41
CA ILE D 197 -15.79 -28.18 16.82
C ILE D 197 -14.75 -28.44 15.72
N ALA D 198 -13.96 -29.52 15.84
CA ALA D 198 -13.00 -29.88 14.81
C ALA D 198 -13.66 -30.54 13.60
N ILE D 199 -14.65 -31.36 13.86
CA ILE D 199 -15.46 -31.94 12.79
C ILE D 199 -16.16 -30.81 12.02
N ASP D 200 -16.78 -29.90 12.76
CA ASP D 200 -17.44 -28.73 12.15
C ASP D 200 -16.40 -27.99 11.35
N ALA D 201 -15.19 -27.85 11.88
CA ALA D 201 -14.13 -27.07 11.21
C ALA D 201 -13.75 -27.65 9.84
N ILE D 202 -13.71 -28.97 9.72
CA ILE D 202 -13.46 -29.60 8.42
C ILE D 202 -14.55 -29.23 7.44
N GLY D 203 -15.80 -29.29 7.91
CA GLY D 203 -16.96 -28.90 7.11
C GLY D 203 -16.78 -27.48 6.59
N ALA D 204 -16.45 -26.55 7.48
CA ALA D 204 -16.20 -25.16 7.09
C ALA D 204 -15.04 -25.00 6.14
N ALA D 205 -13.88 -25.55 6.49
CA ALA D 205 -12.66 -25.28 5.73
C ALA D 205 -12.62 -25.98 4.38
N SER D 206 -13.43 -27.01 4.22
CA SER D 206 -13.52 -27.72 2.94
C SER D 206 -14.29 -26.93 1.89
N HIS D 207 -15.01 -25.89 2.32
CA HIS D 207 -15.79 -25.06 1.39
C HIS D 207 -15.01 -23.80 1.03
N SER D 208 -15.45 -23.22 -0.07
CA SER D 208 -15.01 -21.92 -0.51
C SER D 208 -15.47 -20.82 0.48
N HIS D 209 -14.61 -19.83 0.70
CA HIS D 209 -14.95 -18.65 1.51
C HIS D 209 -14.50 -17.39 0.79
N HIS D 210 -15.15 -16.28 1.12
CA HIS D 210 -14.71 -14.95 0.76
C HIS D 210 -14.44 -14.21 2.04
N PHE D 211 -13.29 -13.55 2.14
CA PHE D 211 -12.96 -12.80 3.35
C PHE D 211 -11.82 -11.86 3.07
N LEU D 212 -11.44 -11.05 4.05
CA LEU D 212 -10.34 -10.13 3.88
C LEU D 212 -9.05 -10.76 4.34
N SER D 213 -8.00 -10.49 3.57
CA SER D 213 -6.64 -10.95 3.84
C SER D 213 -5.66 -9.92 3.29
N VAL D 214 -4.37 -10.15 3.50
CA VAL D 214 -3.33 -9.26 3.01
C VAL D 214 -2.52 -9.91 1.90
N THR D 215 -2.26 -9.15 0.85
CA THR D 215 -1.54 -9.63 -0.33
C THR D 215 -0.03 -9.74 -0.04
N LYS D 216 0.68 -10.34 -0.98
CA LYS D 216 2.14 -10.43 -0.91
C LYS D 216 2.79 -9.03 -0.90
N ALA D 217 2.11 -8.02 -1.43
CA ALA D 217 2.61 -6.66 -1.40
C ALA D 217 2.29 -5.89 -0.12
N GLY D 218 1.60 -6.53 0.81
CA GLY D 218 1.28 -5.94 2.09
C GLY D 218 -0.01 -5.12 2.10
N HIS D 219 -0.86 -5.31 1.10
CA HIS D 219 -2.13 -4.62 1.05
C HIS D 219 -3.31 -5.48 1.34
N SER D 220 -4.31 -4.93 2.04
CA SER D 220 -5.51 -5.71 2.36
C SER D 220 -6.29 -5.91 1.07
N ALA D 221 -6.94 -7.05 0.96
CA ALA D 221 -7.69 -7.39 -0.23
C ALA D 221 -8.77 -8.42 0.07
N ILE D 222 -9.72 -8.53 -0.83
CA ILE D 222 -10.72 -9.55 -0.74
C ILE D 222 -10.17 -10.80 -1.36
N VAL D 223 -10.18 -11.91 -0.63
CA VAL D 223 -9.75 -13.18 -1.19
C VAL D 223 -10.90 -14.16 -1.30
N HIS D 224 -10.87 -14.99 -2.33
CA HIS D 224 -11.87 -16.02 -2.55
C HIS D 224 -11.11 -17.35 -2.55
N THR D 225 -11.30 -18.17 -1.54
CA THR D 225 -10.58 -19.44 -1.44
C THR D 225 -11.38 -20.58 -2.07
N GLY D 226 -10.68 -21.65 -2.41
CA GLY D 226 -11.30 -22.78 -3.10
C GLY D 226 -11.75 -23.90 -2.18
N GLY D 227 -11.46 -23.79 -0.89
CA GLY D 227 -11.70 -24.89 0.05
C GLY D 227 -10.49 -25.79 0.15
N ASN D 228 -10.28 -26.41 1.31
CA ASN D 228 -9.19 -27.33 1.57
C ASN D 228 -9.72 -28.77 1.72
N PRO D 229 -9.47 -29.63 0.72
CA PRO D 229 -10.03 -30.98 0.73
C PRO D 229 -9.25 -31.95 1.64
N ASP D 230 -8.16 -31.48 2.24
CA ASP D 230 -7.25 -32.33 2.98
C ASP D 230 -7.20 -32.12 4.50
N CYS D 231 -8.28 -31.58 5.07
CA CYS D 231 -8.42 -31.43 6.51
C CYS D 231 -8.79 -32.71 7.27
N HIS D 232 -8.38 -32.81 8.53
CA HIS D 232 -8.68 -33.94 9.37
C HIS D 232 -8.64 -33.46 10.81
N VAL D 233 -9.11 -34.29 11.74
CA VAL D 233 -9.11 -33.90 13.16
C VAL D 233 -7.90 -34.45 13.89
N ILE D 234 -7.61 -33.84 15.02
CA ILE D 234 -6.52 -34.25 15.89
C ILE D 234 -7.10 -34.38 17.30
N LEU D 235 -6.89 -35.55 17.90
CA LEU D 235 -7.28 -35.82 19.27
C LEU D 235 -6.13 -35.42 20.18
N ARG D 236 -6.35 -34.43 21.03
CA ARG D 236 -5.27 -33.89 21.88
C ARG D 236 -5.64 -33.81 23.34
N GLY D 237 -6.69 -34.50 23.74
CA GLY D 237 -7.15 -34.55 25.12
C GLY D 237 -8.04 -33.39 25.51
N GLY D 238 -8.76 -33.55 26.60
CA GLY D 238 -9.57 -32.50 27.17
C GLY D 238 -9.47 -32.56 28.65
N LYS D 239 -10.61 -32.56 29.33
CA LYS D 239 -10.63 -32.81 30.76
C LYS D 239 -10.04 -34.19 31.05
N GLU D 240 -10.30 -35.13 30.15
CA GLU D 240 -9.69 -36.43 30.20
C GLU D 240 -8.97 -36.66 28.88
N PRO D 241 -7.96 -37.53 28.88
CA PRO D 241 -7.36 -37.87 27.59
C PRO D 241 -8.33 -38.58 26.64
N ASN D 242 -8.08 -38.44 25.35
CA ASN D 242 -8.92 -39.08 24.33
C ASN D 242 -8.16 -39.92 23.29
N TYR D 243 -6.96 -40.37 23.65
CA TYR D 243 -6.15 -41.20 22.75
C TYR D 243 -6.60 -42.64 22.47
N ASP D 244 -7.35 -43.25 23.39
CA ASP D 244 -7.54 -44.73 23.41
C ASP D 244 -8.50 -45.21 22.32
N ALA D 245 -8.53 -46.53 22.14
CA ALA D 245 -9.32 -47.19 21.09
C ALA D 245 -10.78 -46.77 21.13
N GLU D 246 -11.35 -46.72 22.34
CA GLU D 246 -12.76 -46.34 22.54
C GLU D 246 -13.00 -44.94 21.99
N HIS D 247 -12.09 -44.02 22.32
CA HIS D 247 -12.21 -42.63 21.87
C HIS D 247 -12.02 -42.50 20.38
N VAL D 248 -11.06 -43.25 19.84
CA VAL D 248 -10.79 -43.26 18.41
C VAL D 248 -12.01 -43.78 17.67
N SER D 249 -12.58 -44.89 18.18
CA SER D 249 -13.76 -45.48 17.59
C SER D 249 -14.94 -44.52 17.62
N GLU D 250 -15.17 -43.87 18.74
CA GLU D 250 -16.27 -42.89 18.86
C GLU D 250 -16.05 -41.72 17.89
N ALA D 251 -14.80 -41.24 17.78
CA ALA D 251 -14.51 -40.10 16.88
C ALA D 251 -14.78 -40.49 15.42
N ALA D 252 -14.39 -41.72 15.07
CA ALA D 252 -14.56 -42.20 13.69
C ALA D 252 -16.04 -42.28 13.31
N GLU D 253 -16.89 -42.75 14.23
CA GLU D 253 -18.34 -42.78 14.02
C GLU D 253 -18.85 -41.36 13.72
N GLN D 254 -18.43 -40.40 14.53
CA GLN D 254 -18.88 -39.02 14.37
C GLN D 254 -18.40 -38.39 13.09
N LEU D 255 -17.17 -38.73 12.69
CA LEU D 255 -16.65 -38.27 11.43
C LEU D 255 -17.47 -38.80 10.25
N ARG D 256 -17.76 -40.10 10.24
CA ARG D 256 -18.56 -40.68 9.17
C ARG D 256 -19.95 -40.07 9.13
N ALA D 257 -20.56 -39.85 10.30
CA ALA D 257 -21.88 -39.20 10.38
C ALA D 257 -21.89 -37.83 9.72
N ALA D 258 -20.80 -37.09 9.84
CA ALA D 258 -20.71 -35.75 9.25
C ALA D 258 -20.27 -35.80 7.80
N GLY D 259 -19.95 -36.98 7.28
CA GLY D 259 -19.55 -37.10 5.88
C GLY D 259 -18.16 -36.62 5.57
N VAL D 260 -17.26 -36.69 6.55
CA VAL D 260 -15.86 -36.28 6.36
C VAL D 260 -14.94 -37.44 6.67
N THR D 261 -13.66 -37.29 6.35
CA THR D 261 -12.71 -38.37 6.52
C THR D 261 -12.66 -38.85 7.97
N ASP D 262 -12.73 -40.17 8.13
CA ASP D 262 -12.66 -40.81 9.43
C ASP D 262 -11.26 -41.28 9.76
N LYS D 263 -10.27 -40.76 9.06
CA LYS D 263 -8.89 -40.96 9.41
C LYS D 263 -8.42 -39.77 10.23
N LEU D 264 -7.84 -40.04 11.38
CA LEU D 264 -7.50 -38.99 12.31
C LEU D 264 -6.08 -39.10 12.87
N MET D 265 -5.67 -38.05 13.57
CA MET D 265 -4.36 -37.93 14.15
C MET D 265 -4.51 -37.84 15.67
N ILE D 266 -3.52 -38.36 16.39
CA ILE D 266 -3.53 -38.40 17.85
C ILE D 266 -2.31 -37.73 18.37
N ASP D 267 -2.51 -36.67 19.15
CA ASP D 267 -1.42 -35.94 19.78
C ASP D 267 -1.05 -36.68 21.06
N CYS D 268 0.20 -37.13 21.15
CA CYS D 268 0.76 -37.73 22.36
C CYS D 268 0.91 -36.75 23.51
N SER D 269 1.17 -35.49 23.16
CA SER D 269 1.45 -34.45 24.14
C SER D 269 0.18 -33.73 24.62
N HIS D 270 0.39 -32.60 25.28
CA HIS D 270 -0.68 -31.71 25.71
C HIS D 270 -1.69 -32.39 26.64
N ALA D 271 -2.99 -32.26 26.41
CA ALA D 271 -3.91 -32.84 27.38
C ALA D 271 -3.96 -34.36 27.33
N ASN D 272 -3.32 -34.99 26.36
CA ASN D 272 -3.25 -36.45 26.33
C ASN D 272 -2.15 -37.01 27.22
N SER D 273 -1.12 -36.23 27.45
CA SER D 273 -0.09 -36.55 28.46
C SER D 273 -0.34 -35.84 29.80
N ARG D 274 -1.41 -35.06 29.88
CA ARG D 274 -1.71 -34.25 31.07
C ARG D 274 -0.53 -33.31 31.35
N LYS D 275 0.05 -32.78 30.27
CA LYS D 275 1.18 -31.83 30.31
C LYS D 275 2.44 -32.43 30.96
N ASP D 276 2.56 -33.76 30.94
CA ASP D 276 3.70 -34.49 31.54
C ASP D 276 4.44 -35.18 30.41
N TYR D 277 5.59 -34.62 30.03
CA TYR D 277 6.31 -35.11 28.88
C TYR D 277 6.67 -36.58 29.03
N THR D 278 6.84 -37.05 30.28
CA THR D 278 7.18 -38.45 30.50
C THR D 278 6.02 -39.40 30.19
N ARG D 279 4.83 -38.86 29.92
CA ARG D 279 3.67 -39.66 29.57
C ARG D 279 3.44 -39.85 28.07
N GLN D 280 4.14 -39.09 27.24
CA GLN D 280 4.02 -39.24 25.80
C GLN D 280 4.32 -40.68 25.34
N MET D 281 5.35 -41.30 25.93
CA MET D 281 5.72 -42.66 25.55
C MET D 281 4.55 -43.64 25.84
N GLU D 282 3.88 -43.47 26.97
CA GLU D 282 2.72 -44.30 27.32
C GLU D 282 1.61 -44.19 26.28
N VAL D 283 1.33 -42.96 25.86
CA VAL D 283 0.35 -42.71 24.83
C VAL D 283 0.76 -43.40 23.52
N ALA D 284 2.04 -43.26 23.14
CA ALA D 284 2.56 -43.88 21.94
C ALA D 284 2.46 -45.39 22.00
N GLN D 285 2.70 -45.95 23.17
CA GLN D 285 2.57 -47.41 23.35
C GLN D 285 1.13 -47.87 23.18
N ASP D 286 0.20 -47.09 23.68
CA ASP D 286 -1.21 -47.39 23.51
C ASP D 286 -1.57 -47.35 22.02
N ILE D 287 -1.08 -46.34 21.33
CA ILE D 287 -1.29 -46.23 19.90
C ILE D 287 -0.65 -47.39 19.14
N ALA D 288 0.56 -47.77 19.52
CA ALA D 288 1.22 -48.92 18.90
C ALA D 288 0.38 -50.18 19.06
N ALA D 289 -0.20 -50.36 20.24
CA ALA D 289 -1.04 -51.53 20.49
C ALA D 289 -2.29 -51.47 19.59
N GLN D 290 -2.88 -50.29 19.43
CA GLN D 290 -4.02 -50.12 18.51
C GLN D 290 -3.65 -50.49 17.09
N LEU D 291 -2.49 -50.04 16.64
CA LEU D 291 -2.03 -50.34 15.29
C LEU D 291 -1.83 -51.81 15.06
N GLU D 292 -1.33 -52.48 16.08
CA GLU D 292 -1.10 -53.93 16.03
C GLU D 292 -2.39 -54.73 16.04
N GLN D 293 -3.38 -54.30 16.81
CA GLN D 293 -4.67 -54.98 16.86
C GLN D 293 -5.51 -54.67 15.61
N ASP D 294 -5.65 -53.38 15.31
CA ASP D 294 -6.36 -52.92 14.12
C ASP D 294 -5.93 -51.51 13.73
N GLY D 295 -6.48 -50.52 14.42
CA GLY D 295 -6.08 -49.13 14.27
C GLY D 295 -6.30 -48.56 12.87
N GLY D 296 -7.31 -49.04 12.18
CA GLY D 296 -7.61 -48.56 10.82
C GLY D 296 -7.90 -47.07 10.65
N ASN D 297 -8.36 -46.40 11.71
CA ASN D 297 -8.73 -44.98 11.62
C ASN D 297 -7.62 -44.02 11.98
N ILE D 298 -6.45 -44.55 12.35
CA ILE D 298 -5.33 -43.70 12.70
C ILE D 298 -4.47 -43.45 11.47
N MET D 299 -4.27 -42.18 11.12
CA MET D 299 -3.34 -41.81 10.05
C MET D 299 -2.12 -41.05 10.53
N GLY D 300 -2.09 -40.67 11.81
CA GLY D 300 -0.97 -39.89 12.30
C GLY D 300 -0.88 -39.71 13.79
N VAL D 301 0.30 -39.28 14.23
CA VAL D 301 0.55 -38.89 15.62
C VAL D 301 1.38 -37.60 15.71
N MET D 302 1.27 -36.90 16.85
CA MET D 302 2.11 -35.75 17.16
C MET D 302 2.87 -36.01 18.44
N VAL D 303 4.11 -35.57 18.48
CA VAL D 303 5.02 -35.79 19.60
C VAL D 303 5.87 -34.52 19.81
N GLU D 304 5.99 -34.07 21.05
CA GLU D 304 6.79 -32.94 21.43
C GLU D 304 8.11 -33.47 21.91
N SER D 305 9.11 -33.16 21.10
CA SER D 305 10.44 -33.76 21.19
C SER D 305 11.48 -32.69 20.93
N HIS D 306 12.63 -32.77 21.63
CA HIS D 306 13.74 -31.83 21.41
C HIS D 306 15.05 -32.60 21.67
N LEU D 307 16.17 -31.90 21.56
CA LEU D 307 17.48 -32.52 21.76
C LEU D 307 17.57 -33.01 23.19
N VAL D 308 17.07 -32.17 24.10
CA VAL D 308 17.17 -32.37 25.52
C VAL D 308 15.78 -32.27 26.13
N GLU D 309 15.49 -33.17 27.08
CA GLU D 309 14.15 -33.27 27.64
C GLU D 309 13.83 -32.13 28.62
N GLY D 310 12.54 -31.94 28.87
CA GLY D 310 12.08 -31.02 29.90
C GLY D 310 11.75 -29.65 29.34
N ARG D 311 11.82 -28.65 30.20
CA ARG D 311 11.62 -27.27 29.78
C ARG D 311 12.34 -26.36 30.73
N GLN D 312 12.45 -25.10 30.36
CA GLN D 312 13.12 -24.07 31.17
C GLN D 312 12.47 -22.72 30.88
N ASP D 313 12.48 -21.83 31.87
CA ASP D 313 11.88 -20.54 31.71
C ASP D 313 12.75 -19.63 30.89
N LYS D 314 14.06 -19.69 31.07
CA LYS D 314 15.00 -18.87 30.34
C LYS D 314 15.78 -19.78 29.38
N PRO D 315 16.20 -19.26 28.22
CA PRO D 315 16.90 -20.11 27.24
C PRO D 315 18.37 -20.32 27.60
N GLU D 316 18.62 -20.96 28.74
CA GLU D 316 19.96 -21.17 29.26
C GLU D 316 20.61 -22.44 28.68
N VAL D 317 19.87 -23.54 28.65
CA VAL D 317 20.37 -24.80 28.16
C VAL D 317 20.02 -24.96 26.69
N TYR D 318 21.04 -25.32 25.89
CA TYR D 318 20.92 -25.54 24.45
C TYR D 318 20.01 -26.72 24.17
N GLY D 319 19.11 -26.56 23.21
CA GLY D 319 18.21 -27.62 22.74
C GLY D 319 17.13 -28.08 23.72
N LYS D 320 16.73 -27.20 24.61
CA LYS D 320 15.73 -27.49 25.63
C LYS D 320 14.62 -26.45 25.54
N SER D 321 13.39 -26.94 25.49
CA SER D 321 12.21 -26.11 25.27
C SER D 321 12.04 -24.99 26.30
N ILE D 322 11.58 -23.83 25.84
CA ILE D 322 11.16 -22.77 26.73
C ILE D 322 9.64 -22.62 26.81
N THR D 323 8.93 -23.53 26.15
CA THR D 323 7.47 -23.60 26.24
C THR D 323 7.06 -24.94 26.85
N ASP D 324 6.27 -25.75 26.17
CA ASP D 324 5.86 -27.03 26.79
C ASP D 324 7.06 -27.99 26.87
N ALA D 325 7.10 -28.80 27.91
CA ALA D 325 8.19 -29.77 28.08
C ALA D 325 8.15 -30.84 26.99
N CYS D 326 9.32 -31.27 26.55
CA CYS D 326 9.45 -32.24 25.48
C CYS D 326 10.25 -33.44 25.96
N ILE D 327 10.06 -34.56 25.28
CA ILE D 327 10.96 -35.70 25.46
C ILE D 327 12.28 -35.35 24.80
N GLY D 328 13.34 -36.05 25.24
CA GLY D 328 14.69 -35.83 24.70
C GLY D 328 15.01 -36.75 23.55
N TRP D 329 16.25 -36.67 23.06
CA TRP D 329 16.59 -37.36 21.82
C TRP D 329 16.54 -38.88 21.98
N GLY D 330 17.08 -39.39 23.07
CA GLY D 330 17.04 -40.83 23.32
C GLY D 330 15.65 -41.43 23.34
N ALA D 331 14.73 -40.78 24.06
CA ALA D 331 13.34 -41.21 24.11
C ALA D 331 12.66 -41.13 22.73
N THR D 332 13.10 -40.16 21.95
CA THR D 332 12.62 -39.98 20.61
C THR D 332 12.95 -41.19 19.73
N GLU D 333 14.19 -41.67 19.83
CA GLU D 333 14.59 -42.86 19.08
C GLU D 333 13.73 -44.06 19.45
N GLU D 334 13.48 -44.26 20.75
CA GLU D 334 12.67 -45.43 21.19
C GLU D 334 11.25 -45.27 20.70
N LEU D 335 10.71 -44.06 20.78
CA LEU D 335 9.33 -43.82 20.39
C LEU D 335 9.15 -44.08 18.91
N LEU D 336 10.07 -43.59 18.09
CA LEU D 336 9.94 -43.79 16.65
C LEU D 336 10.14 -45.26 16.25
N ALA D 337 11.08 -45.95 16.89
CA ALA D 337 11.26 -47.37 16.61
C ALA D 337 10.01 -48.17 16.98
N LEU D 338 9.40 -47.81 18.11
CA LEU D 338 8.15 -48.44 18.56
C LEU D 338 7.03 -48.27 17.53
N LEU D 339 6.82 -47.04 17.07
CA LEU D 339 5.76 -46.78 16.11
C LEU D 339 6.04 -47.41 14.74
N ALA D 340 7.29 -47.40 14.29
CA ALA D 340 7.63 -48.03 13.02
C ALA D 340 7.37 -49.53 13.04
N GLY D 341 7.77 -50.19 14.12
CA GLY D 341 7.58 -51.64 14.24
C GLY D 341 6.11 -52.00 14.24
N ALA D 342 5.32 -51.23 14.97
CA ALA D 342 3.88 -51.46 15.07
C ALA D 342 3.17 -51.22 13.73
N ASN D 343 3.51 -50.13 13.05
CA ASN D 343 2.87 -49.84 11.78
C ASN D 343 3.32 -50.77 10.65
N LYS D 344 4.54 -51.29 10.74
CA LYS D 344 4.97 -52.25 9.75
C LYS D 344 3.99 -53.42 9.72
N LYS D 345 3.55 -53.85 10.91
CA LYS D 345 2.60 -54.95 11.03
C LYS D 345 1.23 -54.58 10.52
N ARG D 346 0.75 -53.40 10.87
CA ARG D 346 -0.53 -52.94 10.34
C ARG D 346 -0.51 -52.98 8.79
N MET D 347 0.56 -52.46 8.20
CA MET D 347 0.66 -52.31 6.73
C MET D 347 0.71 -53.67 6.04
N ALA D 348 1.32 -54.66 6.68
CA ALA D 348 1.38 -56.02 6.12
C ALA D 348 0.03 -56.74 6.14
N ARG D 349 -0.85 -56.37 7.04
CA ARG D 349 -2.08 -57.11 7.27
C ARG D 349 -2.99 -57.01 6.05
MN MN E . -2.67 29.39 -20.78
CAI GZ3 F . -1.33 26.77 -20.94
OAB GZ3 F . -2.09 26.26 -21.79
OAD GZ3 F . -1.78 27.39 -19.99
CAH GZ3 F . 0.18 26.65 -21.04
CAA GZ3 F . 1.04 27.05 -19.84
CAG GZ3 F . 0.70 26.39 -22.39
PAJ GZ3 F . 2.45 26.18 -22.76
OAE GZ3 F . 2.55 26.29 -24.33
OAF GZ3 F . 3.20 27.43 -22.23
OAC GZ3 F . 3.01 24.88 -22.23
MN MN G . 26.96 13.10 -20.07
CAI GZ3 H . 24.88 14.30 -18.24
OAB GZ3 H . 25.67 14.69 -17.40
OAD GZ3 H . 24.98 13.15 -18.66
CAH GZ3 H . 23.79 15.19 -18.78
CAA GZ3 H . 22.68 14.52 -19.52
CAG GZ3 H . 23.99 16.65 -18.70
PAJ GZ3 H . 22.85 17.77 -19.40
OAE GZ3 H . 21.53 17.67 -18.48
OAF GZ3 H . 23.57 19.16 -19.21
OAC GZ3 H . 22.60 17.58 -20.86
MN MN I . -27.69 -14.62 18.01
CAI GZ3 J . -24.92 -13.94 18.54
OAB GZ3 J . -25.22 -12.97 19.24
OAD GZ3 J . -25.44 -14.15 17.47
CAH GZ3 J . -23.89 -14.94 18.99
CAA GZ3 J . -23.36 -15.91 17.96
CAG GZ3 J . -23.69 -15.13 20.43
PAJ GZ3 J . -22.46 -16.40 20.99
OAE GZ3 J . -22.71 -16.34 22.46
OAF GZ3 J . -22.85 -17.81 20.45
OAC GZ3 J . -20.97 -16.04 20.74
MN MN K . 3.13 -27.59 23.00
CAI GZ3 L . 1.23 -26.80 20.97
OAB GZ3 L . 1.53 -27.64 20.12
OAD GZ3 L . 2.05 -26.15 21.54
CAH GZ3 L . -0.20 -26.53 21.32
CAA GZ3 L . -0.49 -25.32 22.17
CAG GZ3 L . -1.19 -27.55 20.95
PAJ GZ3 L . -2.93 -27.29 21.50
OAE GZ3 L . -3.63 -26.37 20.35
OAF GZ3 L . -3.55 -28.75 21.20
OAC GZ3 L . -3.11 -26.77 22.85
#